data_7LNJ
#
_entry.id   7LNJ
#
_cell.length_a   82.253
_cell.length_b   161.361
_cell.length_c   230.633
_cell.angle_alpha   90.000
_cell.angle_beta   90.000
_cell.angle_gamma   90.000
#
_symmetry.space_group_name_H-M   'P 21 21 21'
#
loop_
_entity.id
_entity.type
_entity.pdbx_description
1 polymer 'Site-specific DNA-methyltransferase (adenine-specific)'
2 polymer 'DNA Strand 2'
3 polymer 'DNA Strand 1'
4 water water
#
loop_
_entity_poly.entity_id
_entity_poly.type
_entity_poly.pdbx_seq_one_letter_code
_entity_poly.pdbx_strand_id
1 'polypeptide(L)'
;HMDDISQDNFLLSKEYENSLDVDTKKASGIYYTPKIIVDYIVKKTLKNHDIIKNPYPRILDISCGCGNFLLEVYDILYDL
FEENIYELKKKYDENYWTVDNIHRHILNYCIYGADIDEKAISILKDSLTNKKVVNDLDESDIKINLFCCDSLKKKWRYKF
DYIVGNPPYIGHKKLEKKYKKFLLEKYSEVYKDKADLYFCFYKKIIDILKQGGIGSVITPRYFLESLSGKDLREYIKSNV
NVQEIVDFLGANIFKNIGVSSCILTFDKKKTKETYIDVFKIKNEDICINKFETLEELLKSSKFEHFNINQRLLSDEWILV
NKDDETFYNKIQEKCKYSLEDIAISFQGIITGCDKAFILSKDDVKLNLVDDKFLKCWIKSKNINKYIVDKSEYRLIYSND
IDNENTNKRILDEIIGLYKTKLENRRECKSGIRKWYELQWGREKLFFERKKIMYPYKSNENRFAIDYDNNFSSADVYSFF
IKEEYLDKFSYEYLVGILNSSVYDKYFKITAKKMSKNIYDYYPNKVMKIRIFRDNNYEEIENLSKQIISILLNKSIDKGK
VEKLQIKMDNLIMDSLGI
;
A,B,C
2 'polydeoxyribonucleotide' (DA)(DT)(DG)(DG)(DG)(DA)(DC)(DT)(DT)(DT)(DT)(DT)(DG)(DA) E,G,I
3 'polydeoxyribonucleotide' (DT)(DT)(DC)(DA)(DA)(DA)(DA)(DA)(DG)(DT)(DC)(DC)(DC)(DA) D,F,H
#
loop_
_chem_comp.id
_chem_comp.type
_chem_comp.name
_chem_comp.formula
DA DNA linking 2'-DEOXYADENOSINE-5'-MONOPHOSPHATE 'C10 H14 N5 O6 P'
DC DNA linking 2'-DEOXYCYTIDINE-5'-MONOPHOSPHATE 'C9 H14 N3 O7 P'
DG DNA linking 2'-DEOXYGUANOSINE-5'-MONOPHOSPHATE 'C10 H14 N5 O7 P'
DT DNA linking THYMIDINE-5'-MONOPHOSPHATE 'C10 H15 N2 O8 P'
#
# COMPACT_ATOMS: atom_id res chain seq x y z
N ALA A 27 -41.61 -3.61 -23.42
CA ALA A 27 -41.49 -3.52 -21.97
C ALA A 27 -42.74 -4.08 -21.29
N SER A 28 -43.69 -4.55 -22.10
CA SER A 28 -44.90 -5.14 -21.54
C SER A 28 -44.60 -6.39 -20.73
N GLY A 29 -43.71 -7.24 -21.23
CA GLY A 29 -43.31 -8.44 -20.54
C GLY A 29 -44.17 -9.66 -20.84
N ILE A 30 -45.26 -9.50 -21.57
CA ILE A 30 -46.17 -10.59 -21.90
C ILE A 30 -46.08 -10.84 -23.40
N TYR A 31 -45.78 -12.08 -23.78
CA TYR A 31 -45.71 -12.49 -25.18
C TYR A 31 -46.65 -13.66 -25.40
N TYR A 32 -47.45 -13.57 -26.46
CA TYR A 32 -48.41 -14.63 -26.77
C TYR A 32 -47.68 -15.81 -27.43
N THR A 33 -47.67 -16.94 -26.75
CA THR A 33 -47.16 -18.17 -27.35
C THR A 33 -48.25 -18.77 -28.25
N PRO A 34 -47.94 -19.14 -29.48
CA PRO A 34 -48.97 -19.68 -30.37
C PRO A 34 -49.63 -20.92 -29.79
N LYS A 35 -50.94 -21.04 -30.04
CA LYS A 35 -51.71 -22.12 -29.44
C LYS A 35 -51.19 -23.49 -29.83
N ILE A 36 -50.61 -23.61 -31.03
CA ILE A 36 -50.04 -24.89 -31.46
C ILE A 36 -48.89 -25.29 -30.55
N ILE A 37 -48.00 -24.34 -30.25
CA ILE A 37 -46.86 -24.62 -29.38
C ILE A 37 -47.32 -24.98 -27.98
N VAL A 38 -48.29 -24.24 -27.45
CA VAL A 38 -48.79 -24.51 -26.11
C VAL A 38 -49.41 -25.90 -26.03
N ASP A 39 -50.24 -26.23 -27.02
CA ASP A 39 -50.85 -27.56 -27.06
C ASP A 39 -49.79 -28.64 -27.14
N TYR A 40 -48.77 -28.45 -27.99
CA TYR A 40 -47.72 -29.45 -28.13
C TYR A 40 -46.97 -29.64 -26.83
N ILE A 41 -46.64 -28.54 -26.13
CA ILE A 41 -45.85 -28.64 -24.91
C ILE A 41 -46.66 -29.32 -23.80
N VAL A 42 -47.92 -28.91 -23.63
CA VAL A 42 -48.76 -29.52 -22.61
C VAL A 42 -48.97 -31.00 -22.90
N LYS A 43 -49.23 -31.34 -24.16
CA LYS A 43 -49.40 -32.75 -24.54
C LYS A 43 -48.12 -33.54 -24.32
N LYS A 44 -46.97 -32.93 -24.63
CA LYS A 44 -45.69 -33.60 -24.41
C LYS A 44 -45.47 -33.92 -22.94
N THR A 45 -45.86 -32.99 -22.05
CA THR A 45 -45.67 -33.21 -20.63
C THR A 45 -46.70 -34.18 -20.04
N LEU A 46 -47.94 -34.16 -20.54
CA LEU A 46 -49.02 -34.92 -19.89
C LEU A 46 -49.59 -36.02 -20.77
N LYS A 47 -48.87 -36.48 -21.79
CA LYS A 47 -49.40 -37.51 -22.67
C LYS A 47 -49.58 -38.83 -21.93
N ASN A 48 -48.57 -39.25 -21.16
CA ASN A 48 -48.51 -40.56 -20.56
C ASN A 48 -48.50 -40.48 -19.03
N HIS A 49 -49.31 -39.59 -18.47
CA HIS A 49 -49.40 -39.47 -17.03
C HIS A 49 -50.40 -40.48 -16.48
N ASP A 50 -49.98 -41.25 -15.49
CA ASP A 50 -50.85 -42.24 -14.86
C ASP A 50 -51.61 -41.56 -13.73
N ILE A 51 -52.83 -41.10 -14.04
CA ILE A 51 -53.62 -40.39 -13.04
C ILE A 51 -54.13 -41.34 -11.96
N ILE A 52 -54.22 -42.64 -12.25
CA ILE A 52 -54.64 -43.60 -11.24
C ILE A 52 -53.56 -43.75 -10.17
N LYS A 53 -52.30 -43.88 -10.60
CA LYS A 53 -51.20 -44.06 -9.65
C LYS A 53 -50.96 -42.78 -8.86
N ASN A 54 -50.96 -41.63 -9.52
CA ASN A 54 -50.72 -40.33 -8.88
C ASN A 54 -51.81 -39.36 -9.30
N PRO A 55 -52.89 -39.27 -8.52
CA PRO A 55 -53.94 -38.27 -8.80
C PRO A 55 -53.64 -36.89 -8.25
N TYR A 56 -52.40 -36.62 -7.82
CA TYR A 56 -52.01 -35.31 -7.31
C TYR A 56 -50.75 -34.82 -8.03
N PRO A 57 -50.85 -34.54 -9.33
CA PRO A 57 -49.69 -33.98 -10.04
C PRO A 57 -49.64 -32.47 -9.92
N ARG A 58 -48.43 -31.94 -9.75
CA ARG A 58 -48.21 -30.51 -9.60
C ARG A 58 -47.57 -29.99 -10.89
N ILE A 59 -48.33 -29.20 -11.64
CA ILE A 59 -47.88 -28.61 -12.90
C ILE A 59 -47.69 -27.12 -12.68
N LEU A 60 -46.50 -26.62 -12.99
CA LEU A 60 -46.11 -25.26 -12.67
C LEU A 60 -45.72 -24.49 -13.93
N ASP A 61 -46.08 -23.21 -13.96
CA ASP A 61 -45.62 -22.27 -14.98
C ASP A 61 -45.05 -21.05 -14.27
N ILE A 62 -43.72 -20.90 -14.29
CA ILE A 62 -43.08 -19.83 -13.54
C ILE A 62 -43.11 -18.49 -14.25
N SER A 63 -43.42 -18.47 -15.55
CA SER A 63 -43.73 -17.24 -16.27
C SER A 63 -45.01 -17.51 -17.06
N CYS A 64 -46.15 -17.33 -16.38
CA CYS A 64 -47.44 -17.70 -16.96
C CYS A 64 -48.13 -16.53 -17.66
N GLY A 65 -47.87 -15.30 -17.23
CA GLY A 65 -48.54 -14.17 -17.85
C GLY A 65 -50.04 -14.28 -17.69
N CYS A 66 -50.74 -14.27 -18.82
CA CYS A 66 -52.18 -14.49 -18.83
C CYS A 66 -52.56 -15.96 -18.84
N GLY A 67 -51.63 -16.84 -18.46
CA GLY A 67 -51.92 -18.26 -18.35
C GLY A 67 -52.24 -18.97 -19.64
N ASN A 68 -51.44 -18.73 -20.69
CA ASN A 68 -51.65 -19.46 -21.95
C ASN A 68 -51.50 -20.96 -21.74
N PHE A 69 -50.47 -21.37 -21.00
CA PHE A 69 -50.24 -22.80 -20.78
C PHE A 69 -51.20 -23.37 -19.74
N LEU A 70 -51.51 -22.60 -18.70
CA LEU A 70 -52.23 -23.14 -17.55
C LEU A 70 -53.69 -23.48 -17.89
N LEU A 71 -54.33 -22.70 -18.76
CA LEU A 71 -55.70 -23.03 -19.15
C LEU A 71 -55.77 -24.36 -19.91
N GLU A 72 -54.82 -24.58 -20.83
CA GLU A 72 -54.76 -25.85 -21.52
C GLU A 72 -54.43 -26.99 -20.57
N VAL A 73 -53.55 -26.73 -19.59
CA VAL A 73 -53.27 -27.73 -18.56
C VAL A 73 -54.55 -28.08 -17.81
N TYR A 74 -55.35 -27.07 -17.47
CA TYR A 74 -56.61 -27.30 -16.78
C TYR A 74 -57.54 -28.17 -17.62
N ASP A 75 -57.65 -27.88 -18.92
CA ASP A 75 -58.53 -28.66 -19.78
C ASP A 75 -58.08 -30.11 -19.87
N ILE A 76 -56.77 -30.33 -20.05
CA ILE A 76 -56.24 -31.69 -20.15
C ILE A 76 -56.48 -32.45 -18.84
N LEU A 77 -56.22 -31.81 -17.70
CA LEU A 77 -56.44 -32.46 -16.42
C LEU A 77 -57.91 -32.77 -16.20
N TYR A 78 -58.80 -31.86 -16.61
CA TYR A 78 -60.22 -32.12 -16.48
C TYR A 78 -60.64 -33.32 -17.30
N ASP A 79 -60.13 -33.43 -18.53
CA ASP A 79 -60.44 -34.61 -19.35
C ASP A 79 -59.92 -35.90 -18.69
N LEU A 80 -58.68 -35.87 -18.18
CA LEU A 80 -58.15 -37.07 -17.52
C LEU A 80 -59.01 -37.49 -16.34
N PHE A 81 -59.30 -36.54 -15.45
CA PHE A 81 -60.06 -36.86 -14.25
C PHE A 81 -61.47 -37.31 -14.60
N GLU A 82 -62.10 -36.66 -15.59
CA GLU A 82 -63.44 -37.06 -15.96
C GLU A 82 -63.46 -38.46 -16.56
N GLU A 83 -62.44 -38.82 -17.33
CA GLU A 83 -62.44 -40.15 -17.93
C GLU A 83 -61.95 -41.25 -16.99
N ASN A 84 -61.35 -40.92 -15.84
CA ASN A 84 -60.98 -41.95 -14.88
C ASN A 84 -61.62 -41.74 -13.52
N ILE A 85 -62.72 -40.96 -13.47
CA ILE A 85 -63.36 -40.62 -12.20
C ILE A 85 -63.84 -41.86 -11.47
N TYR A 86 -64.41 -42.84 -12.18
CA TYR A 86 -64.97 -44.00 -11.49
C TYR A 86 -63.87 -44.92 -10.97
N GLU A 87 -62.77 -45.06 -11.72
CA GLU A 87 -61.63 -45.82 -11.23
C GLU A 87 -61.04 -45.16 -9.98
N LEU A 88 -60.92 -43.83 -10.00
CA LEU A 88 -60.46 -43.12 -8.81
C LEU A 88 -61.42 -43.31 -7.65
N LYS A 89 -62.72 -43.28 -7.93
CA LYS A 89 -63.74 -43.46 -6.89
C LYS A 89 -63.62 -44.83 -6.23
N LYS A 90 -63.41 -45.87 -7.03
CA LYS A 90 -63.24 -47.21 -6.47
C LYS A 90 -61.92 -47.31 -5.70
N LYS A 91 -60.84 -46.76 -6.24
CA LYS A 91 -59.53 -46.92 -5.62
C LYS A 91 -59.37 -46.03 -4.39
N TYR A 92 -60.01 -44.87 -4.36
CA TYR A 92 -59.81 -43.90 -3.29
C TYR A 92 -61.14 -43.52 -2.65
N ASP A 93 -61.14 -42.46 -1.83
CA ASP A 93 -62.33 -41.98 -1.18
C ASP A 93 -63.47 -41.79 -2.18
N GLU A 94 -64.54 -42.56 -1.99
CA GLU A 94 -65.67 -42.52 -2.91
C GLU A 94 -66.36 -41.16 -2.89
N ASN A 95 -66.49 -40.56 -1.70
CA ASN A 95 -67.20 -39.29 -1.60
C ASN A 95 -66.38 -38.12 -2.12
N TYR A 96 -65.06 -38.26 -2.21
CA TYR A 96 -64.19 -37.17 -2.65
C TYR A 96 -64.08 -37.08 -4.17
N TRP A 97 -64.03 -38.23 -4.86
CA TRP A 97 -63.84 -38.24 -6.31
C TRP A 97 -65.20 -38.22 -7.00
N THR A 98 -65.64 -37.02 -7.36
CA THR A 98 -66.88 -36.83 -8.09
C THR A 98 -66.61 -35.84 -9.22
N VAL A 99 -67.44 -35.92 -10.27
CA VAL A 99 -67.30 -35.00 -11.40
C VAL A 99 -67.49 -33.56 -10.95
N ASP A 100 -68.42 -33.34 -10.01
CA ASP A 100 -68.64 -31.99 -9.50
C ASP A 100 -67.46 -31.48 -8.68
N ASN A 101 -66.59 -32.36 -8.20
CA ASN A 101 -65.46 -31.98 -7.36
C ASN A 101 -64.14 -31.91 -8.13
N ILE A 102 -64.16 -32.18 -9.44
CA ILE A 102 -62.93 -32.16 -10.23
C ILE A 102 -62.33 -30.76 -10.28
N HIS A 103 -63.19 -29.75 -10.50
CA HIS A 103 -62.71 -28.38 -10.65
C HIS A 103 -61.99 -27.90 -9.39
N ARG A 104 -62.59 -28.13 -8.23
CA ARG A 104 -61.97 -27.72 -6.97
C ARG A 104 -60.66 -28.44 -6.73
N HIS A 105 -60.63 -29.75 -7.01
CA HIS A 105 -59.40 -30.52 -6.82
C HIS A 105 -58.28 -30.01 -7.71
N ILE A 106 -58.59 -29.74 -8.99
CA ILE A 106 -57.58 -29.23 -9.92
C ILE A 106 -57.06 -27.87 -9.45
N LEU A 107 -57.97 -26.98 -9.06
CA LEU A 107 -57.53 -25.66 -8.62
C LEU A 107 -56.79 -25.71 -7.29
N ASN A 108 -57.01 -26.74 -6.48
CA ASN A 108 -56.37 -26.81 -5.18
C ASN A 108 -54.99 -27.46 -5.22
N TYR A 109 -54.84 -28.57 -5.94
CA TYR A 109 -53.64 -29.40 -5.81
C TYR A 109 -52.81 -29.54 -7.07
N CYS A 110 -53.22 -28.98 -8.20
CA CYS A 110 -52.58 -29.33 -9.45
C CYS A 110 -51.93 -28.17 -10.19
N ILE A 111 -52.58 -27.00 -10.25
CA ILE A 111 -52.12 -25.89 -11.07
C ILE A 111 -51.36 -24.91 -10.21
N TYR A 112 -50.15 -24.55 -10.64
CA TYR A 112 -49.32 -23.56 -9.97
C TYR A 112 -48.77 -22.59 -11.01
N GLY A 113 -48.89 -21.31 -10.74
CA GLY A 113 -48.39 -20.29 -11.65
C GLY A 113 -47.71 -19.18 -10.89
N ALA A 114 -46.74 -18.56 -11.55
CA ALA A 114 -46.00 -17.44 -10.96
C ALA A 114 -45.69 -16.42 -12.04
N ASP A 115 -45.72 -15.15 -11.66
CA ASP A 115 -45.33 -14.08 -12.57
C ASP A 115 -45.10 -12.81 -11.77
N ILE A 116 -44.70 -11.75 -12.46
CA ILE A 116 -44.40 -10.47 -11.83
C ILE A 116 -45.57 -9.50 -12.04
N ASP A 117 -46.31 -9.70 -13.12
CA ASP A 117 -47.39 -8.79 -13.48
C ASP A 117 -48.63 -9.09 -12.62
N GLU A 118 -49.02 -8.14 -11.79
CA GLU A 118 -50.23 -8.30 -10.98
C GLU A 118 -51.46 -8.45 -11.84
N LYS A 119 -51.57 -7.62 -12.90
CA LYS A 119 -52.76 -7.62 -13.74
C LYS A 119 -52.93 -8.94 -14.46
N ALA A 120 -51.83 -9.50 -14.99
CA ALA A 120 -51.90 -10.79 -15.67
C ALA A 120 -52.31 -11.89 -14.70
N ILE A 121 -51.79 -11.85 -13.48
CA ILE A 121 -52.18 -12.84 -12.46
C ILE A 121 -53.66 -12.72 -12.16
N SER A 122 -54.17 -11.49 -12.07
CA SER A 122 -55.60 -11.30 -11.83
C SER A 122 -56.44 -11.85 -12.98
N ILE A 123 -56.00 -11.62 -14.22
CA ILE A 123 -56.72 -12.13 -15.38
C ILE A 123 -56.75 -13.66 -15.37
N LEU A 124 -55.60 -14.27 -15.08
CA LEU A 124 -55.53 -15.73 -15.03
C LEU A 124 -56.40 -16.28 -13.90
N LYS A 125 -56.42 -15.61 -12.75
CA LYS A 125 -57.27 -16.03 -11.65
C LYS A 125 -58.73 -15.96 -12.04
N ASP A 126 -59.14 -14.89 -12.73
CA ASP A 126 -60.52 -14.78 -13.19
C ASP A 126 -60.86 -15.90 -14.17
N SER A 127 -59.95 -16.21 -15.09
CA SER A 127 -60.22 -17.27 -16.06
C SER A 127 -60.36 -18.63 -15.36
N LEU A 128 -59.45 -18.93 -14.44
CA LEU A 128 -59.51 -20.20 -13.73
C LEU A 128 -60.78 -20.30 -12.88
N THR A 129 -61.19 -19.19 -12.27
CA THR A 129 -62.44 -19.20 -11.52
C THR A 129 -63.63 -19.42 -12.43
N ASN A 130 -63.63 -18.78 -13.61
CA ASN A 130 -64.75 -18.90 -14.54
C ASN A 130 -64.71 -20.19 -15.36
N LYS A 131 -63.70 -21.03 -15.15
CA LYS A 131 -63.70 -22.34 -15.80
C LYS A 131 -64.89 -23.20 -15.41
N LYS A 132 -65.54 -22.90 -14.29
CA LYS A 132 -66.71 -23.66 -13.85
C LYS A 132 -67.89 -22.73 -13.55
N ILE A 142 -62.14 -21.41 -2.83
CA ILE A 142 -61.11 -22.19 -3.49
C ILE A 142 -59.79 -21.43 -3.52
N LYS A 143 -58.71 -22.08 -3.06
CA LYS A 143 -57.40 -21.46 -3.00
C LYS A 143 -56.66 -21.73 -4.30
N ILE A 144 -56.51 -20.70 -5.12
CA ILE A 144 -55.79 -20.80 -6.39
C ILE A 144 -54.31 -20.49 -6.14
N ASN A 145 -53.43 -21.38 -6.59
CA ASN A 145 -52.00 -21.27 -6.32
C ASN A 145 -51.33 -20.42 -7.40
N LEU A 146 -51.60 -19.11 -7.34
CA LEU A 146 -50.97 -18.14 -8.22
C LEU A 146 -50.13 -17.18 -7.37
N PHE A 147 -48.89 -16.97 -7.79
CA PHE A 147 -47.94 -16.16 -7.06
C PHE A 147 -47.49 -14.98 -7.92
N CYS A 148 -47.50 -13.79 -7.32
CA CYS A 148 -46.99 -12.58 -7.97
C CYS A 148 -45.66 -12.25 -7.32
N CYS A 149 -44.57 -12.67 -7.96
CA CYS A 149 -43.23 -12.49 -7.40
C CYS A 149 -42.22 -12.77 -8.51
N ASP A 150 -40.95 -12.59 -8.17
CA ASP A 150 -39.85 -12.97 -9.04
C ASP A 150 -39.54 -14.44 -8.81
N SER A 151 -39.73 -15.27 -9.84
CA SER A 151 -39.53 -16.71 -9.69
C SER A 151 -38.08 -17.04 -9.35
N LEU A 152 -37.13 -16.19 -9.75
CA LEU A 152 -35.72 -16.46 -9.46
C LEU A 152 -35.34 -16.12 -8.01
N LYS A 153 -36.17 -15.35 -7.31
CA LYS A 153 -35.91 -15.04 -5.91
C LYS A 153 -36.82 -15.79 -4.94
N LYS A 154 -37.94 -16.33 -5.42
CA LYS A 154 -38.91 -16.95 -4.52
C LYS A 154 -38.33 -18.20 -3.87
N LYS A 155 -38.56 -18.34 -2.58
CA LYS A 155 -38.20 -19.55 -1.84
C LYS A 155 -39.28 -20.59 -2.09
N TRP A 156 -39.03 -21.51 -3.01
CA TRP A 156 -40.02 -22.52 -3.38
C TRP A 156 -40.13 -23.56 -2.27
N ARG A 157 -41.37 -23.84 -1.85
CA ARG A 157 -41.63 -24.71 -0.71
C ARG A 157 -41.74 -26.17 -1.09
N TYR A 158 -41.77 -26.51 -2.37
CA TYR A 158 -41.83 -27.90 -2.80
C TYR A 158 -41.46 -28.00 -4.27
N LYS A 159 -41.07 -29.19 -4.68
CA LYS A 159 -40.75 -29.48 -6.07
C LYS A 159 -42.02 -29.83 -6.85
N PHE A 160 -41.88 -29.95 -8.16
CA PHE A 160 -43.03 -30.09 -9.04
C PHE A 160 -42.85 -31.27 -9.99
N ASP A 161 -43.97 -31.92 -10.30
CA ASP A 161 -43.95 -33.06 -11.21
C ASP A 161 -43.73 -32.61 -12.65
N TYR A 162 -44.38 -31.52 -13.06
CA TYR A 162 -44.27 -31.05 -14.43
C TYR A 162 -44.11 -29.53 -14.43
N ILE A 163 -43.26 -29.03 -15.33
CA ILE A 163 -43.00 -27.60 -15.46
C ILE A 163 -43.06 -27.23 -16.94
N VAL A 164 -43.89 -26.25 -17.28
CA VAL A 164 -44.05 -25.75 -18.64
C VAL A 164 -44.03 -24.22 -18.59
N GLY A 165 -43.89 -23.62 -19.77
CA GLY A 165 -44.05 -22.18 -19.89
C GLY A 165 -43.04 -21.60 -20.86
N ASN A 166 -43.03 -20.27 -20.91
CA ASN A 166 -42.14 -19.52 -21.80
C ASN A 166 -41.47 -18.43 -20.96
N PRO A 167 -40.22 -18.64 -20.54
CA PRO A 167 -39.56 -17.69 -19.65
C PRO A 167 -39.21 -16.40 -20.38
N PRO A 168 -38.97 -15.31 -19.65
CA PRO A 168 -38.54 -14.08 -20.30
C PRO A 168 -37.15 -14.20 -20.90
N TYR A 169 -36.93 -13.48 -22.00
CA TYR A 169 -35.62 -13.38 -22.64
C TYR A 169 -35.15 -11.94 -22.52
N ILE A 170 -34.10 -11.70 -21.74
CA ILE A 170 -33.51 -10.38 -21.60
C ILE A 170 -32.00 -10.52 -21.72
N GLY A 171 -31.41 -9.77 -22.65
CA GLY A 171 -29.99 -9.82 -22.89
C GLY A 171 -29.20 -9.00 -21.89
N HIS A 172 -27.89 -8.90 -22.16
CA HIS A 172 -27.00 -8.20 -21.24
C HIS A 172 -27.15 -6.69 -21.33
N LYS A 173 -27.73 -6.16 -22.41
CA LYS A 173 -27.91 -4.72 -22.54
C LYS A 173 -29.15 -4.23 -21.81
N LYS A 174 -30.26 -4.96 -21.93
CA LYS A 174 -31.56 -4.52 -21.44
C LYS A 174 -31.85 -4.98 -20.02
N LEU A 175 -30.85 -5.51 -19.31
CA LEU A 175 -31.03 -6.04 -17.97
C LEU A 175 -30.46 -5.06 -16.94
N GLU A 176 -31.20 -4.85 -15.86
CA GLU A 176 -30.75 -3.92 -14.82
C GLU A 176 -29.46 -4.41 -14.19
N LYS A 177 -28.60 -3.45 -13.83
CA LYS A 177 -27.25 -3.81 -13.40
C LYS A 177 -27.23 -4.43 -12.02
N LYS A 178 -28.05 -3.92 -11.08
CA LYS A 178 -28.14 -4.54 -9.76
C LYS A 178 -28.72 -5.95 -9.85
N TYR A 179 -29.74 -6.13 -10.68
CA TYR A 179 -30.28 -7.47 -10.89
C TYR A 179 -29.25 -8.38 -11.53
N LYS A 180 -28.41 -7.83 -12.42
CA LYS A 180 -27.32 -8.62 -13.00
C LYS A 180 -26.31 -9.01 -11.93
N LYS A 181 -26.02 -8.11 -10.98
CA LYS A 181 -25.14 -8.47 -9.87
C LYS A 181 -25.74 -9.62 -9.06
N PHE A 182 -27.05 -9.55 -8.79
CA PHE A 182 -27.72 -10.63 -8.07
C PHE A 182 -27.62 -11.95 -8.84
N LEU A 183 -27.85 -11.91 -10.16
CA LEU A 183 -27.76 -13.12 -10.97
C LEU A 183 -26.35 -13.69 -10.97
N LEU A 184 -25.34 -12.82 -11.09
CA LEU A 184 -23.96 -13.29 -11.07
C LEU A 184 -23.59 -13.87 -9.71
N GLU A 185 -24.16 -13.34 -8.63
CA GLU A 185 -23.85 -13.84 -7.30
C GLU A 185 -24.53 -15.18 -7.03
N LYS A 186 -25.78 -15.35 -7.46
CA LYS A 186 -26.55 -16.53 -7.09
C LYS A 186 -26.68 -17.56 -8.21
N TYR A 187 -26.62 -17.15 -9.47
CA TYR A 187 -26.75 -18.05 -10.60
C TYR A 187 -25.45 -18.16 -11.41
N SER A 188 -24.32 -18.19 -10.70
CA SER A 188 -23.02 -18.24 -11.37
C SER A 188 -22.82 -19.51 -12.18
N GLU A 189 -23.58 -20.57 -11.87
CA GLU A 189 -23.39 -21.84 -12.57
C GLU A 189 -23.85 -21.76 -14.02
N VAL A 190 -24.80 -20.89 -14.34
CA VAL A 190 -25.32 -20.81 -15.70
C VAL A 190 -25.20 -19.41 -16.27
N TYR A 191 -25.19 -18.40 -15.40
CA TYR A 191 -25.17 -17.00 -15.81
C TYR A 191 -23.79 -16.42 -15.60
N LYS A 192 -23.22 -15.86 -16.67
CA LYS A 192 -21.87 -15.32 -16.63
C LYS A 192 -21.64 -14.52 -17.89
N ASP A 193 -20.91 -13.41 -17.75
CA ASP A 193 -20.53 -12.55 -18.87
C ASP A 193 -21.75 -12.05 -19.65
N LYS A 194 -21.88 -12.47 -20.90
CA LYS A 194 -22.94 -12.02 -21.80
C LYS A 194 -24.12 -12.98 -21.83
N ALA A 195 -24.35 -13.72 -20.74
CA ALA A 195 -25.44 -14.68 -20.70
C ALA A 195 -26.79 -13.97 -20.68
N ASP A 196 -27.84 -14.73 -20.98
CA ASP A 196 -29.19 -14.22 -21.03
C ASP A 196 -29.95 -14.61 -19.75
N LEU A 197 -31.08 -13.93 -19.54
CA LEU A 197 -31.86 -14.15 -18.33
C LEU A 197 -32.44 -15.56 -18.27
N TYR A 198 -32.84 -16.11 -19.42
CA TYR A 198 -33.51 -17.41 -19.41
C TYR A 198 -32.57 -18.55 -19.06
N PHE A 199 -31.26 -18.33 -19.01
CA PHE A 199 -30.36 -19.34 -18.49
C PHE A 199 -30.68 -19.63 -17.02
N CYS A 200 -30.92 -18.58 -16.25
CA CYS A 200 -31.29 -18.75 -14.85
C CYS A 200 -32.64 -19.43 -14.72
N PHE A 201 -33.57 -19.14 -15.64
CA PHE A 201 -34.86 -19.83 -15.62
C PHE A 201 -34.70 -21.31 -15.91
N TYR A 202 -33.81 -21.67 -16.85
CA TYR A 202 -33.49 -23.08 -17.08
C TYR A 202 -32.96 -23.72 -15.81
N LYS A 203 -32.02 -23.05 -15.14
CA LYS A 203 -31.46 -23.60 -13.92
C LYS A 203 -32.52 -23.77 -12.83
N LYS A 204 -33.40 -22.78 -12.68
CA LYS A 204 -34.45 -22.87 -11.67
C LYS A 204 -35.42 -24.00 -11.99
N ILE A 205 -35.78 -24.16 -13.26
CA ILE A 205 -36.67 -25.25 -13.65
C ILE A 205 -36.04 -26.60 -13.33
N ILE A 206 -34.75 -26.75 -13.63
CA ILE A 206 -34.08 -28.01 -13.33
C ILE A 206 -34.01 -28.23 -11.81
N ASP A 207 -33.80 -27.15 -11.05
CA ASP A 207 -33.61 -27.30 -9.61
C ASP A 207 -34.88 -27.74 -8.91
N ILE A 208 -36.04 -27.21 -9.30
CA ILE A 208 -37.28 -27.48 -8.60
C ILE A 208 -38.11 -28.55 -9.31
N LEU A 209 -37.48 -29.39 -10.12
CA LEU A 209 -38.16 -30.48 -10.80
C LEU A 209 -38.05 -31.74 -9.96
N LYS A 210 -39.20 -32.35 -9.70
CA LYS A 210 -39.23 -33.57 -8.90
C LYS A 210 -38.53 -34.71 -9.65
N GLN A 211 -37.96 -35.63 -8.88
CA GLN A 211 -37.32 -36.80 -9.48
C GLN A 211 -38.34 -37.60 -10.27
N GLY A 212 -37.98 -37.94 -11.50
CA GLY A 212 -38.92 -38.55 -12.42
C GLY A 212 -39.86 -37.58 -13.11
N GLY A 213 -39.72 -36.28 -12.84
CA GLY A 213 -40.58 -35.29 -13.47
C GLY A 213 -40.17 -34.98 -14.90
N ILE A 214 -41.00 -34.18 -15.56
CA ILE A 214 -40.80 -33.82 -16.96
C ILE A 214 -41.00 -32.33 -17.12
N GLY A 215 -40.06 -31.66 -17.76
CA GLY A 215 -40.16 -30.24 -18.07
C GLY A 215 -40.11 -30.02 -19.57
N SER A 216 -40.88 -29.05 -20.05
CA SER A 216 -40.91 -28.70 -21.46
C SER A 216 -41.11 -27.21 -21.60
N VAL A 217 -40.15 -26.53 -22.24
CA VAL A 217 -40.18 -25.08 -22.37
C VAL A 217 -39.83 -24.68 -23.80
N ILE A 218 -40.15 -23.44 -24.14
CA ILE A 218 -39.76 -22.84 -25.41
C ILE A 218 -38.88 -21.64 -25.10
N THR A 219 -37.68 -21.63 -25.67
CA THR A 219 -36.67 -20.62 -25.38
C THR A 219 -36.00 -20.19 -26.68
N PRO A 220 -35.09 -19.23 -26.66
CA PRO A 220 -34.28 -18.98 -27.86
C PRO A 220 -33.37 -20.16 -28.14
N ARG A 221 -33.04 -20.33 -29.43
CA ARG A 221 -32.18 -21.43 -29.85
C ARG A 221 -30.70 -21.11 -29.72
N TYR A 222 -30.35 -19.87 -29.36
CA TYR A 222 -28.96 -19.43 -29.42
C TYR A 222 -28.07 -20.16 -28.42
N PHE A 223 -28.63 -20.56 -27.27
CA PHE A 223 -27.80 -21.22 -26.26
C PHE A 223 -27.29 -22.58 -26.72
N LEU A 224 -27.87 -23.14 -27.79
CA LEU A 224 -27.39 -24.41 -28.31
C LEU A 224 -25.98 -24.28 -28.87
N GLU A 225 -25.64 -23.12 -29.44
CA GLU A 225 -24.34 -22.91 -30.07
C GLU A 225 -23.55 -21.74 -29.51
N SER A 226 -24.18 -20.83 -28.78
CA SER A 226 -23.50 -19.63 -28.33
C SER A 226 -22.41 -19.98 -27.31
N LEU A 227 -21.36 -19.15 -27.29
CA LEU A 227 -20.30 -19.31 -26.30
C LEU A 227 -20.86 -19.13 -24.89
N SER A 228 -21.67 -18.09 -24.69
CA SER A 228 -22.19 -17.78 -23.36
C SER A 228 -23.02 -18.93 -22.80
N GLY A 229 -23.62 -19.75 -23.65
CA GLY A 229 -24.42 -20.86 -23.18
C GLY A 229 -23.63 -22.06 -22.70
N LYS A 230 -22.30 -22.05 -22.87
CA LYS A 230 -21.48 -23.22 -22.56
C LYS A 230 -21.83 -23.81 -21.21
N ASP A 231 -21.63 -23.02 -20.14
CA ASP A 231 -21.94 -23.48 -18.79
C ASP A 231 -23.35 -24.03 -18.71
N LEU A 232 -24.33 -23.26 -19.23
CA LEU A 232 -25.71 -23.72 -19.21
C LEU A 232 -25.85 -25.10 -19.81
N ARG A 233 -25.27 -25.31 -20.99
CA ARG A 233 -25.34 -26.61 -21.64
C ARG A 233 -24.81 -27.69 -20.70
N GLU A 234 -23.63 -27.44 -20.11
CA GLU A 234 -23.06 -28.40 -19.18
C GLU A 234 -24.06 -28.75 -18.09
N TYR A 235 -24.70 -27.72 -17.52
CA TYR A 235 -25.70 -27.96 -16.49
C TYR A 235 -26.79 -28.89 -17.00
N ILE A 236 -27.36 -28.57 -18.16
CA ILE A 236 -28.42 -29.39 -18.72
C ILE A 236 -27.90 -30.79 -19.03
N LYS A 237 -26.62 -30.89 -19.38
CA LYS A 237 -26.07 -32.20 -19.66
C LYS A 237 -25.90 -33.03 -18.39
N SER A 238 -25.63 -32.38 -17.26
CA SER A 238 -25.19 -33.09 -16.06
C SER A 238 -26.27 -33.23 -15.01
N ASN A 239 -27.49 -32.75 -15.25
CA ASN A 239 -28.55 -32.82 -14.26
C ASN A 239 -29.87 -33.39 -14.77
N VAL A 240 -30.15 -33.34 -16.07
CA VAL A 240 -31.38 -33.86 -16.62
C VAL A 240 -31.07 -34.69 -17.86
N ASN A 241 -32.02 -35.56 -18.22
CA ASN A 241 -31.97 -36.30 -19.46
C ASN A 241 -32.78 -35.56 -20.51
N VAL A 242 -32.12 -35.15 -21.59
CA VAL A 242 -32.78 -34.36 -22.64
C VAL A 242 -33.58 -35.33 -23.50
N GLN A 243 -34.91 -35.18 -23.47
CA GLN A 243 -35.76 -36.02 -24.30
C GLN A 243 -35.79 -35.57 -25.75
N GLU A 244 -36.13 -34.30 -25.98
CA GLU A 244 -36.39 -33.83 -27.33
C GLU A 244 -35.99 -32.36 -27.49
N ILE A 245 -35.41 -32.05 -28.64
CA ILE A 245 -35.08 -30.69 -29.04
C ILE A 245 -35.74 -30.44 -30.38
N VAL A 246 -36.66 -29.47 -30.43
CA VAL A 246 -37.31 -29.04 -31.66
C VAL A 246 -36.67 -27.71 -32.03
N ASP A 247 -35.89 -27.69 -33.11
CA ASP A 247 -35.15 -26.51 -33.55
C ASP A 247 -35.87 -25.92 -34.76
N PHE A 248 -36.37 -24.70 -34.63
CA PHE A 248 -36.99 -23.96 -35.73
C PHE A 248 -35.98 -23.12 -36.51
N LEU A 249 -34.71 -23.16 -36.12
CA LEU A 249 -33.63 -22.47 -36.83
C LEU A 249 -33.95 -20.99 -37.00
N GLY A 250 -34.13 -20.55 -38.23
CA GLY A 250 -34.37 -19.15 -38.52
C GLY A 250 -35.80 -18.78 -38.77
N ALA A 251 -36.75 -19.63 -38.40
CA ALA A 251 -38.16 -19.35 -38.68
C ALA A 251 -38.65 -18.24 -37.77
N ASN A 252 -39.91 -17.86 -37.98
CA ASN A 252 -40.57 -16.82 -37.19
C ASN A 252 -41.78 -17.45 -36.50
N ILE A 253 -41.62 -17.76 -35.22
CA ILE A 253 -42.69 -18.37 -34.44
C ILE A 253 -43.55 -17.31 -33.76
N PHE A 254 -42.93 -16.25 -33.26
CA PHE A 254 -43.64 -15.13 -32.65
C PHE A 254 -43.77 -14.00 -33.66
N LYS A 255 -45.01 -13.63 -33.96
CA LYS A 255 -45.25 -12.61 -34.98
C LYS A 255 -44.71 -11.27 -34.54
N ASN A 256 -44.07 -10.57 -35.48
CA ASN A 256 -43.52 -9.24 -35.25
C ASN A 256 -42.47 -9.24 -34.14
N ILE A 257 -41.83 -10.38 -33.90
CA ILE A 257 -40.78 -10.51 -32.90
C ILE A 257 -39.55 -11.08 -33.58
N GLY A 258 -38.41 -10.41 -33.40
CA GLY A 258 -37.17 -10.86 -34.01
C GLY A 258 -36.39 -11.82 -33.13
N VAL A 259 -36.88 -13.04 -33.00
CA VAL A 259 -36.23 -14.07 -32.19
C VAL A 259 -36.36 -15.41 -32.88
N SER A 260 -35.39 -16.29 -32.65
CA SER A 260 -35.39 -17.65 -33.16
C SER A 260 -35.61 -18.60 -31.98
N SER A 261 -36.57 -19.51 -32.14
CA SER A 261 -37.10 -20.28 -31.02
C SER A 261 -36.80 -21.76 -31.17
N CYS A 262 -36.67 -22.43 -30.02
CA CYS A 262 -36.56 -23.87 -29.95
C CYS A 262 -37.36 -24.36 -28.75
N ILE A 263 -37.73 -25.63 -28.78
CA ILE A 263 -38.50 -26.28 -27.72
C ILE A 263 -37.64 -27.38 -27.12
N LEU A 264 -37.44 -27.31 -25.81
CA LEU A 264 -36.64 -28.29 -25.09
C LEU A 264 -37.54 -29.07 -24.14
N THR A 265 -37.51 -30.40 -24.25
CA THR A 265 -38.23 -31.29 -23.35
C THR A 265 -37.23 -32.24 -22.71
N PHE A 266 -37.27 -32.34 -21.38
CA PHE A 266 -36.29 -33.08 -20.61
C PHE A 266 -36.98 -33.71 -19.41
N ASP A 267 -36.29 -34.67 -18.77
CA ASP A 267 -36.84 -35.36 -17.62
C ASP A 267 -35.74 -35.65 -16.61
N LYS A 268 -36.14 -36.16 -15.45
CA LYS A 268 -35.25 -36.63 -14.40
C LYS A 268 -35.53 -38.08 -14.05
N LYS A 269 -35.82 -38.90 -15.06
CA LYS A 269 -36.17 -40.29 -14.85
C LYS A 269 -34.92 -41.17 -14.79
N LYS A 270 -35.11 -42.40 -14.33
CA LYS A 270 -34.04 -43.40 -14.31
C LYS A 270 -33.94 -44.01 -15.70
N THR A 271 -32.94 -43.56 -16.46
CA THR A 271 -32.76 -43.99 -17.85
C THR A 271 -31.46 -44.76 -17.99
N LYS A 272 -31.50 -45.81 -18.82
CA LYS A 272 -30.32 -46.61 -19.11
C LYS A 272 -29.51 -46.01 -20.26
N GLU A 273 -30.18 -45.71 -21.37
CA GLU A 273 -29.55 -45.04 -22.51
C GLU A 273 -30.19 -43.68 -22.69
N THR A 274 -29.36 -42.64 -22.77
CA THR A 274 -29.81 -41.25 -22.89
C THR A 274 -29.62 -40.80 -24.34
N TYR A 275 -30.68 -40.92 -25.15
CA TYR A 275 -30.67 -40.47 -26.53
C TYR A 275 -31.67 -39.33 -26.69
N ILE A 276 -31.33 -38.38 -27.55
CA ILE A 276 -32.13 -37.19 -27.78
C ILE A 276 -32.69 -37.25 -29.20
N ASP A 277 -34.01 -37.11 -29.30
CA ASP A 277 -34.68 -36.95 -30.59
C ASP A 277 -34.56 -35.50 -31.02
N VAL A 278 -33.77 -35.24 -32.05
CA VAL A 278 -33.56 -33.88 -32.55
C VAL A 278 -34.39 -33.72 -33.82
N PHE A 279 -35.27 -32.72 -33.81
CA PHE A 279 -36.08 -32.35 -34.97
C PHE A 279 -35.63 -30.97 -35.44
N LYS A 280 -35.09 -30.91 -36.65
CA LYS A 280 -34.58 -29.67 -37.23
C LYS A 280 -35.42 -29.31 -38.45
N ILE A 281 -35.89 -28.07 -38.50
CA ILE A 281 -36.69 -27.62 -39.63
C ILE A 281 -35.81 -27.51 -40.87
N LYS A 282 -36.41 -27.77 -42.03
CA LYS A 282 -35.69 -27.72 -43.30
C LYS A 282 -36.06 -26.51 -44.15
N ASN A 283 -37.31 -26.06 -44.09
CA ASN A 283 -37.75 -24.86 -44.82
C ASN A 283 -38.17 -23.82 -43.79
N GLU A 284 -37.42 -22.72 -43.73
CA GLU A 284 -37.73 -21.63 -42.81
C GLU A 284 -38.87 -20.75 -43.31
N ASP A 285 -39.30 -20.91 -44.56
CA ASP A 285 -40.42 -20.15 -45.10
C ASP A 285 -41.72 -20.93 -44.89
N ILE A 286 -42.18 -20.92 -43.65
CA ILE A 286 -43.39 -21.65 -43.27
C ILE A 286 -44.31 -20.74 -42.47
N CYS A 287 -45.60 -21.03 -42.55
CA CYS A 287 -46.59 -20.50 -41.62
C CYS A 287 -46.96 -21.62 -40.66
N ILE A 288 -46.73 -21.40 -39.37
CA ILE A 288 -46.82 -22.48 -38.39
C ILE A 288 -48.23 -23.04 -38.26
N ASN A 289 -49.23 -22.38 -38.82
CA ASN A 289 -50.60 -22.87 -38.81
C ASN A 289 -50.92 -23.78 -40.00
N LYS A 290 -49.88 -24.38 -40.61
CA LYS A 290 -50.11 -25.26 -41.75
C LYS A 290 -50.81 -26.56 -41.37
N PHE A 291 -50.82 -26.90 -40.08
CA PHE A 291 -51.47 -28.11 -39.60
C PHE A 291 -52.16 -27.81 -38.28
N GLU A 292 -53.15 -28.66 -37.95
CA GLU A 292 -53.89 -28.48 -36.71
C GLU A 292 -53.02 -28.76 -35.49
N THR A 293 -51.98 -29.59 -35.64
CA THR A 293 -51.10 -29.97 -34.55
C THR A 293 -49.65 -29.77 -34.98
N LEU A 294 -48.78 -29.57 -33.98
CA LEU A 294 -47.36 -29.47 -34.26
C LEU A 294 -46.78 -30.81 -34.67
N GLU A 295 -47.33 -31.91 -34.15
CA GLU A 295 -46.83 -33.24 -34.48
C GLU A 295 -46.91 -33.50 -35.97
N GLU A 296 -47.97 -33.01 -36.63
CA GLU A 296 -48.09 -33.20 -38.06
C GLU A 296 -46.94 -32.53 -38.82
N LEU A 297 -46.58 -31.31 -38.40
CA LEU A 297 -45.42 -30.65 -39.01
C LEU A 297 -44.13 -31.41 -38.70
N LEU A 298 -43.99 -31.90 -37.46
CA LEU A 298 -42.76 -32.60 -37.10
C LEU A 298 -42.58 -33.89 -37.89
N LYS A 299 -43.67 -34.62 -38.12
CA LYS A 299 -43.63 -35.91 -38.82
C LYS A 299 -43.83 -35.76 -40.32
N SER A 300 -43.54 -34.60 -40.89
CA SER A 300 -43.73 -34.34 -42.32
C SER A 300 -42.38 -34.10 -42.97
N SER A 301 -42.43 -33.76 -44.27
CA SER A 301 -41.23 -33.41 -45.02
C SER A 301 -40.70 -32.04 -44.65
N LYS A 302 -41.44 -31.25 -43.87
CA LYS A 302 -40.99 -29.94 -43.42
C LYS A 302 -39.96 -30.02 -42.30
N PHE A 303 -39.74 -31.20 -41.74
CA PHE A 303 -38.78 -31.38 -40.66
C PHE A 303 -37.92 -32.61 -40.91
N GLU A 304 -36.75 -32.63 -40.29
CA GLU A 304 -35.82 -33.74 -40.35
C GLU A 304 -35.55 -34.24 -38.94
N HIS A 305 -35.58 -35.56 -38.76
CA HIS A 305 -35.38 -36.16 -37.46
C HIS A 305 -34.08 -36.96 -37.43
N PHE A 306 -33.37 -36.87 -36.30
CA PHE A 306 -32.22 -37.73 -36.07
C PHE A 306 -32.05 -37.91 -34.56
N ASN A 307 -31.05 -38.71 -34.19
CA ASN A 307 -30.79 -39.06 -32.80
C ASN A 307 -29.38 -38.64 -32.41
N ILE A 308 -29.25 -38.10 -31.20
CA ILE A 308 -27.96 -37.66 -30.67
C ILE A 308 -27.72 -38.34 -29.33
N ASN A 309 -26.55 -38.93 -29.16
CA ASN A 309 -26.18 -39.53 -27.88
C ASN A 309 -25.77 -38.44 -26.90
N GLN A 310 -26.51 -38.32 -25.80
CA GLN A 310 -26.22 -37.29 -24.81
C GLN A 310 -24.87 -37.53 -24.13
N ARG A 311 -24.54 -38.79 -23.88
CA ARG A 311 -23.27 -39.11 -23.23
C ARG A 311 -22.06 -38.74 -24.09
N LEU A 312 -22.26 -38.57 -25.40
CA LEU A 312 -21.19 -38.20 -26.31
C LEU A 312 -21.10 -36.71 -26.56
N LEU A 313 -21.95 -35.91 -25.90
CA LEU A 313 -21.92 -34.47 -26.11
C LEU A 313 -20.65 -33.85 -25.51
N SER A 314 -20.04 -32.94 -26.26
CA SER A 314 -18.86 -32.22 -25.85
C SER A 314 -19.28 -30.86 -25.27
N ASP A 315 -18.30 -29.97 -25.10
CA ASP A 315 -18.61 -28.60 -24.70
C ASP A 315 -19.62 -27.97 -25.64
N GLU A 316 -19.48 -28.21 -26.95
CA GLU A 316 -20.48 -27.81 -27.93
C GLU A 316 -21.44 -28.95 -28.20
N TRP A 317 -22.66 -28.60 -28.58
CA TRP A 317 -23.68 -29.57 -28.97
C TRP A 317 -23.76 -29.57 -30.50
N ILE A 318 -23.17 -30.58 -31.12
CA ILE A 318 -23.17 -30.71 -32.58
C ILE A 318 -24.36 -31.60 -32.93
N LEU A 319 -25.49 -30.97 -33.22
CA LEU A 319 -26.75 -31.68 -33.50
C LEU A 319 -26.92 -31.75 -35.01
N VAL A 320 -26.32 -32.78 -35.62
CA VAL A 320 -26.39 -33.00 -37.06
C VAL A 320 -26.67 -34.47 -37.32
N ASN A 321 -27.10 -34.76 -38.55
CA ASN A 321 -27.41 -36.12 -38.95
C ASN A 321 -26.11 -36.90 -39.20
N LYS A 322 -26.26 -38.17 -39.59
CA LYS A 322 -25.10 -39.02 -39.78
C LYS A 322 -24.21 -38.52 -40.92
N ASP A 323 -24.81 -38.09 -42.03
CA ASP A 323 -24.03 -37.61 -43.16
C ASP A 323 -23.22 -36.37 -42.79
N ASP A 324 -23.88 -35.40 -42.15
CA ASP A 324 -23.18 -34.18 -41.75
C ASP A 324 -22.13 -34.47 -40.67
N GLU A 325 -22.43 -35.39 -39.76
CA GLU A 325 -21.44 -35.76 -38.75
C GLU A 325 -20.20 -36.38 -39.39
N THR A 326 -20.39 -37.29 -40.36
CA THR A 326 -19.25 -37.88 -41.05
C THR A 326 -18.47 -36.82 -41.81
N PHE A 327 -19.17 -35.92 -42.49
CA PHE A 327 -18.52 -34.83 -43.22
C PHE A 327 -17.67 -33.98 -42.29
N TYR A 328 -18.26 -33.54 -41.17
CA TYR A 328 -17.56 -32.70 -40.22
C TYR A 328 -16.35 -33.41 -39.61
N ASN A 329 -16.52 -34.68 -39.23
CA ASN A 329 -15.41 -35.42 -38.64
C ASN A 329 -14.28 -35.62 -39.65
N LYS A 330 -14.63 -35.91 -40.90
CA LYS A 330 -13.61 -36.07 -41.93
C LYS A 330 -12.83 -34.77 -42.13
N ILE A 331 -13.54 -33.64 -42.18
CA ILE A 331 -12.84 -32.36 -42.34
C ILE A 331 -11.94 -32.07 -41.14
N GLN A 332 -12.45 -32.32 -39.92
CA GLN A 332 -11.66 -32.05 -38.73
C GLN A 332 -10.41 -32.92 -38.69
N GLU A 333 -10.55 -34.20 -39.04
CA GLU A 333 -9.40 -35.10 -39.02
C GLU A 333 -8.38 -34.74 -40.09
N LYS A 334 -8.86 -34.38 -41.30
CA LYS A 334 -7.94 -34.17 -42.41
C LYS A 334 -7.15 -32.87 -42.30
N CYS A 335 -7.57 -31.94 -41.45
CA CYS A 335 -6.93 -30.64 -41.34
C CYS A 335 -6.01 -30.60 -40.12
N LYS A 336 -4.78 -30.14 -40.32
CA LYS A 336 -3.79 -30.07 -39.25
C LYS A 336 -3.69 -28.70 -38.60
N TYR A 337 -4.11 -27.64 -39.29
CA TYR A 337 -4.03 -26.28 -38.76
C TYR A 337 -5.43 -25.72 -38.56
N SER A 338 -5.50 -24.64 -37.79
CA SER A 338 -6.72 -23.86 -37.63
C SER A 338 -6.36 -22.39 -37.81
N LEU A 339 -7.40 -21.58 -38.05
CA LEU A 339 -7.17 -20.14 -38.27
C LEU A 339 -6.55 -19.49 -37.05
N GLU A 340 -6.97 -19.91 -35.84
CA GLU A 340 -6.37 -19.36 -34.63
C GLU A 340 -4.88 -19.64 -34.56
N ASP A 341 -4.46 -20.81 -35.06
CA ASP A 341 -3.04 -21.17 -35.02
C ASP A 341 -2.20 -20.24 -35.91
N ILE A 342 -2.73 -19.89 -37.08
CA ILE A 342 -1.92 -19.20 -38.10
C ILE A 342 -2.26 -17.73 -38.25
N ALA A 343 -3.34 -17.24 -37.64
CA ALA A 343 -3.81 -15.89 -37.89
C ALA A 343 -4.05 -15.14 -36.59
N ILE A 344 -4.04 -13.83 -36.69
CA ILE A 344 -4.37 -12.92 -35.59
C ILE A 344 -5.64 -12.18 -35.99
N SER A 345 -6.66 -12.24 -35.13
CA SER A 345 -7.98 -11.72 -35.41
C SER A 345 -8.29 -10.53 -34.52
N PHE A 346 -9.17 -9.66 -35.00
CA PHE A 346 -9.60 -8.52 -34.21
C PHE A 346 -10.93 -7.98 -34.71
N GLN A 347 -11.60 -7.26 -33.82
CA GLN A 347 -12.88 -6.62 -34.08
C GLN A 347 -12.66 -5.18 -34.53
N GLY A 348 -13.63 -4.65 -35.28
CA GLY A 348 -13.50 -3.32 -35.83
C GLY A 348 -13.62 -2.22 -34.79
N ILE A 349 -13.51 -0.99 -35.27
CA ILE A 349 -13.58 0.17 -34.39
C ILE A 349 -14.97 0.28 -33.78
N ILE A 350 -15.03 0.66 -32.51
CA ILE A 350 -16.28 0.96 -31.83
C ILE A 350 -16.21 2.43 -31.43
N THR A 351 -16.81 3.30 -32.23
CA THR A 351 -16.71 4.73 -31.99
C THR A 351 -17.51 5.17 -30.77
N GLY A 352 -18.61 4.48 -30.48
CA GLY A 352 -19.53 4.88 -29.44
C GLY A 352 -20.66 5.77 -29.94
N CYS A 353 -20.41 6.54 -31.01
CA CYS A 353 -21.44 7.32 -31.67
C CYS A 353 -20.99 7.51 -33.13
N ASP A 354 -21.52 6.66 -34.01
CA ASP A 354 -21.08 6.69 -35.41
C ASP A 354 -21.46 7.99 -36.10
N LYS A 355 -22.60 8.59 -35.73
CA LYS A 355 -23.06 9.80 -36.40
C LYS A 355 -22.12 10.97 -36.19
N ALA A 356 -21.24 10.91 -35.20
CA ALA A 356 -20.31 12.00 -34.92
C ALA A 356 -18.96 11.84 -35.60
N PHE A 357 -18.61 10.63 -36.03
CA PHE A 357 -17.30 10.37 -36.62
C PHE A 357 -17.35 9.86 -38.06
N ILE A 358 -18.49 9.37 -38.53
CA ILE A 358 -18.61 8.78 -39.86
C ILE A 358 -19.36 9.77 -40.75
N LEU A 359 -18.81 10.05 -41.92
CA LEU A 359 -19.44 10.97 -42.85
C LEU A 359 -19.30 10.46 -44.27
N SER A 360 -20.13 11.00 -45.17
CA SER A 360 -20.02 10.67 -46.58
C SER A 360 -18.75 11.27 -47.17
N LYS A 361 -18.16 10.55 -48.14
CA LYS A 361 -16.94 11.04 -48.77
C LYS A 361 -17.17 12.32 -49.56
N ASP A 362 -18.41 12.59 -49.98
CA ASP A 362 -18.74 13.82 -50.70
C ASP A 362 -19.24 14.91 -49.77
N ASP A 363 -19.24 14.70 -48.47
CA ASP A 363 -19.67 15.72 -47.53
C ASP A 363 -18.70 16.90 -47.55
N VAL A 364 -19.25 18.11 -47.46
CA VAL A 364 -18.42 19.31 -47.49
C VAL A 364 -17.70 19.51 -46.16
N LYS A 365 -18.24 18.99 -45.07
CA LYS A 365 -17.58 19.11 -43.77
C LYS A 365 -16.21 18.47 -43.78
N LEU A 366 -15.99 17.49 -44.67
CA LEU A 366 -14.69 16.84 -44.77
C LEU A 366 -13.60 17.80 -45.23
N ASN A 367 -13.96 18.95 -45.81
CA ASN A 367 -12.96 19.95 -46.13
C ASN A 367 -12.34 20.57 -44.89
N LEU A 368 -13.02 20.47 -43.74
CA LEU A 368 -12.49 20.99 -42.49
C LEU A 368 -11.43 20.09 -41.87
N VAL A 369 -11.41 18.80 -42.22
CA VAL A 369 -10.54 17.82 -41.60
C VAL A 369 -9.39 17.50 -42.55
N ASP A 370 -8.17 17.54 -42.04
CA ASP A 370 -7.02 17.15 -42.84
C ASP A 370 -7.06 15.66 -43.13
N ASP A 371 -6.47 15.28 -44.28
CA ASP A 371 -6.51 13.88 -44.71
C ASP A 371 -5.73 12.95 -43.78
N LYS A 372 -4.88 13.50 -42.90
CA LYS A 372 -4.18 12.67 -41.93
C LYS A 372 -5.12 12.05 -40.91
N PHE A 373 -6.32 12.59 -40.74
CA PHE A 373 -7.30 12.09 -39.79
C PHE A 373 -8.38 11.23 -40.44
N LEU A 374 -8.33 11.04 -41.75
CA LEU A 374 -9.41 10.38 -42.48
C LEU A 374 -9.04 8.96 -42.82
N LYS A 375 -9.94 8.02 -42.54
CA LYS A 375 -9.77 6.62 -42.87
C LYS A 375 -10.96 6.14 -43.70
N CYS A 376 -10.69 5.21 -44.62
CA CYS A 376 -11.78 4.61 -45.38
C CYS A 376 -12.65 3.76 -44.46
N TRP A 377 -13.96 3.80 -44.72
CA TRP A 377 -14.93 3.18 -43.82
C TRP A 377 -15.88 2.32 -44.65
N ILE A 378 -15.99 1.05 -44.30
CA ILE A 378 -16.83 0.11 -45.02
C ILE A 378 -17.84 -0.51 -44.05
N LYS A 379 -18.97 -0.93 -44.59
CA LYS A 379 -20.02 -1.60 -43.84
C LYS A 379 -20.03 -3.09 -44.20
N SER A 380 -20.91 -3.83 -43.51
CA SER A 380 -21.00 -5.26 -43.76
C SER A 380 -21.49 -5.57 -45.17
N LYS A 381 -22.36 -4.72 -45.72
CA LYS A 381 -22.85 -4.94 -47.08
C LYS A 381 -21.77 -4.69 -48.13
N ASN A 382 -20.68 -4.00 -47.77
CA ASN A 382 -19.60 -3.73 -48.72
C ASN A 382 -18.68 -4.91 -48.93
N ILE A 383 -18.80 -5.97 -48.13
CA ILE A 383 -17.93 -7.13 -48.24
C ILE A 383 -18.54 -8.12 -49.22
N ASN A 384 -17.81 -8.42 -50.30
CA ASN A 384 -18.19 -9.44 -51.24
C ASN A 384 -17.36 -10.71 -50.96
N LYS A 385 -17.50 -11.71 -51.83
CA LYS A 385 -16.87 -13.00 -51.57
C LYS A 385 -15.35 -12.90 -51.57
N TYR A 386 -14.78 -12.17 -52.53
CA TYR A 386 -13.33 -12.08 -52.65
C TYR A 386 -12.77 -10.67 -52.51
N ILE A 387 -13.53 -9.65 -52.91
CA ILE A 387 -13.05 -8.28 -52.87
C ILE A 387 -14.05 -7.42 -52.10
N VAL A 388 -13.59 -6.25 -51.69
CA VAL A 388 -14.39 -5.30 -50.94
C VAL A 388 -14.86 -4.20 -51.89
N ASP A 389 -16.10 -3.75 -51.72
CA ASP A 389 -16.58 -2.61 -52.48
C ASP A 389 -15.78 -1.37 -52.10
N LYS A 390 -15.64 -0.45 -53.06
CA LYS A 390 -14.91 0.77 -52.80
C LYS A 390 -15.59 1.58 -51.71
N SER A 391 -14.79 2.22 -50.87
CA SER A 391 -15.31 2.89 -49.68
C SER A 391 -16.21 4.07 -50.06
N GLU A 392 -17.34 4.17 -49.36
CA GLU A 392 -18.26 5.29 -49.53
C GLU A 392 -18.24 6.26 -48.36
N TYR A 393 -17.66 5.87 -47.22
CA TYR A 393 -17.69 6.67 -46.01
C TYR A 393 -16.28 6.89 -45.49
N ARG A 394 -16.12 7.97 -44.74
CA ARG A 394 -14.87 8.35 -44.11
C ARG A 394 -15.05 8.42 -42.60
N LEU A 395 -14.08 7.88 -41.88
CA LEU A 395 -14.02 7.92 -40.42
C LEU A 395 -12.98 8.93 -39.99
N ILE A 396 -13.36 9.80 -39.05
CA ILE A 396 -12.45 10.76 -38.45
C ILE A 396 -11.80 10.08 -37.25
N TYR A 397 -10.52 9.73 -37.38
CA TYR A 397 -9.79 9.09 -36.29
C TYR A 397 -9.37 10.18 -35.31
N SER A 398 -10.32 10.55 -34.44
CA SER A 398 -10.14 11.68 -33.52
C SER A 398 -9.12 11.40 -32.44
N ASN A 399 -8.66 10.15 -32.28
CA ASN A 399 -7.64 9.87 -31.27
C ASN A 399 -6.33 10.56 -31.57
N ASP A 400 -6.12 11.00 -32.82
CA ASP A 400 -4.90 11.70 -33.19
C ASP A 400 -4.99 13.21 -32.97
N ILE A 401 -6.12 13.70 -32.46
CA ILE A 401 -6.26 15.12 -32.14
C ILE A 401 -5.50 15.38 -30.84
N ASP A 402 -4.37 16.08 -30.94
CA ASP A 402 -3.48 16.24 -29.80
C ASP A 402 -4.06 17.19 -28.77
N ASN A 403 -4.26 18.45 -29.15
CA ASN A 403 -4.76 19.47 -28.25
C ASN A 403 -6.17 19.89 -28.66
N GLU A 404 -6.98 20.24 -27.67
CA GLU A 404 -8.36 20.63 -27.95
C GLU A 404 -8.43 21.95 -28.68
N ASN A 405 -7.56 22.91 -28.31
CA ASN A 405 -7.56 24.20 -28.99
C ASN A 405 -7.16 24.05 -30.46
N THR A 406 -6.16 23.23 -30.74
CA THR A 406 -5.83 22.92 -32.13
C THR A 406 -6.94 22.08 -32.75
N ASN A 407 -7.21 22.34 -34.03
CA ASN A 407 -8.31 21.69 -34.75
C ASN A 407 -9.64 21.92 -34.05
N LYS A 408 -9.82 23.13 -33.51
CA LYS A 408 -11.06 23.45 -32.80
C LYS A 408 -12.24 23.53 -33.75
N ARG A 409 -12.00 23.83 -35.03
CA ARG A 409 -13.09 23.91 -35.99
C ARG A 409 -13.77 22.56 -36.17
N ILE A 410 -12.98 21.48 -36.21
CA ILE A 410 -13.54 20.15 -36.37
C ILE A 410 -14.42 19.78 -35.18
N LEU A 411 -13.93 20.06 -33.96
CA LEU A 411 -14.72 19.78 -32.77
C LEU A 411 -15.95 20.66 -32.68
N ASP A 412 -15.89 21.88 -33.24
CA ASP A 412 -17.00 22.81 -33.10
C ASP A 412 -18.09 22.58 -34.13
N GLU A 413 -17.75 22.07 -35.32
CA GLU A 413 -18.72 21.96 -36.40
C GLU A 413 -19.06 20.54 -36.80
N ILE A 414 -18.31 19.53 -36.35
CA ILE A 414 -18.60 18.15 -36.74
C ILE A 414 -18.85 17.27 -35.52
N ILE A 415 -17.83 17.11 -34.68
CA ILE A 415 -17.91 16.17 -33.57
C ILE A 415 -18.80 16.70 -32.46
N GLY A 416 -18.72 18.01 -32.19
CA GLY A 416 -19.45 18.59 -31.07
C GLY A 416 -20.96 18.53 -31.20
N LEU A 417 -21.48 18.32 -32.41
CA LEU A 417 -22.92 18.27 -32.62
C LEU A 417 -23.60 17.17 -31.81
N TYR A 418 -22.85 16.13 -31.42
CA TYR A 418 -23.37 15.06 -30.59
C TYR A 418 -22.66 14.99 -29.24
N LYS A 419 -22.09 16.11 -28.81
CA LYS A 419 -21.24 16.13 -27.62
C LYS A 419 -21.91 15.47 -26.43
N THR A 420 -23.17 15.85 -26.16
CA THR A 420 -23.91 15.28 -25.03
C THR A 420 -23.89 13.76 -25.08
N LYS A 421 -24.25 13.19 -26.24
CA LYS A 421 -24.22 11.73 -26.37
C LYS A 421 -22.82 11.19 -26.10
N LEU A 422 -21.80 11.84 -26.67
CA LEU A 422 -20.44 11.39 -26.46
C LEU A 422 -20.04 11.44 -24.99
N GLU A 423 -20.67 12.35 -24.22
CA GLU A 423 -20.34 12.45 -22.80
C GLU A 423 -21.03 11.40 -21.95
N ASN A 424 -22.02 10.68 -22.50
CA ASN A 424 -22.71 9.65 -21.74
C ASN A 424 -22.14 8.26 -21.96
N ARG A 425 -21.06 8.14 -22.74
CA ARG A 425 -20.37 6.87 -22.87
C ARG A 425 -19.68 6.52 -21.56
N ARG A 426 -19.49 5.22 -21.35
CA ARG A 426 -18.96 4.76 -20.05
C ARG A 426 -17.56 5.30 -19.79
N GLU A 427 -16.69 5.27 -20.80
CA GLU A 427 -15.32 5.73 -20.61
C GLU A 427 -15.20 7.24 -20.55
N CYS A 428 -16.21 7.98 -21.00
CA CYS A 428 -16.19 9.43 -20.90
C CYS A 428 -16.71 9.93 -19.56
N LYS A 429 -17.64 9.21 -18.94
CA LYS A 429 -18.07 9.55 -17.59
C LYS A 429 -16.97 9.30 -16.57
N SER A 430 -16.14 8.28 -16.81
CA SER A 430 -15.06 7.92 -15.89
C SER A 430 -13.75 8.63 -16.18
N GLY A 431 -13.67 9.41 -17.26
CA GLY A 431 -12.49 10.17 -17.56
C GLY A 431 -11.39 9.44 -18.29
N ILE A 432 -11.65 8.21 -18.75
CA ILE A 432 -10.63 7.48 -19.50
C ILE A 432 -10.52 8.02 -20.92
N ARG A 433 -11.61 8.52 -21.48
CA ARG A 433 -11.65 9.06 -22.83
C ARG A 433 -12.09 10.52 -22.80
N LYS A 434 -11.42 11.35 -23.59
CA LYS A 434 -11.94 12.69 -23.86
C LYS A 434 -13.24 12.56 -24.65
N TRP A 435 -14.13 13.54 -24.47
CA TRP A 435 -15.46 13.44 -25.05
C TRP A 435 -15.44 13.34 -26.57
N TYR A 436 -14.39 13.85 -27.23
CA TYR A 436 -14.29 13.79 -28.68
C TYR A 436 -13.52 12.56 -29.17
N GLU A 437 -12.99 11.73 -28.27
CA GLU A 437 -12.20 10.59 -28.69
C GLU A 437 -13.08 9.39 -29.03
N LEU A 438 -12.52 8.49 -29.85
CA LEU A 438 -13.18 7.22 -30.11
C LEU A 438 -13.18 6.36 -28.86
N GLN A 439 -14.31 5.71 -28.59
CA GLN A 439 -14.44 4.91 -27.38
C GLN A 439 -13.53 3.70 -27.41
N TRP A 440 -13.52 2.97 -28.52
CA TRP A 440 -12.71 1.76 -28.66
C TRP A 440 -11.96 1.76 -29.98
N GLY A 441 -11.31 2.87 -30.30
CA GLY A 441 -10.40 2.89 -31.42
C GLY A 441 -9.23 1.96 -31.19
N ARG A 442 -9.05 0.99 -32.08
CA ARG A 442 -8.02 -0.03 -31.89
C ARG A 442 -6.67 0.54 -32.33
N GLU A 443 -5.67 -0.33 -32.43
CA GLU A 443 -4.39 0.08 -32.99
C GLU A 443 -4.54 0.27 -34.49
N LYS A 444 -4.06 1.42 -34.99
CA LYS A 444 -4.20 1.71 -36.41
C LYS A 444 -3.39 0.75 -37.27
N LEU A 445 -2.26 0.26 -36.75
CA LEU A 445 -1.39 -0.61 -37.52
C LEU A 445 -2.07 -1.91 -37.93
N PHE A 446 -3.09 -2.35 -37.19
CA PHE A 446 -3.76 -3.59 -37.54
C PHE A 446 -4.65 -3.43 -38.77
N PHE A 447 -5.28 -2.27 -38.93
CA PHE A 447 -6.17 -2.04 -40.07
C PHE A 447 -5.42 -1.63 -41.32
N GLU A 448 -4.37 -0.83 -41.19
CA GLU A 448 -3.63 -0.30 -42.34
C GLU A 448 -2.57 -1.29 -42.79
N ARG A 449 -3.04 -2.42 -43.30
CA ARG A 449 -2.19 -3.48 -43.84
C ARG A 449 -3.07 -4.40 -44.67
N LYS A 450 -2.43 -5.32 -45.38
CA LYS A 450 -3.16 -6.36 -46.10
C LYS A 450 -3.76 -7.34 -45.09
N LYS A 451 -5.05 -7.62 -45.24
CA LYS A 451 -5.77 -8.45 -44.27
C LYS A 451 -7.00 -9.04 -44.95
N ILE A 452 -7.70 -9.89 -44.21
CA ILE A 452 -8.93 -10.52 -44.67
C ILE A 452 -10.06 -10.06 -43.75
N MET A 453 -11.15 -9.59 -44.36
CA MET A 453 -12.30 -9.07 -43.64
C MET A 453 -13.54 -9.88 -43.98
N TYR A 454 -14.43 -10.00 -43.00
CA TYR A 454 -15.68 -10.73 -43.21
C TYR A 454 -16.78 -10.14 -42.36
N PRO A 455 -18.02 -10.08 -42.87
CA PRO A 455 -19.12 -9.52 -42.09
C PRO A 455 -19.44 -10.39 -40.89
N TYR A 456 -19.95 -9.73 -39.84
CA TYR A 456 -20.29 -10.45 -38.62
C TYR A 456 -21.60 -11.23 -38.72
N LYS A 457 -22.43 -10.91 -39.71
CA LYS A 457 -23.70 -11.60 -39.94
C LYS A 457 -23.91 -11.71 -41.44
N SER A 458 -24.09 -12.93 -41.93
CA SER A 458 -24.28 -13.15 -43.36
C SER A 458 -24.97 -14.48 -43.59
N ASN A 459 -25.53 -14.62 -44.79
CA ASN A 459 -26.16 -15.87 -45.22
C ASN A 459 -25.17 -16.87 -45.77
N GLU A 460 -23.93 -16.46 -46.05
CA GLU A 460 -22.93 -17.34 -46.65
C GLU A 460 -21.55 -16.82 -46.29
N ASN A 461 -20.54 -17.64 -46.57
CA ASN A 461 -19.17 -17.24 -46.31
C ASN A 461 -18.74 -16.14 -47.27
N ARG A 462 -18.24 -15.03 -46.71
CA ARG A 462 -17.75 -13.89 -47.49
CA ARG A 462 -17.75 -13.89 -47.49
C ARG A 462 -16.46 -13.41 -46.82
N PHE A 463 -15.33 -13.95 -47.28
CA PHE A 463 -14.01 -13.60 -46.75
C PHE A 463 -13.25 -12.87 -47.86
N ALA A 464 -13.16 -11.55 -47.75
CA ALA A 464 -12.55 -10.74 -48.79
C ALA A 464 -11.16 -10.26 -48.38
N ILE A 465 -10.30 -10.10 -49.36
CA ILE A 465 -8.97 -9.53 -49.15
C ILE A 465 -9.07 -8.02 -49.30
N ASP A 466 -8.62 -7.29 -48.26
CA ASP A 466 -8.64 -5.84 -48.28
C ASP A 466 -7.28 -5.33 -48.73
N TYR A 467 -7.26 -4.55 -49.81
CA TYR A 467 -6.04 -3.93 -50.29
C TYR A 467 -5.96 -2.43 -49.98
N ASP A 468 -7.02 -1.85 -49.45
CA ASP A 468 -7.15 -0.40 -49.36
C ASP A 468 -7.06 0.13 -47.93
N ASN A 469 -6.58 -0.69 -47.00
CA ASN A 469 -6.45 -0.29 -45.59
C ASN A 469 -7.78 0.23 -45.04
N ASN A 470 -8.84 -0.53 -45.28
CA ASN A 470 -10.17 -0.11 -44.89
C ASN A 470 -10.39 -0.30 -43.39
N PHE A 471 -10.93 0.73 -42.75
CA PHE A 471 -11.42 0.62 -41.38
C PHE A 471 -12.91 0.24 -41.41
N SER A 472 -13.37 -0.32 -40.30
CA SER A 472 -14.75 -0.76 -40.22
C SER A 472 -15.19 -0.77 -38.76
N SER A 473 -16.51 -0.83 -38.57
CA SER A 473 -17.10 -0.96 -37.24
C SER A 473 -17.04 -2.42 -36.81
N ALA A 474 -17.73 -2.76 -35.72
CA ALA A 474 -17.74 -4.13 -35.24
C ALA A 474 -18.57 -5.06 -36.11
N ASP A 475 -19.31 -4.51 -37.09
CA ASP A 475 -20.06 -5.36 -38.01
C ASP A 475 -19.17 -6.10 -38.99
N VAL A 476 -17.88 -5.77 -39.04
CA VAL A 476 -16.91 -6.47 -39.88
C VAL A 476 -15.74 -6.87 -39.00
N TYR A 477 -15.36 -8.15 -39.06
CA TYR A 477 -14.19 -8.64 -38.34
C TYR A 477 -13.03 -8.81 -39.32
N SER A 478 -11.81 -8.72 -38.79
CA SER A 478 -10.63 -8.79 -39.63
C SER A 478 -9.61 -9.76 -39.02
N PHE A 479 -8.75 -10.28 -39.88
CA PHE A 479 -7.59 -11.04 -39.40
C PHE A 479 -6.48 -10.97 -40.43
N PHE A 480 -5.26 -11.18 -39.94
CA PHE A 480 -4.09 -11.25 -40.81
C PHE A 480 -3.21 -12.43 -40.41
N ILE A 481 -2.51 -12.98 -41.40
CA ILE A 481 -1.70 -14.17 -41.18
C ILE A 481 -0.47 -13.81 -40.38
N LYS A 482 -0.15 -14.64 -39.39
CA LYS A 482 1.09 -14.47 -38.62
C LYS A 482 2.29 -14.61 -39.56
N GLU A 483 3.33 -13.81 -39.30
CA GLU A 483 4.47 -13.76 -40.20
C GLU A 483 5.13 -15.12 -40.36
N GLU A 484 5.11 -15.96 -39.32
CA GLU A 484 5.75 -17.26 -39.40
C GLU A 484 5.01 -18.22 -40.33
N TYR A 485 3.74 -17.96 -40.63
CA TYR A 485 2.95 -18.81 -41.52
C TYR A 485 2.74 -18.18 -42.90
N LEU A 486 3.43 -17.08 -43.20
CA LEU A 486 3.25 -16.42 -44.48
C LEU A 486 3.71 -17.30 -45.64
N ASP A 487 4.81 -18.03 -45.46
CA ASP A 487 5.28 -18.92 -46.50
C ASP A 487 4.36 -20.12 -46.69
N LYS A 488 3.68 -20.56 -45.62
CA LYS A 488 2.87 -21.75 -45.71
C LYS A 488 1.47 -21.46 -46.24
N PHE A 489 0.90 -20.31 -45.87
CA PHE A 489 -0.44 -19.92 -46.30
C PHE A 489 -0.41 -18.50 -46.83
N SER A 490 -1.03 -18.28 -47.99
CA SER A 490 -1.21 -16.95 -48.56
C SER A 490 -2.68 -16.54 -48.44
N TYR A 491 -2.92 -15.24 -48.54
CA TYR A 491 -4.28 -14.72 -48.43
C TYR A 491 -5.16 -15.25 -49.55
N GLU A 492 -4.62 -15.34 -50.76
CA GLU A 492 -5.41 -15.82 -51.90
C GLU A 492 -5.88 -17.24 -51.68
N TYR A 493 -5.01 -18.13 -51.21
CA TYR A 493 -5.41 -19.51 -50.94
C TYR A 493 -6.45 -19.57 -49.83
N LEU A 494 -6.27 -18.76 -48.78
CA LEU A 494 -7.21 -18.78 -47.68
C LEU A 494 -8.60 -18.34 -48.13
N VAL A 495 -8.68 -17.27 -48.92
CA VAL A 495 -10.01 -16.83 -49.37
C VAL A 495 -10.55 -17.77 -50.42
N GLY A 496 -9.68 -18.47 -51.15
CA GLY A 496 -10.17 -19.47 -52.10
C GLY A 496 -10.83 -20.64 -51.41
N ILE A 497 -10.22 -21.13 -50.32
CA ILE A 497 -10.82 -22.29 -49.65
C ILE A 497 -11.96 -21.88 -48.73
N LEU A 498 -11.89 -20.68 -48.13
CA LEU A 498 -12.92 -20.27 -47.18
C LEU A 498 -14.23 -19.93 -47.88
N ASN A 499 -14.17 -19.38 -49.10
CA ASN A 499 -15.38 -19.02 -49.83
C ASN A 499 -15.98 -20.19 -50.60
N SER A 500 -15.35 -21.36 -50.58
CA SER A 500 -15.88 -22.51 -51.27
C SER A 500 -17.16 -23.01 -50.60
N SER A 501 -17.99 -23.70 -51.38
CA SER A 501 -19.22 -24.27 -50.85
C SER A 501 -18.91 -25.32 -49.78
N VAL A 502 -17.81 -26.04 -49.91
CA VAL A 502 -17.42 -27.03 -48.91
C VAL A 502 -17.24 -26.37 -47.56
N TYR A 503 -16.48 -25.28 -47.51
CA TYR A 503 -16.25 -24.61 -46.23
C TYR A 503 -17.46 -23.83 -45.76
N ASP A 504 -18.32 -23.37 -46.68
CA ASP A 504 -19.59 -22.78 -46.27
C ASP A 504 -20.41 -23.80 -45.48
N LYS A 505 -20.59 -25.00 -46.05
CA LYS A 505 -21.31 -26.06 -45.36
C LYS A 505 -20.62 -26.45 -44.06
N TYR A 506 -19.29 -26.54 -44.09
CA TYR A 506 -18.52 -26.96 -42.92
C TYR A 506 -18.67 -25.97 -41.77
N PHE A 507 -18.64 -24.67 -42.08
CA PHE A 507 -18.82 -23.66 -41.04
C PHE A 507 -20.25 -23.64 -40.53
N LYS A 508 -21.23 -23.80 -41.43
CA LYS A 508 -22.63 -23.75 -41.00
C LYS A 508 -23.04 -24.95 -40.17
N ILE A 509 -22.21 -26.00 -40.09
CA ILE A 509 -22.55 -27.16 -39.26
C ILE A 509 -22.61 -26.77 -37.79
N THR A 510 -21.62 -26.01 -37.31
CA THR A 510 -21.54 -25.60 -35.92
C THR A 510 -21.78 -24.11 -35.72
N ALA A 511 -22.21 -23.39 -36.76
CA ALA A 511 -22.38 -21.95 -36.67
C ALA A 511 -23.59 -21.61 -35.79
N LYS A 512 -23.70 -20.33 -35.46
CA LYS A 512 -24.76 -19.81 -34.60
C LYS A 512 -25.84 -19.19 -35.47
N LYS A 513 -26.98 -19.88 -35.60
CA LYS A 513 -28.08 -19.40 -36.42
C LYS A 513 -28.82 -18.30 -35.65
N MET A 514 -28.78 -17.08 -36.19
CA MET A 514 -29.36 -15.93 -35.50
C MET A 514 -30.80 -15.67 -35.91
N SER A 515 -31.02 -15.40 -37.19
CA SER A 515 -32.36 -15.15 -37.73
C SER A 515 -32.45 -15.82 -39.09
N LYS A 516 -33.53 -15.53 -39.80
CA LYS A 516 -33.76 -16.16 -41.10
C LYS A 516 -32.67 -15.74 -42.09
N ASN A 517 -32.00 -16.73 -42.66
CA ASN A 517 -30.92 -16.51 -43.63
C ASN A 517 -29.77 -15.68 -43.04
N ILE A 518 -29.55 -15.79 -41.74
CA ILE A 518 -28.48 -15.06 -41.08
C ILE A 518 -27.74 -16.01 -40.14
N TYR A 519 -26.42 -16.09 -40.31
CA TYR A 519 -25.53 -16.79 -39.39
C TYR A 519 -24.57 -15.80 -38.77
N ASP A 520 -24.19 -16.05 -37.52
CA ASP A 520 -23.20 -15.22 -36.84
C ASP A 520 -21.81 -15.64 -37.31
N TYR A 521 -21.05 -14.69 -37.83
CA TYR A 521 -19.66 -14.91 -38.22
C TYR A 521 -18.80 -14.10 -37.26
N TYR A 522 -18.51 -14.70 -36.11
CA TYR A 522 -17.72 -14.09 -35.04
C TYR A 522 -16.44 -14.88 -34.84
N PRO A 523 -15.39 -14.25 -34.31
CA PRO A 523 -14.12 -14.97 -34.13
C PRO A 523 -14.25 -16.23 -33.28
N ASN A 524 -15.14 -16.24 -32.29
CA ASN A 524 -15.24 -17.40 -31.40
C ASN A 524 -15.63 -18.67 -32.14
N LYS A 525 -16.13 -18.56 -33.36
CA LYS A 525 -16.35 -19.71 -34.23
C LYS A 525 -15.61 -19.64 -35.56
N VAL A 526 -15.36 -18.44 -36.08
CA VAL A 526 -14.64 -18.32 -37.34
C VAL A 526 -13.18 -18.73 -37.17
N MET A 527 -12.56 -18.36 -36.04
CA MET A 527 -11.17 -18.71 -35.81
C MET A 527 -10.98 -20.18 -35.49
N LYS A 528 -12.05 -20.93 -35.26
CA LYS A 528 -11.97 -22.36 -35.01
C LYS A 528 -12.10 -23.18 -36.29
N ILE A 529 -12.23 -22.53 -37.45
CA ILE A 529 -12.22 -23.25 -38.73
C ILE A 529 -10.84 -23.84 -38.96
N ARG A 530 -10.81 -25.11 -39.37
CA ARG A 530 -9.57 -25.81 -39.62
C ARG A 530 -9.26 -25.84 -41.11
N ILE A 531 -7.99 -25.63 -41.45
CA ILE A 531 -7.55 -25.52 -42.84
C ILE A 531 -6.47 -26.56 -43.09
N PHE A 532 -6.13 -26.72 -44.37
CA PHE A 532 -5.20 -27.76 -44.81
C PHE A 532 -4.31 -27.19 -45.91
N ARG A 533 -3.24 -27.94 -46.21
CA ARG A 533 -2.42 -27.67 -47.38
C ARG A 533 -1.90 -28.99 -47.94
N ASP A 534 -2.00 -29.17 -49.24
CA ASP A 534 -1.58 -30.41 -49.88
C ASP A 534 -1.17 -30.09 -51.32
N ASN A 535 -1.12 -31.13 -52.16
CA ASN A 535 -0.67 -30.98 -53.53
C ASN A 535 -1.57 -30.07 -54.36
N ASN A 536 -2.80 -29.83 -53.91
CA ASN A 536 -3.73 -28.96 -54.62
C ASN A 536 -3.62 -27.51 -54.22
N TYR A 537 -2.64 -27.16 -53.36
CA TYR A 537 -2.50 -25.79 -52.89
C TYR A 537 -2.27 -24.82 -54.06
N GLU A 538 -1.40 -25.21 -54.98
CA GLU A 538 -1.01 -24.30 -56.08
C GLU A 538 -2.19 -24.01 -56.99
N GLU A 539 -2.93 -25.04 -57.40
CA GLU A 539 -4.03 -24.83 -58.33
C GLU A 539 -5.18 -24.07 -57.67
N ILE A 540 -5.45 -24.34 -56.39
CA ILE A 540 -6.48 -23.59 -55.67
C ILE A 540 -6.08 -22.12 -55.57
N GLU A 541 -4.82 -21.85 -55.25
CA GLU A 541 -4.34 -20.47 -55.18
C GLU A 541 -4.45 -19.79 -56.54
N ASN A 542 -4.10 -20.49 -57.61
CA ASN A 542 -4.17 -19.91 -58.94
C ASN A 542 -5.61 -19.60 -59.34
N LEU A 543 -6.54 -20.52 -59.03
CA LEU A 543 -7.95 -20.26 -59.31
C LEU A 543 -8.46 -19.06 -58.52
N SER A 544 -8.06 -18.95 -57.25
CA SER A 544 -8.44 -17.79 -56.46
C SER A 544 -7.89 -16.51 -57.06
N LYS A 545 -6.64 -16.54 -57.53
CA LYS A 545 -6.05 -15.36 -58.15
C LYS A 545 -6.79 -14.98 -59.44
N GLN A 546 -7.17 -15.97 -60.24
CA GLN A 546 -7.94 -15.69 -61.45
C GLN A 546 -9.29 -15.07 -61.11
N ILE A 547 -9.95 -15.60 -60.08
CA ILE A 547 -11.24 -15.04 -59.65
C ILE A 547 -11.07 -13.60 -59.19
N ILE A 548 -10.04 -13.32 -58.40
CA ILE A 548 -9.79 -11.97 -57.93
C ILE A 548 -9.51 -11.03 -59.09
N SER A 549 -8.69 -11.49 -60.06
CA SER A 549 -8.38 -10.67 -61.22
C SER A 549 -9.63 -10.35 -62.02
N ILE A 550 -10.51 -11.35 -62.23
CA ILE A 550 -11.74 -11.10 -62.97
C ILE A 550 -12.64 -10.13 -62.21
N LEU A 551 -12.76 -10.30 -60.89
CA LEU A 551 -13.65 -9.45 -60.11
C LEU A 551 -13.18 -8.01 -60.04
N LEU A 552 -11.89 -7.76 -60.21
CA LEU A 552 -11.33 -6.41 -60.15
C LEU A 552 -11.33 -5.70 -61.50
N ASN A 553 -11.71 -6.38 -62.58
CA ASN A 553 -11.72 -5.77 -63.90
C ASN A 553 -12.90 -4.81 -64.05
N LYS A 554 -12.80 -3.95 -65.07
CA LYS A 554 -13.85 -2.97 -65.33
C LYS A 554 -15.08 -3.64 -65.93
N SER A 555 -14.92 -4.26 -67.10
CA SER A 555 -16.00 -5.01 -67.74
C SER A 555 -16.15 -6.36 -67.02
N ILE A 556 -16.72 -6.27 -65.81
CA ILE A 556 -16.76 -7.41 -64.89
C ILE A 556 -17.95 -8.28 -65.28
N ASP A 557 -17.68 -9.36 -66.00
CA ASP A 557 -18.66 -10.42 -66.26
C ASP A 557 -18.32 -11.57 -65.33
N LYS A 558 -19.10 -11.72 -64.26
CA LYS A 558 -18.85 -12.71 -63.23
C LYS A 558 -19.23 -14.12 -63.66
N GLY A 559 -19.52 -14.36 -64.94
CA GLY A 559 -19.94 -15.67 -65.36
C GLY A 559 -18.86 -16.72 -65.19
N LYS A 560 -17.64 -16.42 -65.63
CA LYS A 560 -16.54 -17.38 -65.51
C LYS A 560 -16.11 -17.58 -64.05
N VAL A 561 -16.44 -16.63 -63.18
CA VAL A 561 -16.11 -16.78 -61.76
C VAL A 561 -16.81 -18.01 -61.19
N GLU A 562 -18.06 -18.25 -61.60
CA GLU A 562 -18.78 -19.42 -61.10
C GLU A 562 -18.14 -20.72 -61.57
N LYS A 563 -17.68 -20.77 -62.83
CA LYS A 563 -17.01 -21.97 -63.33
C LYS A 563 -15.71 -22.21 -62.59
N LEU A 564 -14.93 -21.15 -62.36
CA LEU A 564 -13.68 -21.28 -61.59
C LEU A 564 -13.97 -21.75 -60.17
N GLN A 565 -15.05 -21.24 -59.57
CA GLN A 565 -15.44 -21.66 -58.23
C GLN A 565 -15.84 -23.12 -58.21
N ILE A 566 -16.54 -23.59 -59.25
CA ILE A 566 -16.91 -25.00 -59.32
C ILE A 566 -15.67 -25.87 -59.42
N LYS A 567 -14.70 -25.46 -60.25
CA LYS A 567 -13.45 -26.22 -60.35
C LYS A 567 -12.71 -26.26 -59.02
N MET A 568 -12.67 -25.12 -58.32
CA MET A 568 -12.00 -25.08 -57.02
C MET A 568 -12.73 -25.94 -55.99
N ASP A 569 -14.06 -25.94 -56.04
CA ASP A 569 -14.83 -26.79 -55.12
C ASP A 569 -14.54 -28.26 -55.38
N ASN A 570 -14.45 -28.66 -56.65
CA ASN A 570 -14.09 -30.04 -56.96
C ASN A 570 -12.69 -30.37 -56.45
N LEU A 571 -11.74 -29.43 -56.61
CA LEU A 571 -10.40 -29.64 -56.08
C LEU A 571 -10.41 -29.83 -54.58
N ILE A 572 -11.17 -28.99 -53.86
CA ILE A 572 -11.21 -29.07 -52.41
C ILE A 572 -11.87 -30.37 -51.96
N MET A 573 -12.95 -30.78 -52.64
CA MET A 573 -13.59 -32.04 -52.30
C MET A 573 -12.66 -33.22 -52.53
N ASP A 574 -11.88 -33.18 -53.61
CA ASP A 574 -10.89 -34.23 -53.84
C ASP A 574 -9.82 -34.21 -52.75
N SER A 575 -9.40 -33.02 -52.33
CA SER A 575 -8.37 -32.91 -51.30
C SER A 575 -8.86 -33.45 -49.96
N LEU A 576 -10.11 -33.16 -49.60
CA LEU A 576 -10.65 -33.57 -48.31
C LEU A 576 -11.25 -34.96 -48.32
N GLY A 577 -11.23 -35.64 -49.46
CA GLY A 577 -11.74 -37.01 -49.52
C GLY A 577 -13.23 -37.14 -49.25
N ILE A 578 -14.03 -36.25 -49.84
CA ILE A 578 -15.47 -36.27 -49.64
C ILE A 578 -16.19 -36.42 -50.97
N GLY B 29 4.67 14.16 9.63
CA GLY B 29 3.99 15.19 8.86
C GLY B 29 4.74 16.51 8.79
N ILE B 30 5.62 16.73 9.77
CA ILE B 30 6.41 17.96 9.86
C ILE B 30 7.83 17.65 9.41
N TYR B 31 8.35 18.48 8.50
CA TYR B 31 9.70 18.34 7.99
C TYR B 31 10.44 19.66 8.16
N TYR B 32 11.69 19.57 8.62
CA TYR B 32 12.48 20.76 8.96
C TYR B 32 13.19 21.27 7.72
N THR B 33 12.77 22.43 7.24
CA THR B 33 13.48 23.09 6.15
C THR B 33 14.74 23.76 6.70
N PRO B 34 15.91 23.52 6.10
CA PRO B 34 17.14 24.13 6.61
C PRO B 34 17.05 25.66 6.61
N LYS B 35 17.68 26.26 7.62
CA LYS B 35 17.57 27.69 7.83
C LYS B 35 18.11 28.49 6.64
N ILE B 36 19.10 27.95 5.94
CA ILE B 36 19.67 28.67 4.78
C ILE B 36 18.62 28.78 3.67
N ILE B 37 17.88 27.69 3.42
CA ILE B 37 16.83 27.73 2.40
C ILE B 37 15.73 28.70 2.81
N VAL B 38 15.34 28.68 4.08
CA VAL B 38 14.28 29.57 4.56
C VAL B 38 14.71 31.03 4.38
N ASP B 39 15.95 31.34 4.77
CA ASP B 39 16.45 32.70 4.62
C ASP B 39 16.48 33.11 3.16
N TYR B 40 16.96 32.23 2.28
CA TYR B 40 17.02 32.56 0.86
C TYR B 40 15.64 32.83 0.29
N ILE B 41 14.67 31.98 0.62
CA ILE B 41 13.32 32.14 0.08
C ILE B 41 12.68 33.43 0.59
N VAL B 42 12.78 33.69 1.90
CA VAL B 42 12.16 34.88 2.47
C VAL B 42 12.80 36.14 1.90
N LYS B 43 14.14 36.16 1.80
CA LYS B 43 14.81 37.32 1.23
C LYS B 43 14.44 37.51 -0.24
N LYS B 44 14.38 36.42 -1.00
CA LYS B 44 14.02 36.55 -2.41
C LYS B 44 12.61 37.09 -2.58
N THR B 45 11.69 36.74 -1.68
CA THR B 45 10.34 37.28 -1.77
C THR B 45 10.26 38.73 -1.31
N LEU B 46 11.01 39.09 -0.27
CA LEU B 46 10.89 40.41 0.35
C LEU B 46 12.12 41.28 0.14
N LYS B 47 12.89 41.04 -0.94
CA LYS B 47 14.13 41.77 -1.15
C LYS B 47 13.89 43.24 -1.45
N ASN B 48 12.92 43.54 -2.31
CA ASN B 48 12.75 44.90 -2.84
C ASN B 48 11.35 45.45 -2.56
N HIS B 49 10.74 45.06 -1.44
CA HIS B 49 9.43 45.57 -1.10
C HIS B 49 9.54 47.00 -0.58
N ASP B 50 8.70 47.90 -1.12
CA ASP B 50 8.67 49.29 -0.69
C ASP B 50 7.64 49.41 0.43
N ILE B 51 8.12 49.32 1.67
CA ILE B 51 7.21 49.39 2.82
C ILE B 51 6.55 50.75 2.93
N ILE B 52 7.17 51.80 2.38
CA ILE B 52 6.55 53.13 2.40
C ILE B 52 5.34 53.17 1.50
N LYS B 53 5.48 52.65 0.27
CA LYS B 53 4.36 52.68 -0.68
C LYS B 53 3.22 51.79 -0.22
N ASN B 54 3.54 50.57 0.24
CA ASN B 54 2.53 49.63 0.73
C ASN B 54 2.94 49.12 2.09
N PRO B 55 2.43 49.74 3.18
CA PRO B 55 2.72 49.26 4.52
C PRO B 55 1.83 48.11 4.98
N TYR B 56 1.06 47.50 4.07
CA TYR B 56 0.17 46.38 4.41
C TYR B 56 0.41 45.23 3.43
N PRO B 57 1.58 44.58 3.51
CA PRO B 57 1.80 43.40 2.68
C PRO B 57 1.34 42.13 3.37
N ARG B 58 0.69 41.26 2.60
CA ARG B 58 0.20 39.98 3.12
C ARG B 58 1.16 38.88 2.71
N ILE B 59 1.79 38.25 3.70
CA ILE B 59 2.71 37.14 3.48
C ILE B 59 2.07 35.89 4.06
N LEU B 60 1.85 34.89 3.21
CA LEU B 60 1.06 33.71 3.55
C LEU B 60 1.89 32.45 3.39
N ASP B 61 1.72 31.52 4.33
CA ASP B 61 2.27 30.18 4.24
C ASP B 61 1.15 29.19 4.47
N ILE B 62 0.73 28.48 3.41
CA ILE B 62 -0.39 27.55 3.52
C ILE B 62 0.04 26.18 4.04
N SER B 63 1.34 25.93 4.16
CA SER B 63 1.87 24.79 4.91
C SER B 63 2.97 25.34 5.81
N CYS B 64 2.58 25.85 6.97
CA CYS B 64 3.50 26.53 7.87
C CYS B 64 4.07 25.64 8.95
N GLY B 65 3.33 24.62 9.38
CA GLY B 65 3.81 23.77 10.47
C GLY B 65 4.03 24.58 11.72
N CYS B 66 5.24 24.49 12.28
CA CYS B 66 5.62 25.30 13.43
C CYS B 66 6.05 26.70 13.03
N GLY B 67 5.89 27.07 11.76
CA GLY B 67 6.23 28.41 11.32
C GLY B 67 7.71 28.64 11.08
N ASN B 68 8.40 27.70 10.44
CA ASN B 68 9.81 27.89 10.14
C ASN B 68 10.03 29.10 9.25
N PHE B 69 9.18 29.26 8.23
CA PHE B 69 9.28 30.43 7.35
C PHE B 69 8.69 31.68 8.00
N LEU B 70 7.62 31.51 8.78
CA LEU B 70 6.88 32.68 9.27
C LEU B 70 7.67 33.44 10.33
N LEU B 71 8.48 32.76 11.14
CA LEU B 71 9.30 33.48 12.11
C LEU B 71 10.34 34.36 11.42
N GLU B 72 10.98 33.85 10.36
CA GLU B 72 11.90 34.67 9.58
C GLU B 72 11.16 35.81 8.89
N VAL B 73 9.96 35.54 8.39
CA VAL B 73 9.14 36.61 7.81
C VAL B 73 8.87 37.70 8.83
N TYR B 74 8.54 37.31 10.06
CA TYR B 74 8.29 38.28 11.11
C TYR B 74 9.55 39.10 11.40
N ASP B 75 10.71 38.45 11.47
CA ASP B 75 11.95 39.19 11.75
C ASP B 75 12.24 40.19 10.65
N ILE B 76 12.13 39.76 9.39
CA ILE B 76 12.41 40.66 8.26
C ILE B 76 11.42 41.82 8.24
N LEU B 77 10.13 41.55 8.45
CA LEU B 77 9.14 42.60 8.47
C LEU B 77 9.38 43.57 9.63
N TYR B 78 9.76 43.05 10.79
CA TYR B 78 10.01 43.92 11.94
C TYR B 78 11.19 44.85 11.66
N ASP B 79 12.28 44.31 11.09
CA ASP B 79 13.40 45.17 10.74
C ASP B 79 13.00 46.21 9.70
N LEU B 80 12.23 45.79 8.68
CA LEU B 80 11.81 46.71 7.63
C LEU B 80 10.95 47.85 8.18
N PHE B 81 10.01 47.52 9.07
CA PHE B 81 9.18 48.55 9.69
C PHE B 81 10.01 49.45 10.59
N GLU B 82 10.93 48.87 11.37
CA GLU B 82 11.70 49.67 12.32
C GLU B 82 12.60 50.67 11.61
N GLU B 83 13.26 50.26 10.52
CA GLU B 83 14.17 51.17 9.86
C GLU B 83 13.47 52.23 9.02
N ASN B 84 12.15 52.13 8.83
CA ASN B 84 11.38 53.12 8.10
C ASN B 84 10.22 53.67 8.92
N ILE B 85 10.30 53.59 10.25
CA ILE B 85 9.14 53.91 11.09
C ILE B 85 8.79 55.39 11.00
N TYR B 86 9.79 56.26 10.94
CA TYR B 86 9.51 57.69 10.92
C TYR B 86 8.96 58.15 9.57
N GLU B 87 9.39 57.52 8.48
CA GLU B 87 8.79 57.83 7.18
C GLU B 87 7.31 57.45 7.16
N LEU B 88 6.97 56.29 7.72
CA LEU B 88 5.57 55.91 7.84
C LEU B 88 4.82 56.87 8.75
N LYS B 89 5.48 57.34 9.81
CA LYS B 89 4.85 58.27 10.74
C LYS B 89 4.52 59.59 10.04
N LYS B 90 5.43 60.09 9.21
CA LYS B 90 5.18 61.34 8.49
C LYS B 90 4.14 61.16 7.39
N LYS B 91 4.19 60.03 6.68
CA LYS B 91 3.27 59.81 5.57
C LYS B 91 1.85 59.45 6.02
N TYR B 92 1.74 58.73 7.13
CA TYR B 92 0.47 58.19 7.60
C TYR B 92 0.16 58.74 9.00
N ASP B 93 -0.86 58.16 9.63
CA ASP B 93 -1.32 58.62 10.93
C ASP B 93 -0.18 58.67 11.94
N GLU B 94 -0.05 59.83 12.60
CA GLU B 94 1.10 60.05 13.49
C GLU B 94 1.08 59.09 14.68
N ASN B 95 -0.09 58.90 15.30
CA ASN B 95 -0.15 58.10 16.51
C ASN B 95 -0.07 56.61 16.23
N TYR B 96 -0.48 56.16 15.04
CA TYR B 96 -0.56 54.73 14.77
C TYR B 96 0.83 54.11 14.56
N TRP B 97 1.72 54.81 13.86
CA TRP B 97 3.01 54.25 13.47
C TRP B 97 4.04 54.56 14.55
N THR B 98 4.20 53.62 15.47
CA THR B 98 5.22 53.70 16.51
C THR B 98 5.86 52.32 16.64
N VAL B 99 7.07 52.29 17.24
CA VAL B 99 7.83 51.06 17.31
C VAL B 99 7.08 50.00 18.10
N ASP B 100 6.60 50.35 19.30
CA ASP B 100 5.95 49.37 20.16
C ASP B 100 4.68 48.81 19.54
N ASN B 101 4.07 49.53 18.58
CA ASN B 101 2.88 49.03 17.90
C ASN B 101 3.20 48.07 16.76
N ILE B 102 4.44 48.09 16.26
CA ILE B 102 4.77 47.38 15.03
C ILE B 102 4.37 45.90 15.14
N HIS B 103 4.78 45.28 16.24
CA HIS B 103 4.41 43.89 16.52
C HIS B 103 2.94 43.64 16.21
N ARG B 104 2.05 44.36 16.90
CA ARG B 104 0.62 44.17 16.69
C ARG B 104 0.27 44.28 15.22
N HIS B 105 0.76 45.35 14.57
CA HIS B 105 0.47 45.55 13.15
C HIS B 105 0.86 44.33 12.34
N ILE B 106 2.07 43.82 12.57
CA ILE B 106 2.55 42.68 11.79
C ILE B 106 1.63 41.48 11.99
N LEU B 107 1.13 41.30 13.21
CA LEU B 107 0.27 40.17 13.48
C LEU B 107 -1.15 40.38 12.98
N ASN B 108 -1.56 41.62 12.75
CA ASN B 108 -2.95 41.91 12.41
C ASN B 108 -3.22 42.00 10.91
N TYR B 109 -2.21 42.33 10.10
CA TYR B 109 -2.43 42.55 8.68
C TYR B 109 -1.40 41.90 7.76
N CYS B 110 -0.34 41.31 8.29
CA CYS B 110 0.78 40.89 7.45
C CYS B 110 1.00 39.39 7.40
N ILE B 111 1.02 38.70 8.54
CA ILE B 111 1.38 37.29 8.60
C ILE B 111 0.12 36.45 8.54
N TYR B 112 0.09 35.50 7.61
CA TYR B 112 -1.02 34.56 7.45
C TYR B 112 -0.46 33.15 7.36
N GLY B 113 -1.02 32.24 8.14
CA GLY B 113 -0.54 30.87 8.14
C GLY B 113 -1.70 29.89 8.15
N ALA B 114 -1.46 28.72 7.56
CA ALA B 114 -2.47 27.67 7.50
C ALA B 114 -1.78 26.32 7.57
N ASP B 115 -2.41 25.37 8.28
CA ASP B 115 -1.90 24.01 8.39
C ASP B 115 -2.99 23.16 9.01
N ILE B 116 -2.94 21.85 8.73
CA ILE B 116 -3.92 20.92 9.28
C ILE B 116 -3.55 20.42 10.67
N ASP B 117 -2.34 20.72 11.16
CA ASP B 117 -1.89 20.26 12.46
C ASP B 117 -2.28 21.29 13.51
N GLU B 118 -3.16 20.88 14.43
CA GLU B 118 -3.60 21.79 15.49
C GLU B 118 -2.46 22.11 16.46
N LYS B 119 -1.67 21.10 16.83
CA LYS B 119 -0.57 21.32 17.77
C LYS B 119 0.48 22.25 17.16
N ALA B 120 0.81 22.06 15.88
CA ALA B 120 1.77 22.93 15.22
C ALA B 120 1.26 24.36 15.15
N ILE B 121 -0.03 24.54 14.87
CA ILE B 121 -0.62 25.87 14.81
C ILE B 121 -0.55 26.53 16.19
N SER B 122 -0.85 25.78 17.24
CA SER B 122 -0.77 26.35 18.59
C SER B 122 0.66 26.73 18.95
N ILE B 123 1.63 25.89 18.59
CA ILE B 123 3.03 26.19 18.89
C ILE B 123 3.48 27.43 18.12
N LEU B 124 3.08 27.55 16.86
CA LEU B 124 3.42 28.74 16.09
C LEU B 124 2.76 29.98 16.66
N LYS B 125 1.52 29.86 17.13
CA LYS B 125 0.85 31.00 17.76
C LYS B 125 1.61 31.43 19.02
N ASP B 126 2.05 30.47 19.83
CA ASP B 126 2.83 30.82 21.02
C ASP B 126 4.14 31.49 20.64
N SER B 127 4.82 30.97 19.61
CA SER B 127 6.09 31.56 19.18
C SER B 127 5.90 32.98 18.68
N LEU B 128 4.82 33.23 17.93
CA LEU B 128 4.55 34.57 17.42
C LEU B 128 4.16 35.52 18.55
N THR B 129 3.40 35.04 19.53
CA THR B 129 3.03 35.89 20.66
C THR B 129 4.24 36.23 21.53
N ASN B 130 5.19 35.31 21.65
CA ASN B 130 6.38 35.54 22.46
C ASN B 130 7.44 36.36 21.74
N LYS B 131 7.09 37.02 20.64
CA LYS B 131 8.05 37.85 19.92
C LYS B 131 8.22 39.22 20.54
N LYS B 132 7.27 39.68 21.36
CA LYS B 132 7.36 40.96 22.04
C LYS B 132 7.62 40.72 23.51
N VAL B 133 8.57 41.47 24.08
CA VAL B 133 9.07 41.17 25.42
C VAL B 133 8.05 41.52 26.50
N VAL B 134 7.16 42.46 26.23
CA VAL B 134 6.26 42.99 27.26
C VAL B 134 5.15 42.00 27.54
N ASN B 135 4.85 41.81 28.82
CA ASN B 135 3.75 40.95 29.25
C ASN B 135 2.49 41.81 29.41
N ASP B 136 1.49 41.56 28.57
CA ASP B 136 0.21 42.28 28.62
C ASP B 136 0.40 43.78 28.42
N LEU B 137 0.94 44.14 27.26
CA LEU B 137 1.06 45.54 26.90
C LEU B 137 -0.29 46.12 26.49
N ASP B 138 -0.92 45.53 25.49
CA ASP B 138 -2.27 45.90 25.06
C ASP B 138 -3.35 45.14 25.83
N GLU B 139 -2.98 44.42 26.89
CA GLU B 139 -3.90 43.65 27.73
C GLU B 139 -4.63 42.59 26.92
N SER B 140 -3.82 41.68 26.34
CA SER B 140 -4.30 40.44 25.73
C SER B 140 -5.36 40.71 24.64
N ASP B 141 -4.93 41.42 23.60
CA ASP B 141 -5.80 41.66 22.44
C ASP B 141 -4.93 41.82 21.20
N ILE B 142 -4.74 40.73 20.47
CA ILE B 142 -4.08 40.77 19.16
C ILE B 142 -4.69 39.67 18.29
N LYS B 143 -5.12 40.04 17.09
CA LYS B 143 -5.74 39.10 16.16
C LYS B 143 -4.66 38.49 15.28
N ILE B 144 -4.45 37.18 15.43
CA ILE B 144 -3.45 36.45 14.67
C ILE B 144 -4.15 35.65 13.57
N ASN B 145 -3.63 35.73 12.36
CA ASN B 145 -4.27 35.10 11.20
C ASN B 145 -3.64 33.74 10.93
N LEU B 146 -3.88 32.83 11.87
CA LEU B 146 -3.48 31.42 11.72
C LEU B 146 -4.73 30.57 11.65
N PHE B 147 -4.78 29.66 10.68
CA PHE B 147 -5.95 28.83 10.42
C PHE B 147 -5.56 27.36 10.52
N CYS B 148 -6.37 26.59 11.24
CA CYS B 148 -6.21 25.13 11.29
C CYS B 148 -7.29 24.53 10.39
N CYS B 149 -6.93 24.32 9.13
CA CYS B 149 -7.88 23.87 8.12
C CYS B 149 -7.11 23.25 6.96
N ASP B 150 -7.85 22.76 5.97
CA ASP B 150 -7.27 22.25 4.74
C ASP B 150 -7.08 23.43 3.79
N SER B 151 -5.81 23.72 3.46
CA SER B 151 -5.52 24.87 2.61
C SER B 151 -6.13 24.73 1.22
N LEU B 152 -6.28 23.49 0.74
CA LEU B 152 -6.84 23.26 -0.58
C LEU B 152 -8.37 23.36 -0.61
N LYS B 153 -9.03 23.34 0.54
CA LYS B 153 -10.48 23.47 0.60
C LYS B 153 -10.96 24.83 1.10
N LYS B 154 -10.11 25.60 1.76
CA LYS B 154 -10.54 26.87 2.33
C LYS B 154 -10.89 27.86 1.25
N LYS B 155 -12.00 28.59 1.45
CA LYS B 155 -12.44 29.64 0.54
C LYS B 155 -11.76 30.94 0.95
N TRP B 156 -10.79 31.38 0.16
CA TRP B 156 -10.01 32.57 0.47
C TRP B 156 -10.77 33.81 -0.02
N ARG B 157 -11.03 34.75 0.89
CA ARG B 157 -11.78 35.94 0.53
C ARG B 157 -10.95 36.93 -0.27
N TYR B 158 -9.63 36.87 -0.19
CA TYR B 158 -8.77 37.81 -0.89
C TYR B 158 -7.44 37.14 -1.22
N LYS B 159 -6.73 37.71 -2.19
CA LYS B 159 -5.44 37.21 -2.60
C LYS B 159 -4.35 37.79 -1.71
N PHE B 160 -3.10 37.36 -1.93
CA PHE B 160 -2.00 37.69 -1.05
C PHE B 160 -0.82 38.24 -1.85
N ASP B 161 -0.09 39.16 -1.22
CA ASP B 161 1.04 39.81 -1.88
C ASP B 161 2.22 38.86 -2.03
N TYR B 162 2.51 38.07 -1.01
CA TYR B 162 3.65 37.17 -1.04
C TYR B 162 3.26 35.82 -0.44
N ILE B 163 3.75 34.75 -1.05
CA ILE B 163 3.48 33.38 -0.62
C ILE B 163 4.79 32.62 -0.55
N VAL B 164 5.12 32.08 0.61
CA VAL B 164 6.32 31.30 0.83
C VAL B 164 5.95 30.01 1.56
N GLY B 165 6.88 29.07 1.59
CA GLY B 165 6.71 27.90 2.41
C GLY B 165 7.22 26.65 1.73
N ASN B 166 6.80 25.52 2.25
CA ASN B 166 7.23 24.20 1.78
C ASN B 166 6.05 23.25 1.89
N PRO B 167 5.37 22.95 0.79
CA PRO B 167 4.16 22.12 0.85
C PRO B 167 4.51 20.67 1.15
N PRO B 168 3.54 19.87 1.60
CA PRO B 168 3.80 18.44 1.79
C PRO B 168 3.92 17.72 0.46
N TYR B 169 4.68 16.61 0.47
CA TYR B 169 4.85 15.75 -0.70
C TYR B 169 4.23 14.40 -0.36
N ILE B 170 3.11 14.08 -1.01
CA ILE B 170 2.45 12.79 -0.82
C ILE B 170 2.15 12.21 -2.20
N GLY B 171 2.64 11.00 -2.45
CA GLY B 171 2.46 10.35 -3.72
C GLY B 171 1.11 9.66 -3.83
N HIS B 172 0.93 8.93 -4.93
CA HIS B 172 -0.33 8.24 -5.17
C HIS B 172 -0.52 7.03 -4.25
N LYS B 173 0.54 6.53 -3.62
CA LYS B 173 0.39 5.39 -2.73
C LYS B 173 -0.05 5.81 -1.33
N LYS B 174 0.48 6.92 -0.82
CA LYS B 174 0.30 7.31 0.57
C LYS B 174 -0.84 8.31 0.78
N LEU B 175 -1.64 8.57 -0.26
CA LEU B 175 -2.82 9.41 -0.14
C LEU B 175 -4.07 8.55 -0.01
N GLU B 176 -5.00 8.98 0.82
CA GLU B 176 -6.28 8.29 0.95
C GLU B 176 -7.12 8.52 -0.29
N LYS B 177 -7.95 7.52 -0.61
CA LYS B 177 -8.64 7.51 -1.91
C LYS B 177 -9.76 8.55 -1.98
N LYS B 178 -10.45 8.82 -0.87
CA LYS B 178 -11.49 9.84 -0.89
C LYS B 178 -10.90 11.22 -1.15
N TYR B 179 -9.77 11.53 -0.50
CA TYR B 179 -9.11 12.80 -0.76
C TYR B 179 -8.58 12.85 -2.19
N LYS B 180 -8.17 11.71 -2.74
CA LYS B 180 -7.76 11.68 -4.14
C LYS B 180 -8.94 11.96 -5.07
N LYS B 181 -10.13 11.46 -4.72
CA LYS B 181 -11.32 11.81 -5.50
C LYS B 181 -11.60 13.30 -5.43
N PHE B 182 -11.45 13.89 -4.24
CA PHE B 182 -11.62 15.33 -4.12
C PHE B 182 -10.62 16.08 -4.99
N LEU B 183 -9.36 15.66 -4.97
CA LEU B 183 -8.33 16.30 -5.79
C LEU B 183 -8.63 16.16 -7.28
N LEU B 184 -9.06 14.97 -7.70
CA LEU B 184 -9.36 14.75 -9.11
C LEU B 184 -10.57 15.56 -9.55
N GLU B 185 -11.50 15.85 -8.64
CA GLU B 185 -12.69 16.60 -9.01
C GLU B 185 -12.45 18.11 -8.97
N LYS B 186 -11.63 18.60 -8.05
CA LYS B 186 -11.43 20.02 -7.86
C LYS B 186 -10.13 20.55 -8.46
N TYR B 187 -9.11 19.72 -8.59
CA TYR B 187 -7.79 20.13 -9.08
C TYR B 187 -7.40 19.33 -10.31
N SER B 188 -8.37 19.07 -11.20
CA SER B 188 -8.10 18.27 -12.38
C SER B 188 -7.13 18.94 -13.34
N GLU B 189 -6.98 20.27 -13.26
CA GLU B 189 -6.08 20.98 -14.17
C GLU B 189 -4.62 20.62 -13.92
N VAL B 190 -4.27 20.19 -12.72
CA VAL B 190 -2.89 19.79 -12.42
C VAL B 190 -2.77 18.40 -11.83
N TYR B 191 -3.82 17.84 -11.24
CA TYR B 191 -3.73 16.53 -10.59
C TYR B 191 -4.36 15.48 -11.49
N LYS B 192 -3.66 14.36 -11.66
CA LYS B 192 -4.05 13.32 -12.60
C LYS B 192 -3.41 12.00 -12.15
N ASP B 193 -3.29 11.05 -13.08
CA ASP B 193 -3.03 9.64 -12.81
C ASP B 193 -2.07 9.40 -11.66
N LYS B 194 -0.82 9.89 -11.77
CA LYS B 194 0.18 9.66 -10.75
C LYS B 194 0.76 10.97 -10.25
N ALA B 195 -0.06 12.02 -10.19
CA ALA B 195 0.39 13.31 -9.71
C ALA B 195 0.60 13.29 -8.20
N ASP B 196 1.24 14.34 -7.71
CA ASP B 196 1.54 14.51 -6.29
C ASP B 196 0.71 15.66 -5.73
N LEU B 197 0.62 15.70 -4.39
CA LEU B 197 -0.18 16.73 -3.73
C LEU B 197 0.42 18.12 -3.92
N TYR B 198 1.75 18.22 -4.00
CA TYR B 198 2.34 19.54 -4.18
C TYR B 198 2.04 20.13 -5.56
N PHE B 199 1.56 19.33 -6.51
CA PHE B 199 1.01 19.90 -7.73
C PHE B 199 -0.20 20.76 -7.41
N CYS B 200 -1.13 20.22 -6.61
CA CYS B 200 -2.29 20.98 -6.19
C CYS B 200 -1.89 22.17 -5.33
N PHE B 201 -0.85 22.00 -4.51
CA PHE B 201 -0.37 23.14 -3.73
C PHE B 201 0.18 24.25 -4.62
N TYR B 202 0.93 23.89 -5.66
CA TYR B 202 1.38 24.87 -6.65
C TYR B 202 0.19 25.60 -7.27
N LYS B 203 -0.84 24.84 -7.67
CA LYS B 203 -2.00 25.45 -8.31
C LYS B 203 -2.70 26.40 -7.36
N LYS B 204 -2.87 26.01 -6.09
CA LYS B 204 -3.52 26.87 -5.11
C LYS B 204 -2.70 28.13 -4.85
N ILE B 205 -1.38 27.99 -4.77
CA ILE B 205 -0.51 29.16 -4.54
C ILE B 205 -0.63 30.12 -5.71
N ILE B 206 -0.62 29.61 -6.93
CA ILE B 206 -0.75 30.46 -8.11
C ILE B 206 -2.11 31.15 -8.14
N ASP B 207 -3.17 30.43 -7.76
CA ASP B 207 -4.52 30.97 -7.87
C ASP B 207 -4.73 32.18 -6.96
N ILE B 208 -4.22 32.13 -5.73
CA ILE B 208 -4.50 33.17 -4.75
C ILE B 208 -3.34 34.16 -4.64
N LEU B 209 -2.51 34.26 -5.67
CA LEU B 209 -1.42 35.24 -5.69
C LEU B 209 -1.94 36.54 -6.27
N LYS B 210 -1.85 37.62 -5.50
CA LYS B 210 -2.33 38.92 -5.94
C LYS B 210 -1.52 39.42 -7.13
N GLN B 211 -2.18 40.20 -7.99
CA GLN B 211 -1.51 40.74 -9.16
C GLN B 211 -0.30 41.56 -8.77
N GLY B 212 0.84 41.25 -9.37
CA GLY B 212 2.10 41.86 -8.98
C GLY B 212 2.79 41.20 -7.82
N GLY B 213 2.23 40.13 -7.26
CA GLY B 213 2.85 39.46 -6.13
C GLY B 213 3.98 38.54 -6.55
N ILE B 214 4.69 38.03 -5.54
CA ILE B 214 5.83 37.15 -5.73
C ILE B 214 5.66 35.93 -4.83
N GLY B 215 5.89 34.75 -5.38
CA GLY B 215 5.87 33.52 -4.61
C GLY B 215 7.19 32.78 -4.77
N SER B 216 7.57 32.05 -3.73
CA SER B 216 8.81 31.27 -3.75
C SER B 216 8.63 30.06 -2.85
N VAL B 217 8.81 28.87 -3.42
CA VAL B 217 8.59 27.62 -2.69
C VAL B 217 9.74 26.66 -2.98
N ILE B 218 9.84 25.63 -2.12
CA ILE B 218 10.78 24.54 -2.31
C ILE B 218 9.98 23.25 -2.40
N THR B 219 10.18 22.49 -3.48
CA THR B 219 9.40 21.28 -3.75
C THR B 219 10.33 20.20 -4.28
N PRO B 220 9.85 18.99 -4.56
CA PRO B 220 10.66 18.04 -5.31
C PRO B 220 10.90 18.56 -6.73
N ARG B 221 12.04 18.16 -7.29
CA ARG B 221 12.42 18.55 -8.64
C ARG B 221 11.88 17.62 -9.71
N TYR B 222 11.18 16.56 -9.31
CA TYR B 222 10.75 15.55 -10.28
C TYR B 222 9.72 16.10 -11.26
N PHE B 223 8.91 17.09 -10.85
CA PHE B 223 7.90 17.63 -11.74
C PHE B 223 8.49 18.37 -12.93
N LEU B 224 9.76 18.76 -12.86
CA LEU B 224 10.42 19.42 -13.98
C LEU B 224 10.59 18.48 -15.17
N GLU B 225 10.55 17.17 -14.95
CA GLU B 225 10.77 16.20 -16.02
C GLU B 225 9.76 15.07 -16.07
N SER B 226 9.02 14.82 -14.99
CA SER B 226 8.17 13.63 -14.92
C SER B 226 7.01 13.73 -15.90
N LEU B 227 6.49 12.55 -16.28
CA LEU B 227 5.32 12.48 -17.13
C LEU B 227 4.10 13.09 -16.45
N SER B 228 3.99 12.90 -15.12
CA SER B 228 2.83 13.39 -14.38
C SER B 228 2.80 14.92 -14.29
N GLY B 229 3.94 15.59 -14.42
CA GLY B 229 4.04 17.02 -14.27
C GLY B 229 3.74 17.84 -15.50
N LYS B 230 3.25 17.21 -16.57
CA LYS B 230 3.00 17.92 -17.82
C LYS B 230 1.99 19.05 -17.62
N ASP B 231 0.83 18.73 -17.04
CA ASP B 231 -0.20 19.75 -16.86
C ASP B 231 0.24 20.81 -15.87
N LEU B 232 0.96 20.43 -14.82
CA LEU B 232 1.46 21.42 -13.86
C LEU B 232 2.45 22.37 -14.53
N ARG B 233 3.34 21.83 -15.37
CA ARG B 233 4.28 22.69 -16.08
C ARG B 233 3.54 23.64 -17.02
N GLU B 234 2.52 23.15 -17.71
CA GLU B 234 1.73 24.03 -18.57
C GLU B 234 1.05 25.13 -17.77
N TYR B 235 0.47 24.78 -16.61
CA TYR B 235 -0.22 25.76 -15.77
C TYR B 235 0.74 26.82 -15.27
N ILE B 236 1.91 26.40 -14.79
CA ILE B 236 2.91 27.35 -14.29
C ILE B 236 3.38 28.27 -15.41
N LYS B 237 3.67 27.69 -16.58
CA LYS B 237 4.15 28.49 -17.70
C LYS B 237 3.10 29.50 -18.16
N SER B 238 1.83 29.11 -18.17
CA SER B 238 0.78 29.95 -18.73
C SER B 238 0.14 30.90 -17.72
N ASN B 239 0.43 30.76 -16.42
CA ASN B 239 -0.23 31.61 -15.44
C ASN B 239 0.69 32.55 -14.66
N VAL B 240 2.00 32.27 -14.57
CA VAL B 240 2.93 33.13 -13.85
C VAL B 240 4.20 33.30 -14.67
N ASN B 241 4.97 34.33 -14.32
CA ASN B 241 6.30 34.53 -14.85
C ASN B 241 7.30 33.84 -13.93
N VAL B 242 8.02 32.85 -14.45
CA VAL B 242 8.99 32.12 -13.65
C VAL B 242 10.25 32.97 -13.53
N GLN B 243 10.55 33.42 -12.31
CA GLN B 243 11.73 34.24 -12.09
C GLN B 243 13.00 33.40 -12.05
N GLU B 244 13.00 32.35 -11.23
CA GLU B 244 14.22 31.61 -10.96
C GLU B 244 13.91 30.17 -10.58
N ILE B 245 14.74 29.26 -11.08
CA ILE B 245 14.69 27.85 -10.73
C ILE B 245 16.08 27.44 -10.25
N VAL B 246 16.16 27.01 -8.99
CA VAL B 246 17.39 26.50 -8.41
C VAL B 246 17.22 25.00 -8.32
N ASP B 247 17.99 24.25 -9.14
CA ASP B 247 17.90 22.80 -9.22
C ASP B 247 19.09 22.20 -8.47
N PHE B 248 18.82 21.46 -7.40
CA PHE B 248 19.85 20.79 -6.63
C PHE B 248 20.12 19.37 -7.12
N LEU B 249 19.38 18.92 -8.14
CA LEU B 249 19.56 17.60 -8.74
C LEU B 249 19.53 16.51 -7.69
N GLY B 250 20.58 15.69 -7.63
CA GLY B 250 20.63 14.58 -6.71
C GLY B 250 21.13 14.91 -5.32
N ALA B 251 21.42 16.17 -5.03
CA ALA B 251 21.92 16.51 -3.70
C ALA B 251 20.86 16.31 -2.64
N ASN B 252 21.30 15.99 -1.43
CA ASN B 252 20.43 15.75 -0.29
C ASN B 252 20.37 17.01 0.57
N ILE B 253 19.22 17.69 0.53
CA ILE B 253 19.05 18.91 1.31
C ILE B 253 18.41 18.61 2.65
N PHE B 254 17.42 17.72 2.67
CA PHE B 254 16.77 17.30 3.91
C PHE B 254 17.47 16.05 4.43
N LYS B 255 18.07 16.15 5.61
CA LYS B 255 18.85 15.05 6.16
C LYS B 255 17.98 13.84 6.44
N ASN B 256 18.47 12.67 6.05
CA ASN B 256 17.77 11.40 6.24
C ASN B 256 16.40 11.38 5.57
N ILE B 257 16.25 12.17 4.51
CA ILE B 257 15.02 12.21 3.70
C ILE B 257 15.40 11.84 2.28
N GLY B 258 14.76 10.80 1.76
CA GLY B 258 15.03 10.36 0.41
C GLY B 258 14.26 11.14 -0.64
N VAL B 259 14.65 12.40 -0.85
CA VAL B 259 14.01 13.26 -1.83
C VAL B 259 15.06 14.14 -2.49
N SER B 260 14.74 14.60 -3.70
CA SER B 260 15.57 15.54 -4.44
C SER B 260 14.77 16.83 -4.60
N SER B 261 15.40 17.97 -4.31
CA SER B 261 14.68 19.21 -4.10
C SER B 261 15.04 20.25 -5.16
N CYS B 262 14.14 21.22 -5.31
CA CYS B 262 14.35 22.38 -6.15
C CYS B 262 13.59 23.56 -5.53
N ILE B 263 14.01 24.76 -5.91
CA ILE B 263 13.41 26.00 -5.42
C ILE B 263 12.89 26.79 -6.62
N LEU B 264 11.61 27.14 -6.58
CA LEU B 264 10.99 27.90 -7.65
C LEU B 264 10.54 29.26 -7.12
N THR B 265 10.94 30.32 -7.81
CA THR B 265 10.50 31.68 -7.52
C THR B 265 9.83 32.24 -8.76
N PHE B 266 8.61 32.75 -8.59
CA PHE B 266 7.78 33.24 -9.69
C PHE B 266 7.05 34.49 -9.23
N ASP B 267 6.45 35.20 -10.20
CA ASP B 267 5.71 36.42 -9.89
C ASP B 267 4.55 36.56 -10.87
N LYS B 268 3.71 37.55 -10.61
CA LYS B 268 2.61 37.94 -11.48
C LYS B 268 2.74 39.40 -11.91
N LYS B 269 3.95 39.80 -12.27
CA LYS B 269 4.21 41.16 -12.71
C LYS B 269 4.07 41.27 -14.23
N LYS B 270 4.00 42.51 -14.71
CA LYS B 270 3.95 42.79 -16.15
C LYS B 270 5.36 42.68 -16.69
N THR B 271 5.74 41.47 -17.11
CA THR B 271 7.08 41.20 -17.59
C THR B 271 7.18 41.53 -19.09
N LYS B 272 8.27 42.20 -19.47
CA LYS B 272 8.47 42.52 -20.87
C LYS B 272 8.79 41.27 -21.68
N GLU B 273 9.89 40.59 -21.34
CA GLU B 273 10.28 39.32 -21.95
C GLU B 273 10.83 38.45 -20.83
N THR B 274 9.96 37.61 -20.26
CA THR B 274 10.31 36.85 -19.05
C THR B 274 11.36 35.79 -19.38
N TYR B 275 12.56 35.99 -18.85
CA TYR B 275 13.60 34.98 -18.85
C TYR B 275 13.68 34.33 -17.47
N ILE B 276 14.26 33.13 -17.44
CA ILE B 276 14.36 32.35 -16.22
C ILE B 276 15.84 32.14 -15.92
N ASP B 277 16.28 32.56 -14.73
CA ASP B 277 17.58 32.19 -14.23
C ASP B 277 17.53 30.75 -13.73
N VAL B 278 18.47 29.93 -14.19
CA VAL B 278 18.54 28.52 -13.81
C VAL B 278 19.91 28.29 -13.21
N PHE B 279 19.94 27.86 -11.95
CA PHE B 279 21.15 27.47 -11.25
C PHE B 279 21.11 25.96 -11.06
N LYS B 280 21.92 25.25 -11.84
CA LYS B 280 22.02 23.80 -11.74
C LYS B 280 23.31 23.43 -11.01
N ILE B 281 23.20 22.55 -10.03
CA ILE B 281 24.36 22.16 -9.25
C ILE B 281 25.29 21.31 -10.11
N LYS B 282 26.60 21.47 -9.90
CA LYS B 282 27.58 20.71 -10.66
C LYS B 282 27.96 19.41 -9.95
N ASN B 283 28.26 19.50 -8.65
CA ASN B 283 28.65 18.34 -7.85
C ASN B 283 27.55 18.05 -6.85
N GLU B 284 27.01 16.84 -6.89
CA GLU B 284 25.92 16.45 -5.99
C GLU B 284 26.40 16.09 -4.60
N ASP B 285 27.71 16.02 -4.38
CA ASP B 285 28.28 15.60 -3.09
C ASP B 285 28.74 16.79 -2.25
N ILE B 286 28.01 17.91 -2.29
CA ILE B 286 28.38 19.09 -1.53
C ILE B 286 27.54 19.16 -0.26
N CYS B 287 28.16 19.68 0.80
CA CYS B 287 27.45 19.96 2.04
C CYS B 287 26.95 21.40 1.98
N ILE B 288 25.66 21.60 2.20
CA ILE B 288 25.01 22.87 1.93
C ILE B 288 25.35 23.89 3.00
N ASN B 289 26.10 23.44 4.01
CA ASN B 289 26.62 24.31 5.06
C ASN B 289 27.98 24.90 4.70
N LYS B 290 28.33 24.90 3.41
CA LYS B 290 29.61 25.43 2.98
C LYS B 290 29.72 26.92 3.27
N PHE B 291 28.66 27.68 2.99
CA PHE B 291 28.62 29.11 3.26
C PHE B 291 27.51 29.42 4.26
N GLU B 292 27.56 30.64 4.81
CA GLU B 292 26.50 31.09 5.69
C GLU B 292 25.26 31.52 4.92
N THR B 293 25.36 31.73 3.61
CA THR B 293 24.24 32.16 2.78
C THR B 293 24.22 31.34 1.50
N LEU B 294 23.01 31.12 0.97
CA LEU B 294 22.87 30.38 -0.28
C LEU B 294 23.28 31.20 -1.49
N GLU B 295 23.24 32.54 -1.40
CA GLU B 295 23.68 33.37 -2.51
C GLU B 295 25.13 33.13 -2.86
N GLU B 296 25.99 32.98 -1.84
CA GLU B 296 27.40 32.69 -2.10
C GLU B 296 27.57 31.35 -2.81
N LEU B 297 26.80 30.34 -2.40
CA LEU B 297 26.89 29.03 -3.04
C LEU B 297 26.42 29.10 -4.49
N LEU B 298 25.35 29.86 -4.76
CA LEU B 298 24.83 29.95 -6.12
C LEU B 298 25.80 30.66 -7.05
N LYS B 299 26.50 31.67 -6.55
CA LYS B 299 27.40 32.49 -7.36
C LYS B 299 28.81 31.91 -7.45
N SER B 300 29.04 30.72 -6.89
CA SER B 300 30.36 30.11 -6.87
C SER B 300 30.50 29.10 -8.01
N SER B 301 31.66 28.45 -8.06
CA SER B 301 31.91 27.40 -9.03
C SER B 301 31.09 26.14 -8.76
N LYS B 302 30.46 26.05 -7.59
CA LYS B 302 29.63 24.89 -7.27
C LYS B 302 28.37 24.82 -8.11
N PHE B 303 27.96 25.93 -8.73
CA PHE B 303 26.72 26.00 -9.49
C PHE B 303 26.98 26.57 -10.88
N GLU B 304 26.15 26.17 -11.83
CA GLU B 304 26.19 26.65 -13.20
C GLU B 304 24.92 27.43 -13.49
N HIS B 305 25.06 28.62 -14.05
CA HIS B 305 23.94 29.52 -14.28
C HIS B 305 23.70 29.71 -15.77
N PHE B 306 22.43 29.68 -16.17
CA PHE B 306 22.07 30.01 -17.54
C PHE B 306 20.63 30.49 -17.60
N ASN B 307 20.31 31.20 -18.69
CA ASN B 307 19.00 31.78 -18.89
C ASN B 307 18.18 30.95 -19.86
N ILE B 308 16.89 30.82 -19.57
CA ILE B 308 15.96 30.07 -20.41
C ILE B 308 14.77 30.98 -20.73
N ASN B 309 14.43 31.08 -22.02
CA ASN B 309 13.28 31.86 -22.43
C ASN B 309 11.99 31.08 -22.13
N GLN B 310 11.15 31.62 -21.25
CA GLN B 310 9.94 30.91 -20.87
C GLN B 310 8.96 30.83 -22.03
N ARG B 311 8.90 31.87 -22.86
CA ARG B 311 7.97 31.88 -23.99
C ARG B 311 8.30 30.79 -25.01
N LEU B 312 9.54 30.30 -25.05
CA LEU B 312 9.94 29.26 -25.97
C LEU B 312 9.78 27.87 -25.40
N LEU B 313 9.26 27.74 -24.17
CA LEU B 313 9.09 26.43 -23.56
C LEU B 313 7.96 25.65 -24.22
N SER B 314 8.18 24.36 -24.39
CA SER B 314 7.17 23.42 -24.87
C SER B 314 6.52 22.75 -23.67
N ASP B 315 5.76 21.68 -23.94
CA ASP B 315 5.21 20.88 -22.85
C ASP B 315 6.30 20.26 -21.99
N GLU B 316 7.52 20.14 -22.52
CA GLU B 316 8.67 19.66 -21.78
C GLU B 316 9.65 20.80 -21.54
N TRP B 317 10.22 20.83 -20.34
CA TRP B 317 11.18 21.86 -19.96
C TRP B 317 12.59 21.26 -20.03
N ILE B 318 13.33 21.64 -21.08
CA ILE B 318 14.70 21.16 -21.25
C ILE B 318 15.60 22.29 -20.75
N LEU B 319 15.99 22.21 -19.48
CA LEU B 319 16.77 23.25 -18.83
C LEU B 319 18.25 22.87 -18.92
N VAL B 320 18.85 23.15 -20.07
CA VAL B 320 20.25 22.86 -20.33
C VAL B 320 20.90 24.09 -20.95
N ASN B 321 22.24 24.10 -20.96
CA ASN B 321 22.99 25.19 -21.55
C ASN B 321 22.94 25.11 -23.08
N LYS B 322 23.59 26.07 -23.73
CA LYS B 322 23.53 26.16 -25.19
C LYS B 322 24.21 24.96 -25.85
N ASP B 323 25.37 24.55 -25.32
CA ASP B 323 26.09 23.41 -25.90
C ASP B 323 25.27 22.14 -25.83
N ASP B 324 24.66 21.87 -24.66
CA ASP B 324 23.80 20.70 -24.52
C ASP B 324 22.59 20.80 -25.42
N GLU B 325 22.03 22.00 -25.59
CA GLU B 325 20.88 22.17 -26.47
C GLU B 325 21.25 21.84 -27.91
N THR B 326 22.40 22.33 -28.39
CA THR B 326 22.81 22.04 -29.75
C THR B 326 23.12 20.55 -29.93
N PHE B 327 23.76 19.94 -28.94
CA PHE B 327 24.01 18.50 -28.96
C PHE B 327 22.71 17.72 -29.08
N TYR B 328 21.73 18.05 -28.24
CA TYR B 328 20.44 17.36 -28.26
C TYR B 328 19.74 17.57 -29.58
N ASN B 329 19.72 18.80 -30.11
CA ASN B 329 19.03 19.06 -31.36
C ASN B 329 19.69 18.33 -32.53
N LYS B 330 21.02 18.31 -32.57
CA LYS B 330 21.72 17.58 -33.62
C LYS B 330 21.36 16.11 -33.58
N ILE B 331 21.39 15.51 -32.38
CA ILE B 331 21.07 14.09 -32.28
C ILE B 331 19.61 13.83 -32.68
N GLN B 332 18.69 14.70 -32.23
CA GLN B 332 17.27 14.51 -32.51
C GLN B 332 17.00 14.59 -34.02
N GLU B 333 17.58 15.59 -34.69
CA GLU B 333 17.31 15.75 -36.11
C GLU B 333 18.12 14.79 -36.98
N LYS B 334 19.18 14.19 -36.44
CA LYS B 334 19.98 13.24 -37.20
C LYS B 334 19.37 11.84 -37.23
N CYS B 335 18.42 11.54 -36.34
CA CYS B 335 17.82 10.22 -36.23
C CYS B 335 16.42 10.24 -36.83
N LYS B 336 16.14 9.27 -37.71
CA LYS B 336 14.85 9.16 -38.36
C LYS B 336 13.89 8.21 -37.65
N TYR B 337 14.38 7.41 -36.70
CA TYR B 337 13.57 6.44 -36.00
C TYR B 337 13.67 6.65 -34.50
N SER B 338 12.68 6.10 -33.78
CA SER B 338 12.68 6.08 -32.33
C SER B 338 12.46 4.65 -31.85
N LEU B 339 12.87 4.38 -30.61
CA LEU B 339 12.75 3.03 -30.06
C LEU B 339 11.29 2.58 -30.00
N GLU B 340 10.36 3.51 -29.77
CA GLU B 340 8.95 3.15 -29.75
C GLU B 340 8.48 2.67 -31.12
N ASP B 341 9.04 3.24 -32.18
CA ASP B 341 8.64 2.84 -33.53
C ASP B 341 9.01 1.39 -33.83
N ILE B 342 10.20 0.97 -33.39
CA ILE B 342 10.75 -0.32 -33.82
C ILE B 342 10.62 -1.42 -32.77
N ALA B 343 10.20 -1.09 -31.55
CA ALA B 343 10.25 -2.06 -30.45
C ALA B 343 8.92 -2.10 -29.72
N ILE B 344 8.60 -3.31 -29.22
CA ILE B 344 7.51 -3.53 -28.27
C ILE B 344 8.14 -3.62 -26.89
N SER B 345 7.69 -2.75 -25.98
CA SER B 345 8.25 -2.65 -24.65
C SER B 345 7.24 -3.09 -23.61
N PHE B 346 7.74 -3.56 -22.46
CA PHE B 346 6.87 -3.97 -21.37
C PHE B 346 7.63 -3.95 -20.06
N GLN B 347 6.85 -3.90 -18.98
CA GLN B 347 7.32 -3.95 -17.61
C GLN B 347 7.38 -5.39 -17.12
N GLY B 348 8.22 -5.62 -16.11
CA GLY B 348 8.41 -6.95 -15.58
C GLY B 348 7.20 -7.46 -14.80
N ILE B 349 7.37 -8.67 -14.27
CA ILE B 349 6.31 -9.30 -13.48
C ILE B 349 6.06 -8.50 -12.21
N ILE B 350 4.79 -8.41 -11.81
CA ILE B 350 4.41 -7.84 -10.52
C ILE B 350 3.66 -8.92 -9.77
N THR B 351 4.39 -9.67 -8.93
CA THR B 351 3.79 -10.78 -8.20
C THR B 351 2.76 -10.28 -7.20
N GLY B 352 3.03 -9.17 -6.53
CA GLY B 352 2.23 -8.66 -5.45
C GLY B 352 2.76 -9.02 -4.08
N CYS B 353 3.51 -10.11 -3.97
CA CYS B 353 4.23 -10.47 -2.75
C CYS B 353 5.42 -11.32 -3.17
N ASP B 354 6.58 -10.70 -3.29
CA ASP B 354 7.75 -11.42 -3.81
C ASP B 354 8.21 -12.54 -2.89
N LYS B 355 7.92 -12.45 -1.59
CA LYS B 355 8.35 -13.50 -0.66
C LYS B 355 7.64 -14.82 -0.91
N ALA B 356 6.46 -14.80 -1.52
CA ALA B 356 5.69 -16.02 -1.73
C ALA B 356 5.98 -16.71 -3.06
N PHE B 357 6.65 -16.04 -4.00
CA PHE B 357 6.87 -16.60 -5.32
C PHE B 357 8.34 -16.64 -5.74
N ILE B 358 9.23 -15.94 -5.05
CA ILE B 358 10.64 -15.85 -5.43
C ILE B 358 11.44 -16.62 -4.40
N LEU B 359 12.24 -17.59 -4.87
CA LEU B 359 13.06 -18.41 -4.00
C LEU B 359 14.52 -18.33 -4.43
N SER B 360 15.41 -18.59 -3.48
CA SER B 360 16.83 -18.66 -3.80
C SER B 360 17.10 -19.86 -4.71
N LYS B 361 18.15 -19.73 -5.53
CA LYS B 361 18.51 -20.82 -6.43
C LYS B 361 18.89 -22.08 -5.67
N ASP B 362 19.46 -21.93 -4.48
CA ASP B 362 19.87 -23.07 -3.65
C ASP B 362 18.82 -23.43 -2.61
N ASP B 363 17.63 -22.82 -2.66
CA ASP B 363 16.61 -23.09 -1.67
C ASP B 363 16.11 -24.53 -1.78
N VAL B 364 15.87 -25.15 -0.62
CA VAL B 364 15.43 -26.54 -0.59
C VAL B 364 13.99 -26.67 -1.09
N LYS B 365 13.14 -25.68 -0.81
CA LYS B 365 11.73 -25.78 -1.15
C LYS B 365 11.50 -25.94 -2.64
N LEU B 366 12.47 -25.56 -3.48
CA LEU B 366 12.33 -25.73 -4.91
C LEU B 366 12.24 -27.20 -5.31
N ASN B 367 12.65 -28.12 -4.44
CA ASN B 367 12.46 -29.54 -4.70
C ASN B 367 10.99 -29.91 -4.73
N LEU B 368 10.12 -29.10 -4.11
CA LEU B 368 8.68 -29.36 -4.13
C LEU B 368 8.02 -28.87 -5.41
N VAL B 369 8.70 -28.04 -6.20
CA VAL B 369 8.13 -27.41 -7.38
C VAL B 369 8.73 -28.07 -8.62
N ASP B 370 7.87 -28.56 -9.51
CA ASP B 370 8.34 -29.11 -10.77
C ASP B 370 8.97 -28.00 -11.61
N ASP B 371 9.97 -28.38 -12.40
CA ASP B 371 10.69 -27.40 -13.21
C ASP B 371 9.80 -26.74 -14.26
N LYS B 372 8.63 -27.33 -14.54
CA LYS B 372 7.68 -26.71 -15.45
C LYS B 372 7.23 -25.35 -14.95
N PHE B 373 7.13 -25.18 -13.63
CA PHE B 373 6.63 -23.94 -13.03
C PHE B 373 7.73 -22.93 -12.75
N LEU B 374 9.00 -23.29 -12.90
CA LEU B 374 10.10 -22.45 -12.45
C LEU B 374 10.67 -21.65 -13.61
N LYS B 375 10.90 -20.35 -13.37
CA LYS B 375 11.50 -19.46 -14.33
C LYS B 375 12.71 -18.77 -13.69
N CYS B 376 13.67 -18.38 -14.52
CA CYS B 376 14.82 -17.64 -14.02
C CYS B 376 14.39 -16.22 -13.63
N TRP B 377 14.96 -15.72 -12.54
CA TRP B 377 14.57 -14.44 -11.96
C TRP B 377 15.80 -13.60 -11.72
N ILE B 378 15.78 -12.36 -12.19
CA ILE B 378 16.91 -11.45 -12.04
C ILE B 378 16.41 -10.13 -11.47
N LYS B 379 17.36 -9.37 -10.92
CA LYS B 379 17.11 -8.04 -10.39
C LYS B 379 17.86 -7.01 -11.23
N SER B 380 17.65 -5.74 -10.89
CA SER B 380 18.35 -4.66 -11.59
C SER B 380 19.86 -4.74 -11.39
N LYS B 381 20.30 -5.38 -10.31
CA LYS B 381 21.74 -5.53 -10.07
C LYS B 381 22.40 -6.37 -11.14
N ASN B 382 21.71 -7.40 -11.64
CA ASN B 382 22.30 -8.37 -12.55
C ASN B 382 22.54 -7.82 -13.95
N ILE B 383 22.02 -6.64 -14.27
CA ILE B 383 22.12 -6.12 -15.63
C ILE B 383 23.47 -5.42 -15.80
N ASN B 384 24.27 -5.92 -16.74
CA ASN B 384 25.49 -5.26 -17.17
C ASN B 384 25.22 -4.53 -18.49
N LYS B 385 26.28 -3.99 -19.10
CA LYS B 385 26.10 -3.19 -20.30
C LYS B 385 25.63 -4.01 -21.48
N TYR B 386 26.26 -5.17 -21.72
CA TYR B 386 25.94 -5.98 -22.89
C TYR B 386 25.36 -7.34 -22.57
N ILE B 387 25.63 -7.91 -21.40
CA ILE B 387 25.13 -9.22 -21.02
C ILE B 387 24.54 -9.15 -19.62
N VAL B 388 23.73 -10.16 -19.29
CA VAL B 388 23.07 -10.25 -17.99
C VAL B 388 23.81 -11.27 -17.13
N ASP B 389 23.94 -10.96 -15.84
CA ASP B 389 24.59 -11.87 -14.91
C ASP B 389 23.77 -13.14 -14.73
N LYS B 390 24.44 -14.20 -14.29
CA LYS B 390 23.77 -15.47 -14.05
C LYS B 390 22.65 -15.30 -13.03
N SER B 391 21.52 -15.93 -13.30
CA SER B 391 20.37 -15.82 -12.43
C SER B 391 20.66 -16.44 -11.07
N GLU B 392 20.17 -15.78 -10.01
CA GLU B 392 20.35 -16.26 -8.65
C GLU B 392 19.03 -16.59 -7.96
N TYR B 393 17.90 -16.41 -8.64
CA TYR B 393 16.59 -16.65 -8.03
C TYR B 393 15.68 -17.35 -9.02
N ARG B 394 14.70 -18.06 -8.47
CA ARG B 394 13.69 -18.77 -9.25
C ARG B 394 12.31 -18.22 -8.92
N LEU B 395 11.52 -17.99 -9.96
CA LEU B 395 10.14 -17.53 -9.83
C LEU B 395 9.20 -18.70 -10.08
N ILE B 396 8.27 -18.91 -9.15
CA ILE B 396 7.23 -19.92 -9.31
C ILE B 396 6.08 -19.25 -10.06
N TYR B 397 5.97 -19.54 -11.36
CA TYR B 397 4.91 -18.98 -12.19
C TYR B 397 3.62 -19.69 -11.83
N SER B 398 3.01 -19.25 -10.73
CA SER B 398 1.85 -19.92 -10.16
C SER B 398 0.60 -19.78 -11.01
N ASN B 399 0.59 -18.91 -12.02
CA ASN B 399 -0.56 -18.79 -12.90
C ASN B 399 -0.83 -20.09 -13.63
N ASP B 400 0.20 -20.89 -13.88
CA ASP B 400 0.04 -22.15 -14.59
C ASP B 400 -0.51 -23.27 -13.70
N ILE B 401 -0.59 -23.06 -12.39
CA ILE B 401 -1.20 -24.04 -11.50
C ILE B 401 -2.71 -24.02 -11.73
N ASP B 402 -3.24 -25.10 -12.27
CA ASP B 402 -4.64 -25.12 -12.70
C ASP B 402 -5.58 -25.22 -11.50
N ASN B 403 -5.48 -26.30 -10.74
CA ASN B 403 -6.38 -26.57 -9.62
C ASN B 403 -5.59 -26.64 -8.33
N GLU B 404 -6.24 -26.28 -7.22
CA GLU B 404 -5.59 -26.31 -5.92
C GLU B 404 -5.28 -27.73 -5.47
N ASN B 405 -6.11 -28.70 -5.87
CA ASN B 405 -5.93 -30.07 -5.39
C ASN B 405 -4.73 -30.75 -6.06
N THR B 406 -4.53 -30.51 -7.36
CA THR B 406 -3.47 -31.22 -8.09
C THR B 406 -2.07 -30.77 -7.68
N ASN B 407 -1.94 -29.58 -7.09
CA ASN B 407 -0.65 -29.05 -6.64
C ASN B 407 -0.77 -28.51 -5.22
N LYS B 408 -1.38 -29.31 -4.33
CA LYS B 408 -1.66 -28.87 -2.98
C LYS B 408 -0.38 -28.61 -2.19
N ARG B 409 0.67 -29.39 -2.43
CA ARG B 409 1.90 -29.25 -1.65
C ARG B 409 2.51 -27.87 -1.82
N ILE B 410 2.60 -27.40 -3.06
CA ILE B 410 3.22 -26.10 -3.34
C ILE B 410 2.43 -24.98 -2.68
N LEU B 411 1.10 -25.02 -2.81
CA LEU B 411 0.26 -23.98 -2.25
C LEU B 411 0.31 -23.99 -0.73
N ASP B 412 0.33 -25.18 -0.12
CA ASP B 412 0.30 -25.28 1.34
C ASP B 412 1.64 -24.94 1.98
N GLU B 413 2.75 -25.24 1.32
CA GLU B 413 4.06 -25.13 1.95
C GLU B 413 4.89 -23.94 1.50
N ILE B 414 4.54 -23.30 0.38
CA ILE B 414 5.35 -22.19 -0.12
C ILE B 414 4.51 -20.92 -0.25
N ILE B 415 3.50 -20.95 -1.12
CA ILE B 415 2.72 -19.75 -1.41
C ILE B 415 1.80 -19.41 -0.25
N GLY B 416 1.19 -20.42 0.36
CA GLY B 416 0.20 -20.19 1.40
C GLY B 416 0.74 -19.52 2.65
N LEU B 417 2.05 -19.56 2.86
CA LEU B 417 2.64 -18.95 4.04
C LEU B 417 2.39 -17.44 4.10
N TYR B 418 2.07 -16.82 2.97
CA TYR B 418 1.72 -15.40 2.91
C TYR B 418 0.30 -15.19 2.40
N LYS B 419 -0.53 -16.24 2.47
CA LYS B 419 -1.84 -16.21 1.83
C LYS B 419 -2.64 -14.98 2.23
N THR B 420 -2.65 -14.65 3.53
CA THR B 420 -3.41 -13.50 4.01
C THR B 420 -3.04 -12.25 3.24
N LYS B 421 -1.73 -11.96 3.13
CA LYS B 421 -1.31 -10.79 2.38
C LYS B 421 -1.72 -10.90 0.91
N LEU B 422 -1.59 -12.10 0.34
CA LEU B 422 -2.04 -12.31 -1.03
C LEU B 422 -3.54 -12.03 -1.16
N GLU B 423 -4.32 -12.32 -0.12
CA GLU B 423 -5.75 -12.07 -0.19
C GLU B 423 -6.10 -10.59 -0.07
N ASN B 424 -5.14 -9.73 0.30
CA ASN B 424 -5.41 -8.31 0.42
C ASN B 424 -5.14 -7.55 -0.87
N ARG B 425 -4.66 -8.22 -1.91
CA ARG B 425 -4.43 -7.57 -3.19
C ARG B 425 -5.76 -7.17 -3.83
N ARG B 426 -5.71 -6.11 -4.64
CA ARG B 426 -6.94 -5.55 -5.20
C ARG B 426 -7.65 -6.56 -6.10
N GLU B 427 -6.90 -7.28 -6.92
CA GLU B 427 -7.50 -8.21 -7.87
C GLU B 427 -8.02 -9.47 -7.19
N CYS B 428 -7.41 -9.88 -6.07
CA CYS B 428 -7.95 -11.02 -5.33
C CYS B 428 -9.33 -10.69 -4.76
N LYS B 429 -9.50 -9.47 -4.26
CA LYS B 429 -10.84 -8.97 -4.00
C LYS B 429 -11.54 -8.71 -5.34
N SER B 430 -12.87 -8.78 -5.32
CA SER B 430 -13.74 -8.77 -6.49
C SER B 430 -13.63 -10.08 -7.29
N GLY B 431 -12.74 -10.99 -6.91
CA GLY B 431 -12.78 -12.35 -7.40
C GLY B 431 -12.30 -12.59 -8.82
N ILE B 432 -11.47 -11.69 -9.37
CA ILE B 432 -10.94 -11.91 -10.72
C ILE B 432 -9.58 -12.59 -10.71
N ARG B 433 -8.90 -12.63 -9.57
CA ARG B 433 -7.60 -13.28 -9.44
C ARG B 433 -7.62 -14.21 -8.24
N LYS B 434 -7.20 -15.46 -8.46
CA LYS B 434 -7.11 -16.41 -7.36
C LYS B 434 -5.98 -16.02 -6.41
N TRP B 435 -6.15 -16.43 -5.15
CA TRP B 435 -5.26 -15.94 -4.09
C TRP B 435 -3.80 -16.36 -4.33
N TYR B 436 -3.58 -17.51 -4.96
CA TYR B 436 -2.23 -18.01 -5.17
C TYR B 436 -1.65 -17.62 -6.53
N GLU B 437 -2.39 -16.86 -7.34
CA GLU B 437 -1.91 -16.45 -8.65
C GLU B 437 -1.14 -15.14 -8.57
N LEU B 438 -0.24 -14.94 -9.53
CA LEU B 438 0.49 -13.68 -9.62
C LEU B 438 -0.48 -12.54 -9.89
N GLN B 439 -0.26 -11.40 -9.21
CA GLN B 439 -1.16 -10.26 -9.37
C GLN B 439 -1.16 -9.76 -10.80
N TRP B 440 0.02 -9.55 -11.37
CA TRP B 440 0.16 -9.18 -12.78
C TRP B 440 1.22 -10.09 -13.42
N GLY B 441 0.78 -11.27 -13.85
CA GLY B 441 1.64 -12.16 -14.59
C GLY B 441 1.54 -11.87 -16.08
N ARG B 442 2.60 -11.30 -16.64
CA ARG B 442 2.55 -10.81 -18.02
C ARG B 442 2.55 -11.98 -18.98
N GLU B 443 2.61 -11.68 -20.27
CA GLU B 443 2.68 -12.73 -21.29
C GLU B 443 4.04 -13.40 -21.23
N LYS B 444 4.03 -14.72 -20.99
CA LYS B 444 5.29 -15.46 -20.97
C LYS B 444 5.96 -15.47 -22.33
N LEU B 445 5.18 -15.38 -23.41
CA LEU B 445 5.75 -15.34 -24.74
C LEU B 445 6.62 -14.10 -24.95
N PHE B 446 6.37 -13.03 -24.20
CA PHE B 446 7.23 -11.85 -24.29
C PHE B 446 8.55 -12.04 -23.56
N PHE B 447 8.55 -12.76 -22.44
CA PHE B 447 9.78 -12.95 -21.68
C PHE B 447 10.63 -14.08 -22.23
N GLU B 448 10.01 -15.19 -22.64
CA GLU B 448 10.75 -16.36 -23.11
C GLU B 448 11.11 -16.22 -24.59
N ARG B 449 11.90 -15.18 -24.87
CA ARG B 449 12.40 -14.91 -26.21
C ARG B 449 13.65 -14.05 -26.09
N LYS B 450 14.31 -13.84 -27.23
CA LYS B 450 15.43 -12.92 -27.26
C LYS B 450 14.93 -11.49 -27.16
N LYS B 451 15.50 -10.72 -26.24
CA LYS B 451 15.02 -9.37 -25.97
C LYS B 451 16.15 -8.56 -25.35
N ILE B 452 15.88 -7.28 -25.09
CA ILE B 452 16.81 -6.37 -24.45
C ILE B 452 16.19 -5.91 -23.14
N MET B 453 16.96 -5.98 -22.07
CA MET B 453 16.50 -5.60 -20.74
C MET B 453 17.40 -4.53 -20.16
N TYR B 454 16.80 -3.63 -19.37
CA TYR B 454 17.54 -2.56 -18.73
C TYR B 454 16.94 -2.28 -17.36
N PRO B 455 17.77 -1.90 -16.38
CA PRO B 455 17.24 -1.59 -15.05
C PRO B 455 16.43 -0.30 -15.07
N TYR B 456 15.49 -0.21 -14.14
CA TYR B 456 14.63 0.98 -14.07
C TYR B 456 15.30 2.15 -13.38
N LYS B 457 16.39 1.91 -12.66
CA LYS B 457 17.13 2.97 -11.97
C LYS B 457 18.61 2.63 -12.02
N SER B 458 19.41 3.52 -12.59
CA SER B 458 20.83 3.26 -12.73
C SER B 458 21.57 4.58 -12.90
N ASN B 459 22.90 4.51 -12.73
CA ASN B 459 23.76 5.67 -12.91
C ASN B 459 24.20 5.86 -14.36
N GLU B 460 23.92 4.90 -15.24
CA GLU B 460 24.36 4.97 -16.63
C GLU B 460 23.45 4.07 -17.46
N ASN B 461 23.74 4.02 -18.76
CA ASN B 461 22.98 3.18 -19.68
C ASN B 461 23.46 1.73 -19.56
N ARG B 462 22.51 0.81 -19.33
CA ARG B 462 22.81 -0.62 -19.26
C ARG B 462 21.68 -1.36 -19.98
N PHE B 463 21.86 -1.60 -21.28
CA PHE B 463 20.89 -2.28 -22.12
C PHE B 463 21.52 -3.60 -22.58
N ALA B 464 21.11 -4.71 -21.95
CA ALA B 464 21.74 -6.00 -22.18
C ALA B 464 20.83 -6.93 -22.95
N ILE B 465 21.44 -7.79 -23.76
CA ILE B 465 20.70 -8.80 -24.53
C ILE B 465 20.50 -10.03 -23.66
N ASP B 466 19.26 -10.53 -23.61
CA ASP B 466 18.93 -11.70 -22.81
C ASP B 466 18.85 -12.91 -23.73
N TYR B 467 19.62 -13.95 -23.39
CA TYR B 467 19.57 -15.22 -24.11
C TYR B 467 18.94 -16.34 -23.31
N ASP B 468 18.60 -16.11 -22.03
CA ASP B 468 18.24 -17.19 -21.12
C ASP B 468 16.81 -17.09 -20.61
N ASN B 469 15.94 -16.36 -21.32
CA ASN B 469 14.52 -16.26 -20.97
C ASN B 469 14.33 -15.77 -19.54
N ASN B 470 15.11 -14.75 -19.17
CA ASN B 470 15.06 -14.23 -17.81
C ASN B 470 13.76 -13.48 -17.55
N PHE B 471 13.10 -13.80 -16.45
CA PHE B 471 12.00 -13.00 -15.93
C PHE B 471 12.53 -11.99 -14.92
N SER B 472 11.71 -11.00 -14.62
CA SER B 472 12.13 -9.96 -13.69
C SER B 472 10.90 -9.27 -13.11
N SER B 473 11.13 -8.53 -12.03
CA SER B 473 10.10 -7.70 -11.43
C SER B 473 10.02 -6.37 -12.19
N ALA B 474 9.30 -5.40 -11.64
CA ALA B 474 9.18 -4.10 -12.27
C ALA B 474 10.42 -3.24 -12.11
N ASP B 475 11.48 -3.78 -11.50
CA ASP B 475 12.75 -3.07 -11.44
C ASP B 475 13.57 -3.25 -12.71
N VAL B 476 13.11 -4.07 -13.65
CA VAL B 476 13.77 -4.26 -14.94
C VAL B 476 12.72 -4.18 -16.02
N TYR B 477 12.98 -3.37 -17.05
CA TYR B 477 12.09 -3.26 -18.20
C TYR B 477 12.68 -4.01 -19.38
N SER B 478 11.81 -4.46 -20.28
CA SER B 478 12.25 -5.25 -21.42
C SER B 478 11.61 -4.71 -22.70
N PHE B 479 12.26 -4.99 -23.83
CA PHE B 479 11.65 -4.73 -25.13
C PHE B 479 12.25 -5.66 -26.16
N PHE B 480 11.50 -5.88 -27.24
CA PHE B 480 11.99 -6.68 -28.36
C PHE B 480 11.62 -5.99 -29.66
N ILE B 481 12.46 -6.21 -30.68
CA ILE B 481 12.27 -5.56 -31.97
C ILE B 481 11.08 -6.16 -32.69
N LYS B 482 10.28 -5.30 -33.32
CA LYS B 482 9.16 -5.78 -34.12
C LYS B 482 9.66 -6.55 -35.34
N GLU B 483 8.82 -7.46 -35.83
CA GLU B 483 9.22 -8.30 -36.96
C GLU B 483 9.47 -7.46 -38.20
N GLU B 484 8.63 -6.46 -38.46
CA GLU B 484 8.78 -5.64 -39.66
C GLU B 484 10.06 -4.81 -39.65
N TYR B 485 10.62 -4.53 -38.49
CA TYR B 485 11.88 -3.79 -38.38
C TYR B 485 13.08 -4.69 -38.14
N LEU B 486 12.90 -6.01 -38.14
CA LEU B 486 14.02 -6.90 -37.86
C LEU B 486 15.09 -6.81 -38.94
N ASP B 487 14.68 -6.68 -40.20
CA ASP B 487 15.66 -6.55 -41.28
C ASP B 487 16.41 -5.23 -41.23
N LYS B 488 15.90 -4.25 -40.48
CA LYS B 488 16.49 -2.92 -40.43
C LYS B 488 17.33 -2.69 -39.18
N PHE B 489 16.95 -3.26 -38.04
CA PHE B 489 17.70 -3.11 -36.80
C PHE B 489 17.88 -4.46 -36.14
N SER B 490 19.10 -4.71 -35.65
CA SER B 490 19.42 -5.90 -34.89
C SER B 490 19.66 -5.55 -33.43
N TYR B 491 19.54 -6.56 -32.57
CA TYR B 491 19.75 -6.33 -31.14
C TYR B 491 21.18 -5.91 -30.84
N GLU B 492 22.14 -6.49 -31.57
CA GLU B 492 23.55 -6.16 -31.33
C GLU B 492 23.82 -4.69 -31.64
N TYR B 493 23.31 -4.19 -32.77
CA TYR B 493 23.50 -2.78 -33.10
C TYR B 493 22.83 -1.88 -32.07
N LEU B 494 21.63 -2.25 -31.62
CA LEU B 494 20.92 -1.43 -30.64
C LEU B 494 21.68 -1.35 -29.32
N VAL B 495 22.18 -2.49 -28.82
CA VAL B 495 22.92 -2.45 -27.57
C VAL B 495 24.28 -1.78 -27.76
N GLY B 496 24.84 -1.85 -28.95
CA GLY B 496 26.10 -1.15 -29.20
C GLY B 496 25.92 0.35 -29.14
N ILE B 497 24.87 0.87 -29.77
CA ILE B 497 24.68 2.32 -29.78
C ILE B 497 24.06 2.84 -28.48
N LEU B 498 23.34 1.99 -27.74
CA LEU B 498 22.70 2.44 -26.52
C LEU B 498 23.64 2.47 -25.32
N ASN B 499 24.75 1.74 -25.37
CA ASN B 499 25.73 1.73 -24.30
C ASN B 499 26.89 2.68 -24.54
N SER B 500 26.86 3.44 -25.63
CA SER B 500 27.94 4.36 -25.96
C SER B 500 27.88 5.60 -25.06
N SER B 501 29.01 6.32 -25.01
CA SER B 501 29.05 7.57 -24.26
C SER B 501 28.09 8.59 -24.85
N VAL B 502 27.98 8.63 -26.18
CA VAL B 502 27.12 9.60 -26.84
C VAL B 502 25.69 9.42 -26.40
N TYR B 503 25.18 8.18 -26.43
CA TYR B 503 23.79 7.96 -26.08
C TYR B 503 23.55 8.06 -24.58
N ASP B 504 24.55 7.73 -23.76
CA ASP B 504 24.42 7.96 -22.33
C ASP B 504 24.22 9.45 -22.03
N LYS B 505 25.08 10.30 -22.61
CA LYS B 505 24.92 11.74 -22.43
C LYS B 505 23.60 12.23 -23.03
N TYR B 506 23.22 11.69 -24.19
CA TYR B 506 22.01 12.12 -24.87
C TYR B 506 20.76 11.81 -24.05
N PHE B 507 20.70 10.61 -23.47
CA PHE B 507 19.56 10.25 -22.62
C PHE B 507 19.57 11.06 -21.34
N LYS B 508 20.75 11.29 -20.75
CA LYS B 508 20.80 12.03 -19.50
C LYS B 508 20.49 13.51 -19.67
N ILE B 509 20.36 14.00 -20.91
CA ILE B 509 19.98 15.40 -21.12
C ILE B 509 18.59 15.67 -20.57
N THR B 510 17.63 14.80 -20.87
CA THR B 510 16.26 14.98 -20.44
C THR B 510 15.79 13.88 -19.47
N ALA B 511 16.71 13.07 -18.95
CA ALA B 511 16.33 11.98 -18.07
C ALA B 511 15.82 12.52 -16.73
N LYS B 512 15.15 11.64 -15.99
CA LYS B 512 14.53 12.01 -14.71
C LYS B 512 15.51 11.65 -13.60
N LYS B 513 16.21 12.66 -13.06
CA LYS B 513 17.15 12.44 -11.96
C LYS B 513 16.37 12.19 -10.69
N MET B 514 16.49 10.97 -10.14
CA MET B 514 15.72 10.60 -8.96
C MET B 514 16.46 10.92 -7.67
N SER B 515 17.66 10.37 -7.50
CA SER B 515 18.47 10.61 -6.32
C SER B 515 19.92 10.75 -6.77
N LYS B 516 20.84 10.71 -5.81
CA LYS B 516 22.25 10.86 -6.12
C LYS B 516 22.73 9.69 -6.96
N ASN B 517 23.25 10.00 -8.15
CA ASN B 517 23.76 9.00 -9.10
C ASN B 517 22.68 8.02 -9.54
N ILE B 518 21.43 8.47 -9.60
CA ILE B 518 20.31 7.62 -10.01
C ILE B 518 19.44 8.36 -11.01
N TYR B 519 19.27 7.78 -12.20
CA TYR B 519 18.30 8.25 -13.18
C TYR B 519 17.20 7.21 -13.34
N ASP B 520 16.02 7.68 -13.75
CA ASP B 520 14.89 6.80 -14.00
C ASP B 520 14.93 6.32 -15.45
N TYR B 521 15.10 5.02 -15.64
CA TYR B 521 15.08 4.41 -16.97
C TYR B 521 13.73 3.71 -17.14
N TYR B 522 12.73 4.50 -17.49
CA TYR B 522 11.36 4.05 -17.69
C TYR B 522 10.97 4.18 -19.15
N PRO B 523 10.01 3.38 -19.63
CA PRO B 523 9.64 3.46 -21.04
C PRO B 523 9.17 4.84 -21.48
N ASN B 524 8.54 5.62 -20.60
CA ASN B 524 7.99 6.90 -21.01
C ASN B 524 9.06 7.86 -21.51
N LYS B 525 10.33 7.59 -21.21
CA LYS B 525 11.45 8.35 -21.76
C LYS B 525 12.43 7.49 -22.55
N VAL B 526 12.63 6.23 -22.16
CA VAL B 526 13.54 5.36 -22.90
C VAL B 526 12.99 5.07 -24.29
N MET B 527 11.68 4.84 -24.40
CA MET B 527 11.08 4.56 -25.70
C MET B 527 11.11 5.77 -26.63
N LYS B 528 11.34 6.97 -26.09
CA LYS B 528 11.45 8.17 -26.90
C LYS B 528 12.88 8.43 -27.36
N ILE B 529 13.83 7.56 -27.02
CA ILE B 529 15.18 7.67 -27.55
C ILE B 529 15.14 7.46 -29.05
N ARG B 530 15.82 8.34 -29.78
CA ARG B 530 15.82 8.30 -31.25
C ARG B 530 17.03 7.55 -31.76
N ILE B 531 16.82 6.76 -32.81
CA ILE B 531 17.81 5.85 -33.36
C ILE B 531 18.11 6.23 -34.80
N PHE B 532 19.38 6.22 -35.17
CA PHE B 532 19.81 6.53 -36.52
C PHE B 532 20.18 5.26 -37.28
N ARG B 533 20.42 5.41 -38.58
CA ARG B 533 20.77 4.27 -39.43
C ARG B 533 21.50 4.83 -40.65
N ASP B 534 22.79 4.52 -40.77
CA ASP B 534 23.59 5.04 -41.88
C ASP B 534 24.66 4.01 -42.24
N ASN B 535 25.69 4.45 -42.97
CA ASN B 535 26.69 3.55 -43.53
C ASN B 535 27.58 2.92 -42.47
N ASN B 536 27.61 3.46 -41.26
CA ASN B 536 28.42 2.89 -40.17
C ASN B 536 27.70 1.77 -39.44
N TYR B 537 26.55 1.31 -39.96
CA TYR B 537 25.79 0.28 -39.26
C TYR B 537 26.58 -1.01 -39.12
N GLU B 538 27.21 -1.47 -40.22
CA GLU B 538 27.87 -2.77 -40.19
C GLU B 538 29.06 -2.77 -39.24
N GLU B 539 29.87 -1.71 -39.25
CA GLU B 539 31.03 -1.67 -38.37
C GLU B 539 30.63 -1.60 -36.91
N ILE B 540 29.60 -0.81 -36.59
CA ILE B 540 29.10 -0.74 -35.22
C ILE B 540 28.58 -2.11 -34.78
N GLU B 541 27.83 -2.78 -35.66
CA GLU B 541 27.31 -4.10 -35.32
C GLU B 541 28.44 -5.10 -35.09
N ASN B 542 29.48 -5.05 -35.93
CA ASN B 542 30.61 -5.97 -35.77
C ASN B 542 31.35 -5.69 -34.46
N LEU B 543 31.55 -4.42 -34.12
CA LEU B 543 32.20 -4.09 -32.85
C LEU B 543 31.36 -4.56 -31.66
N SER B 544 30.04 -4.39 -31.74
CA SER B 544 29.17 -4.86 -30.68
C SER B 544 29.25 -6.38 -30.53
N LYS B 545 29.26 -7.10 -31.65
CA LYS B 545 29.39 -8.55 -31.60
C LYS B 545 30.72 -8.97 -31.00
N GLN B 546 31.80 -8.25 -31.35
CA GLN B 546 33.11 -8.55 -30.78
C GLN B 546 33.10 -8.34 -29.26
N ILE B 547 32.51 -7.24 -28.80
CA ILE B 547 32.42 -6.99 -27.37
C ILE B 547 31.62 -8.08 -26.68
N ILE B 548 30.51 -8.49 -27.29
CA ILE B 548 29.68 -9.55 -26.70
C ILE B 548 30.46 -10.85 -26.62
N SER B 549 31.20 -11.20 -27.67
CA SER B 549 31.96 -12.44 -27.66
C SER B 549 33.06 -12.41 -26.61
N ILE B 550 33.72 -11.26 -26.45
CA ILE B 550 34.76 -11.16 -25.43
C ILE B 550 34.15 -11.27 -24.03
N LEU B 551 33.00 -10.62 -23.80
CA LEU B 551 32.39 -10.64 -22.48
C LEU B 551 31.90 -12.03 -22.10
N LEU B 552 31.50 -12.83 -23.08
CA LEU B 552 31.04 -14.19 -22.83
C LEU B 552 32.18 -15.20 -22.79
N ASN B 553 33.41 -14.77 -23.03
CA ASN B 553 34.54 -15.69 -23.06
C ASN B 553 34.94 -16.09 -21.65
N LYS B 554 35.74 -17.16 -21.56
CA LYS B 554 36.23 -17.63 -20.27
C LYS B 554 37.15 -16.60 -19.62
N SER B 555 38.06 -16.02 -20.41
CA SER B 555 38.96 -14.98 -19.93
C SER B 555 38.54 -13.65 -20.56
N ILE B 556 38.03 -12.75 -19.74
CA ILE B 556 37.54 -11.45 -20.21
C ILE B 556 38.70 -10.47 -20.22
N ASP B 557 39.01 -9.93 -21.41
CA ASP B 557 40.04 -8.92 -21.57
C ASP B 557 39.35 -7.56 -21.58
N LYS B 558 39.42 -6.85 -20.46
CA LYS B 558 38.73 -5.57 -20.34
C LYS B 558 39.35 -4.51 -21.24
N GLY B 559 40.65 -4.60 -21.51
CA GLY B 559 41.29 -3.61 -22.36
C GLY B 559 40.78 -3.64 -23.79
N LYS B 560 40.61 -4.84 -24.35
CA LYS B 560 40.07 -4.96 -25.70
C LYS B 560 38.65 -4.42 -25.77
N VAL B 561 37.84 -4.73 -24.75
CA VAL B 561 36.48 -4.21 -24.70
C VAL B 561 36.50 -2.69 -24.65
N GLU B 562 37.39 -2.11 -23.84
CA GLU B 562 37.48 -0.66 -23.73
C GLU B 562 37.88 -0.03 -25.05
N LYS B 563 38.87 -0.60 -25.74
CA LYS B 563 39.29 -0.06 -27.02
C LYS B 563 38.18 -0.16 -28.06
N LEU B 564 37.47 -1.30 -28.10
CA LEU B 564 36.36 -1.46 -29.02
C LEU B 564 35.25 -0.46 -28.72
N GLN B 565 34.97 -0.23 -27.44
CA GLN B 565 33.96 0.75 -27.06
C GLN B 565 34.37 2.15 -27.49
N ILE B 566 35.65 2.50 -27.34
CA ILE B 566 36.14 3.81 -27.78
C ILE B 566 35.98 3.95 -29.29
N LYS B 567 36.32 2.89 -30.03
CA LYS B 567 36.16 2.93 -31.49
C LYS B 567 34.71 3.12 -31.88
N MET B 568 33.80 2.39 -31.22
CA MET B 568 32.38 2.54 -31.51
C MET B 568 31.88 3.94 -31.16
N ASP B 569 32.37 4.49 -30.05
CA ASP B 569 31.98 5.85 -29.67
C ASP B 569 32.43 6.86 -30.71
N ASN B 570 33.65 6.71 -31.22
CA ASN B 570 34.12 7.62 -32.27
C ASN B 570 33.30 7.45 -33.55
N LEU B 571 32.93 6.21 -33.88
CA LEU B 571 32.09 5.99 -35.05
C LEU B 571 30.73 6.67 -34.90
N ILE B 572 30.12 6.56 -33.71
CA ILE B 572 28.82 7.18 -33.48
C ILE B 572 28.94 8.70 -33.48
N MET B 573 30.04 9.23 -32.95
CA MET B 573 30.26 10.67 -33.01
C MET B 573 30.37 11.16 -34.45
N ASP B 574 31.09 10.40 -35.30
CA ASP B 574 31.13 10.75 -36.71
C ASP B 574 29.76 10.66 -37.35
N SER B 575 28.99 9.62 -37.01
CA SER B 575 27.68 9.42 -37.63
C SER B 575 26.70 10.54 -37.28
N LEU B 576 26.68 10.96 -36.02
CA LEU B 576 25.75 11.99 -35.57
C LEU B 576 26.32 13.40 -35.71
N GLY B 577 27.58 13.55 -36.09
CA GLY B 577 28.18 14.86 -36.23
C GLY B 577 28.31 15.60 -34.91
N ILE B 578 28.61 14.88 -33.83
CA ILE B 578 28.74 15.50 -32.52
C ILE B 578 30.21 15.52 -32.10
N GLY C 29 23.31 -16.46 43.44
CA GLY C 29 22.18 -16.78 42.60
C GLY C 29 20.88 -16.18 43.10
N ILE C 30 20.59 -16.39 44.39
CA ILE C 30 19.40 -15.86 45.03
C ILE C 30 19.82 -15.15 46.32
N TYR C 31 18.95 -14.26 46.78
CA TYR C 31 19.25 -13.39 47.91
C TYR C 31 18.24 -13.58 49.02
N TYR C 32 18.71 -13.51 50.26
CA TYR C 32 17.89 -13.77 51.43
C TYR C 32 17.06 -12.54 51.77
N THR C 33 15.77 -12.60 51.48
CA THR C 33 14.87 -11.50 51.80
C THR C 33 14.55 -11.53 53.30
N PRO C 34 14.69 -10.41 54.00
CA PRO C 34 14.40 -10.42 55.45
C PRO C 34 12.96 -10.80 55.73
N LYS C 35 12.76 -11.50 56.86
CA LYS C 35 11.45 -12.00 57.22
C LYS C 35 10.43 -10.88 57.45
N ILE C 36 10.89 -9.68 57.79
CA ILE C 36 9.97 -8.57 58.01
C ILE C 36 9.25 -8.21 56.71
N ILE C 37 10.01 -8.07 55.62
CA ILE C 37 9.42 -7.72 54.34
C ILE C 37 8.52 -8.84 53.85
N VAL C 38 8.94 -10.09 54.04
CA VAL C 38 8.14 -11.23 53.60
C VAL C 38 6.81 -11.26 54.35
N ASP C 39 6.85 -11.06 55.67
CA ASP C 39 5.62 -11.03 56.46
C ASP C 39 4.73 -9.89 56.02
N TYR C 40 5.30 -8.71 55.76
CA TYR C 40 4.50 -7.58 55.33
C TYR C 40 3.83 -7.86 53.99
N ILE C 41 4.56 -8.44 53.04
CA ILE C 41 4.00 -8.73 51.73
C ILE C 41 2.88 -9.77 51.83
N VAL C 42 3.12 -10.84 52.61
CA VAL C 42 2.10 -11.88 52.75
C VAL C 42 0.85 -11.32 53.40
N LYS C 43 1.02 -10.50 54.45
CA LYS C 43 -0.12 -9.88 55.10
C LYS C 43 -0.87 -8.96 54.14
N LYS C 44 -0.13 -8.18 53.35
CA LYS C 44 -0.77 -7.26 52.41
C LYS C 44 -1.56 -8.01 51.34
N THR C 45 -1.08 -9.19 50.94
CA THR C 45 -1.80 -9.96 49.92
C THR C 45 -2.98 -10.74 50.49
N LEU C 46 -2.87 -11.24 51.73
CA LEU C 46 -3.83 -12.17 52.29
C LEU C 46 -4.61 -11.60 53.47
N LYS C 47 -4.67 -10.27 53.59
CA LYS C 47 -5.36 -9.66 54.73
C LYS C 47 -6.87 -9.85 54.65
N ASN C 48 -7.45 -9.63 53.47
CA ASN C 48 -8.90 -9.55 53.31
C ASN C 48 -9.46 -10.71 52.51
N HIS C 49 -8.85 -11.88 52.60
CA HIS C 49 -9.31 -13.04 51.84
C HIS C 49 -10.50 -13.68 52.55
N ASP C 50 -11.63 -13.76 51.85
CA ASP C 50 -12.82 -14.43 52.36
C ASP C 50 -12.71 -15.91 51.99
N ILE C 51 -12.09 -16.68 52.89
CA ILE C 51 -11.84 -18.10 52.61
C ILE C 51 -13.15 -18.87 52.48
N ILE C 52 -14.20 -18.43 53.19
CA ILE C 52 -15.50 -19.08 53.05
C ILE C 52 -16.04 -18.91 51.64
N LYS C 53 -15.91 -17.70 51.08
CA LYS C 53 -16.37 -17.48 49.71
C LYS C 53 -15.53 -18.25 48.70
N ASN C 54 -14.22 -18.24 48.86
CA ASN C 54 -13.31 -18.93 47.93
C ASN C 54 -12.31 -19.76 48.73
N PRO C 55 -12.55 -21.06 48.87
CA PRO C 55 -11.60 -21.94 49.57
C PRO C 55 -10.49 -22.51 48.69
N TYR C 56 -10.34 -22.06 47.45
CA TYR C 56 -9.29 -22.52 46.55
C TYR C 56 -8.53 -21.32 46.01
N PRO C 57 -7.76 -20.62 46.84
CA PRO C 57 -6.99 -19.47 46.34
C PRO C 57 -5.63 -19.90 45.82
N ARG C 58 -5.27 -19.33 44.67
CA ARG C 58 -3.99 -19.62 44.02
C ARG C 58 -3.01 -18.50 44.33
N ILE C 59 -1.91 -18.84 44.99
CA ILE C 59 -0.88 -17.89 45.38
C ILE C 59 0.43 -18.32 44.76
N LEU C 60 1.05 -17.42 43.98
CA LEU C 60 2.20 -17.76 43.14
C LEU C 60 3.42 -16.93 43.51
N ASP C 61 4.56 -17.59 43.56
CA ASP C 61 5.86 -16.94 43.74
C ASP C 61 6.69 -17.21 42.48
N ILE C 62 6.83 -16.19 41.63
CA ILE C 62 7.53 -16.34 40.36
C ILE C 62 9.01 -16.58 40.58
N SER C 63 9.60 -15.96 41.60
CA SER C 63 11.01 -16.16 41.96
C SER C 63 11.03 -16.52 43.44
N CYS C 64 10.89 -17.82 43.73
CA CYS C 64 10.79 -18.28 45.10
C CYS C 64 12.14 -18.54 45.75
N GLY C 65 13.14 -18.92 44.97
CA GLY C 65 14.44 -19.24 45.56
C GLY C 65 14.31 -20.42 46.50
N CYS C 66 14.63 -20.18 47.77
CA CYS C 66 14.42 -21.17 48.82
C CYS C 66 13.00 -21.14 49.39
N GLY C 67 12.08 -20.46 48.72
CA GLY C 67 10.71 -20.36 49.18
C GLY C 67 10.53 -19.59 50.47
N ASN C 68 11.18 -18.44 50.60
CA ASN C 68 11.01 -17.63 51.80
C ASN C 68 9.57 -17.14 51.94
N PHE C 69 8.96 -16.71 50.83
CA PHE C 69 7.58 -16.23 50.88
C PHE C 69 6.60 -17.38 51.02
N LEU C 70 6.86 -18.50 50.33
CA LEU C 70 5.87 -19.57 50.27
C LEU C 70 5.70 -20.27 51.62
N LEU C 71 6.75 -20.36 52.43
CA LEU C 71 6.60 -20.97 53.76
C LEU C 71 5.70 -20.13 54.65
N GLU C 72 5.87 -18.80 54.63
CA GLU C 72 4.98 -17.93 55.39
C GLU C 72 3.55 -18.00 54.86
N VAL C 73 3.40 -18.08 53.53
CA VAL C 73 2.07 -18.25 52.96
C VAL C 73 1.44 -19.56 53.44
N TYR C 74 2.25 -20.62 53.51
CA TYR C 74 1.79 -21.91 54.00
C TYR C 74 1.32 -21.81 55.45
N ASP C 75 2.09 -21.13 56.30
CA ASP C 75 1.70 -20.96 57.70
C ASP C 75 0.40 -20.18 57.83
N ILE C 76 0.29 -19.07 57.08
CA ILE C 76 -0.91 -18.24 57.15
C ILE C 76 -2.13 -19.01 56.66
N LEU C 77 -1.97 -19.75 55.56
CA LEU C 77 -3.08 -20.55 55.04
C LEU C 77 -3.47 -21.64 56.03
N TYR C 78 -2.49 -22.26 56.69
CA TYR C 78 -2.80 -23.27 57.69
C TYR C 78 -3.64 -22.68 58.81
N ASP C 79 -3.22 -21.51 59.32
CA ASP C 79 -4.00 -20.87 60.39
C ASP C 79 -5.40 -20.51 59.91
N LEU C 80 -5.52 -19.94 58.71
CA LEU C 80 -6.82 -19.51 58.21
C LEU C 80 -7.76 -20.69 57.99
N PHE C 81 -7.24 -21.80 57.44
CA PHE C 81 -8.05 -22.99 57.27
C PHE C 81 -8.44 -23.61 58.60
N GLU C 82 -7.53 -23.55 59.60
CA GLU C 82 -7.86 -24.10 60.91
C GLU C 82 -8.97 -23.32 61.59
N GLU C 83 -8.91 -21.98 61.53
CA GLU C 83 -9.86 -21.18 62.29
C GLU C 83 -11.24 -21.09 61.64
N ASN C 84 -11.41 -21.63 60.42
CA ASN C 84 -12.71 -21.64 59.76
C ASN C 84 -13.11 -23.04 59.31
N ILE C 85 -12.51 -24.09 59.88
CA ILE C 85 -12.75 -25.44 59.40
C ILE C 85 -14.18 -25.89 59.70
N TYR C 86 -14.76 -25.40 60.81
CA TYR C 86 -16.15 -25.74 61.10
C TYR C 86 -17.10 -25.17 60.05
N GLU C 87 -16.86 -23.93 59.62
CA GLU C 87 -17.67 -23.35 58.55
C GLU C 87 -17.50 -24.11 57.25
N LEU C 88 -16.27 -24.55 56.95
CA LEU C 88 -16.04 -25.34 55.74
C LEU C 88 -16.78 -26.66 55.80
N LYS C 89 -16.78 -27.32 56.96
CA LYS C 89 -17.49 -28.58 57.11
C LYS C 89 -19.00 -28.38 56.99
N LYS C 90 -19.52 -27.29 57.56
CA LYS C 90 -20.97 -27.06 57.52
C LYS C 90 -21.43 -26.70 56.11
N LYS C 91 -20.74 -25.76 55.45
CA LYS C 91 -21.17 -25.27 54.15
C LYS C 91 -20.80 -26.21 53.00
N TYR C 92 -19.78 -27.05 53.19
CA TYR C 92 -19.29 -27.92 52.13
C TYR C 92 -19.23 -29.37 52.61
N ASP C 93 -18.59 -30.23 51.83
CA ASP C 93 -18.37 -31.62 52.21
C ASP C 93 -17.76 -31.69 53.61
N GLU C 94 -18.52 -32.28 54.54
CA GLU C 94 -18.05 -32.36 55.93
C GLU C 94 -16.88 -33.34 56.06
N ASN C 95 -16.94 -34.46 55.35
CA ASN C 95 -15.89 -35.47 55.45
C ASN C 95 -14.60 -34.98 54.79
N TYR C 96 -14.70 -34.39 53.61
CA TYR C 96 -13.50 -33.97 52.88
C TYR C 96 -12.86 -32.74 53.52
N TRP C 97 -13.67 -31.75 53.90
CA TRP C 97 -13.15 -30.50 54.45
C TRP C 97 -13.02 -30.64 55.96
N THR C 98 -11.91 -31.26 56.37
CA THR C 98 -11.57 -31.39 57.79
C THR C 98 -10.10 -31.06 57.96
N VAL C 99 -9.69 -30.92 59.23
CA VAL C 99 -8.31 -30.51 59.54
C VAL C 99 -7.31 -31.55 59.07
N ASP C 100 -7.67 -32.83 59.12
CA ASP C 100 -6.71 -33.91 58.86
C ASP C 100 -6.10 -33.80 57.47
N ASN C 101 -6.85 -33.28 56.50
CA ASN C 101 -6.36 -33.13 55.13
C ASN C 101 -5.79 -31.75 54.84
N ILE C 102 -5.88 -30.82 55.80
CA ILE C 102 -5.60 -29.41 55.51
C ILE C 102 -4.21 -29.25 54.91
N HIS C 103 -3.20 -29.86 55.54
CA HIS C 103 -1.84 -29.77 55.02
C HIS C 103 -1.79 -30.19 53.56
N ARG C 104 -2.31 -31.38 53.25
CA ARG C 104 -2.32 -31.85 51.87
C ARG C 104 -3.03 -30.85 50.96
N HIS C 105 -4.15 -30.30 51.44
CA HIS C 105 -4.89 -29.34 50.62
C HIS C 105 -4.01 -28.16 50.27
N ILE C 106 -3.24 -27.65 51.24
CA ILE C 106 -2.38 -26.51 50.98
C ILE C 106 -1.36 -26.87 49.89
N LEU C 107 -0.88 -28.11 49.90
CA LEU C 107 0.07 -28.53 48.89
C LEU C 107 -0.59 -28.79 47.54
N ASN C 108 -1.90 -29.06 47.52
CA ASN C 108 -2.54 -29.60 46.33
C ASN C 108 -3.17 -28.54 45.43
N TYR C 109 -3.83 -27.52 46.00
CA TYR C 109 -4.62 -26.59 45.20
C TYR C 109 -4.25 -25.13 45.36
N CYS C 110 -3.34 -24.76 46.26
CA CYS C 110 -3.14 -23.36 46.61
C CYS C 110 -1.77 -22.82 46.26
N ILE C 111 -0.71 -23.50 46.68
CA ILE C 111 0.64 -22.96 46.58
C ILE C 111 1.20 -23.22 45.18
N TYR C 112 1.76 -22.19 44.55
CA TYR C 112 2.46 -22.35 43.29
C TYR C 112 3.74 -21.54 43.34
N GLY C 113 4.85 -22.15 42.90
CA GLY C 113 6.12 -21.47 42.85
C GLY C 113 6.86 -21.83 41.58
N ALA C 114 7.81 -20.97 41.21
CA ALA C 114 8.63 -21.21 40.04
C ALA C 114 10.04 -20.71 40.30
N ASP C 115 11.02 -21.44 39.78
CA ASP C 115 12.41 -20.98 39.91
C ASP C 115 13.27 -21.63 38.83
N ILE C 116 14.45 -21.05 38.62
CA ILE C 116 15.37 -21.56 37.61
C ILE C 116 16.42 -22.50 38.21
N ASP C 117 16.68 -22.41 39.51
CA ASP C 117 17.67 -23.25 40.17
C ASP C 117 17.01 -24.54 40.64
N GLU C 118 17.50 -25.67 40.12
CA GLU C 118 16.95 -26.96 40.52
C GLU C 118 17.33 -27.32 41.95
N LYS C 119 18.52 -26.94 42.39
CA LYS C 119 18.93 -27.23 43.77
C LYS C 119 18.07 -26.48 44.77
N ALA C 120 17.78 -25.21 44.50
CA ALA C 120 16.93 -24.43 45.39
C ALA C 120 15.50 -24.97 45.38
N ILE C 121 14.99 -25.38 44.21
CA ILE C 121 13.64 -25.93 44.15
C ILE C 121 13.57 -27.25 44.91
N SER C 122 14.64 -28.05 44.85
CA SER C 122 14.67 -29.30 45.60
C SER C 122 14.71 -29.05 47.10
N ILE C 123 15.51 -28.07 47.54
CA ILE C 123 15.55 -27.78 48.97
C ILE C 123 14.21 -27.22 49.44
N LEU C 124 13.53 -26.42 48.59
CA LEU C 124 12.20 -25.94 48.96
C LEU C 124 11.19 -27.07 49.07
N LYS C 125 11.24 -28.03 48.13
CA LYS C 125 10.35 -29.18 48.20
C LYS C 125 10.61 -29.99 49.47
N ASP C 126 11.89 -30.19 49.81
CA ASP C 126 12.22 -30.92 51.03
C ASP C 126 11.73 -30.17 52.26
N SER C 127 11.89 -28.85 52.30
CA SER C 127 11.44 -28.07 53.44
C SER C 127 9.93 -28.12 53.59
N LEU C 128 9.20 -27.99 52.48
CA LEU C 128 7.74 -28.03 52.54
C LEU C 128 7.22 -29.43 52.84
N THR C 129 8.00 -30.47 52.53
CA THR C 129 7.60 -31.82 52.90
C THR C 129 7.52 -31.97 54.42
N ASN C 130 8.28 -31.16 55.16
CA ASN C 130 8.24 -31.18 56.62
C ASN C 130 7.38 -30.04 57.14
N ILE C 142 1.64 -35.22 48.14
CA ILE C 142 0.74 -34.75 47.11
C ILE C 142 1.52 -34.07 45.99
N LYS C 143 0.80 -33.44 45.07
CA LYS C 143 1.42 -32.70 43.96
C LYS C 143 1.72 -31.29 44.45
N ILE C 144 3.01 -31.01 44.69
CA ILE C 144 3.40 -29.72 45.25
C ILE C 144 3.10 -28.58 44.28
N ASN C 145 3.24 -28.84 42.98
CA ASN C 145 2.95 -27.87 41.93
C ASN C 145 3.91 -26.68 41.97
N LEU C 146 5.20 -26.97 42.10
CA LEU C 146 6.25 -25.99 41.87
C LEU C 146 7.05 -26.38 40.64
N PHE C 147 7.43 -25.38 39.85
CA PHE C 147 8.02 -25.58 38.54
C PHE C 147 9.45 -25.07 38.50
N CYS C 148 10.33 -25.87 37.92
CA CYS C 148 11.73 -25.51 37.69
C CYS C 148 11.89 -25.20 36.21
N CYS C 149 11.74 -23.93 35.86
CA CYS C 149 11.83 -23.49 34.48
C CYS C 149 12.05 -21.97 34.48
N ASP C 150 12.06 -21.39 33.28
CA ASP C 150 12.17 -19.94 33.12
C ASP C 150 10.79 -19.33 33.32
N SER C 151 10.64 -18.53 34.37
CA SER C 151 9.33 -17.99 34.72
C SER C 151 8.79 -17.07 33.64
N LEU C 152 9.66 -16.39 32.89
CA LEU C 152 9.23 -15.49 31.84
C LEU C 152 8.84 -16.21 30.56
N LYS C 153 9.13 -17.50 30.44
CA LYS C 153 8.80 -18.27 29.24
C LYS C 153 7.76 -19.36 29.49
N LYS C 154 7.42 -19.65 30.74
CA LYS C 154 6.46 -20.71 31.04
C LYS C 154 5.05 -20.24 30.72
N LYS C 155 4.36 -20.99 29.86
CA LYS C 155 2.99 -20.66 29.48
C LYS C 155 2.05 -21.13 30.59
N TRP C 156 1.47 -20.18 31.33
CA TRP C 156 0.58 -20.51 32.43
C TRP C 156 -0.82 -20.79 31.89
N ARG C 157 -1.39 -21.92 32.31
CA ARG C 157 -2.71 -22.35 31.87
C ARG C 157 -3.84 -21.79 32.74
N TYR C 158 -3.52 -21.10 33.83
CA TYR C 158 -4.53 -20.54 34.70
C TYR C 158 -3.94 -19.34 35.43
N LYS C 159 -4.80 -18.37 35.75
CA LYS C 159 -4.38 -17.17 36.46
C LYS C 159 -4.44 -17.41 37.97
N PHE C 160 -3.91 -16.44 38.72
CA PHE C 160 -3.72 -16.58 40.16
C PHE C 160 -4.40 -15.46 40.91
N ASP C 161 -4.93 -15.80 42.09
CA ASP C 161 -5.58 -14.79 42.92
C ASP C 161 -4.56 -13.85 43.57
N TYR C 162 -3.43 -14.40 44.02
CA TYR C 162 -2.41 -13.60 44.69
C TYR C 162 -1.03 -13.95 44.16
N ILE C 163 -0.18 -12.94 44.00
CA ILE C 163 1.18 -13.12 43.52
C ILE C 163 2.12 -12.37 44.46
N VAL C 164 3.14 -13.07 44.95
CA VAL C 164 4.15 -12.50 45.83
C VAL C 164 5.52 -12.88 45.31
N GLY C 165 6.56 -12.31 45.94
CA GLY C 165 7.91 -12.72 45.65
C GLY C 165 8.92 -11.60 45.50
N ASN C 166 10.16 -11.96 45.19
CA ASN C 166 11.26 -11.03 44.99
C ASN C 166 11.99 -11.42 43.72
N PRO C 167 11.69 -10.78 42.58
CA PRO C 167 12.29 -11.19 41.31
C PRO C 167 13.77 -10.85 41.26
N PRO C 168 14.53 -11.50 40.39
CA PRO C 168 15.95 -11.15 40.25
C PRO C 168 16.12 -9.78 39.60
N TYR C 169 17.22 -9.10 39.97
CA TYR C 169 17.58 -7.81 39.39
C TYR C 169 18.89 -8.03 38.61
N ILE C 170 18.82 -7.94 37.29
CA ILE C 170 19.99 -8.06 36.44
C ILE C 170 20.00 -6.89 35.47
N GLY C 171 21.08 -6.11 35.49
CA GLY C 171 21.20 -4.95 34.62
C GLY C 171 21.59 -5.32 33.21
N HIS C 172 21.84 -4.29 32.40
CA HIS C 172 22.16 -4.49 30.99
C HIS C 172 23.57 -5.01 30.79
N LYS C 173 24.49 -4.73 31.71
CA LYS C 173 25.87 -5.19 31.55
C LYS C 173 26.03 -6.66 31.88
N LYS C 174 25.26 -7.17 32.85
CA LYS C 174 25.43 -8.53 33.34
C LYS C 174 24.43 -9.51 32.74
N LEU C 175 23.66 -9.10 31.74
CA LEU C 175 22.72 -9.97 31.06
C LEU C 175 23.35 -10.52 29.78
N GLU C 176 22.91 -11.71 29.38
CA GLU C 176 23.40 -12.34 28.16
C GLU C 176 22.69 -11.75 26.95
N LYS C 177 23.39 -11.77 25.81
CA LYS C 177 22.86 -11.13 24.60
C LYS C 177 21.61 -11.84 24.08
N LYS C 178 21.61 -13.17 24.07
CA LYS C 178 20.45 -13.91 23.55
C LYS C 178 19.23 -13.68 24.43
N TYR C 179 19.43 -13.65 25.75
CA TYR C 179 18.32 -13.34 26.65
C TYR C 179 17.79 -11.95 26.41
N LYS C 180 18.68 -10.98 26.15
CA LYS C 180 18.24 -9.64 25.80
C LYS C 180 17.44 -9.64 24.51
N LYS C 181 17.86 -10.42 23.52
CA LYS C 181 17.10 -10.51 22.28
C LYS C 181 15.70 -11.06 22.53
N PHE C 182 15.60 -12.11 23.34
CA PHE C 182 14.29 -12.66 23.68
C PHE C 182 13.41 -11.64 24.40
N LEU C 183 13.99 -10.93 25.37
CA LEU C 183 13.22 -9.94 26.11
C LEU C 183 12.76 -8.79 25.22
N LEU C 184 13.64 -8.32 24.33
CA LEU C 184 13.24 -7.26 23.40
C LEU C 184 12.20 -7.74 22.41
N GLU C 185 12.22 -9.02 22.05
CA GLU C 185 11.25 -9.54 21.10
C GLU C 185 9.88 -9.70 21.74
N LYS C 186 9.83 -10.15 23.00
CA LYS C 186 8.56 -10.52 23.62
C LYS C 186 8.12 -9.62 24.76
N TYR C 187 8.99 -8.76 25.28
CA TYR C 187 8.66 -7.86 26.38
C TYR C 187 8.95 -6.41 26.02
N SER C 188 8.74 -6.05 24.75
CA SER C 188 9.04 -4.70 24.30
C SER C 188 8.14 -3.64 24.94
N GLU C 189 7.01 -4.05 25.51
CA GLU C 189 6.12 -3.09 26.14
C GLU C 189 6.77 -2.44 27.38
N VAL C 190 7.65 -3.15 28.05
CA VAL C 190 8.33 -2.61 29.23
C VAL C 190 9.85 -2.67 29.14
N TYR C 191 10.43 -3.52 28.29
CA TYR C 191 11.88 -3.68 28.22
C TYR C 191 12.42 -2.92 27.01
N LYS C 192 13.50 -2.19 27.21
CA LYS C 192 14.04 -1.29 26.19
C LYS C 192 15.52 -1.04 26.49
N ASP C 193 16.08 0.02 25.90
CA ASP C 193 17.51 0.28 25.81
C ASP C 193 18.30 -0.15 27.04
N LYS C 194 18.01 0.44 28.19
CA LYS C 194 18.77 0.17 29.41
C LYS C 194 17.88 -0.33 30.53
N ALA C 195 16.81 -1.05 30.17
CA ALA C 195 15.87 -1.57 31.15
C ALA C 195 16.51 -2.71 31.94
N ASP C 196 15.77 -3.20 32.93
CA ASP C 196 16.23 -4.26 33.82
C ASP C 196 15.23 -5.42 33.77
N LEU C 197 15.67 -6.58 34.27
CA LEU C 197 14.85 -7.78 34.21
C LEU C 197 13.58 -7.65 35.03
N TYR C 198 13.62 -6.93 36.15
CA TYR C 198 12.42 -6.83 36.97
C TYR C 198 11.33 -6.03 36.27
N PHE C 199 11.65 -5.28 35.21
CA PHE C 199 10.60 -4.71 34.37
C PHE C 199 9.77 -5.82 33.75
N CYS C 200 10.44 -6.79 33.11
CA CYS C 200 9.74 -7.90 32.50
C CYS C 200 9.04 -8.76 33.54
N PHE C 201 9.65 -8.89 34.72
CA PHE C 201 8.98 -9.64 35.80
C PHE C 201 7.71 -8.92 36.25
N TYR C 202 7.74 -7.59 36.34
CA TYR C 202 6.53 -6.83 36.62
C TYR C 202 5.47 -7.09 35.57
N LYS C 203 5.85 -7.05 34.29
CA LYS C 203 4.88 -7.28 33.23
C LYS C 203 4.28 -8.67 33.33
N LYS C 204 5.11 -9.69 33.56
CA LYS C 204 4.61 -11.05 33.68
C LYS C 204 3.70 -11.22 34.88
N ILE C 205 4.05 -10.61 36.01
CA ILE C 205 3.21 -10.69 37.20
C ILE C 205 1.85 -10.05 36.95
N ILE C 206 1.84 -8.87 36.32
CA ILE C 206 0.58 -8.18 36.05
C ILE C 206 -0.27 -8.96 35.06
N ASP C 207 0.35 -9.53 34.02
CA ASP C 207 -0.42 -10.18 32.97
C ASP C 207 -1.17 -11.41 33.49
N ILE C 208 -0.53 -12.20 34.35
CA ILE C 208 -1.12 -13.46 34.80
C ILE C 208 -1.89 -13.29 36.11
N LEU C 209 -2.19 -12.05 36.50
CA LEU C 209 -2.96 -11.78 37.71
C LEU C 209 -4.45 -11.82 37.37
N LYS C 210 -5.19 -12.68 38.05
CA LYS C 210 -6.61 -12.82 37.80
C LYS C 210 -7.35 -11.55 38.17
N GLN C 211 -8.45 -11.29 37.47
CA GLN C 211 -9.26 -10.10 37.72
C GLN C 211 -9.79 -10.14 39.14
N GLY C 212 -9.65 -9.02 39.85
CA GLY C 212 -9.95 -8.96 41.26
C GLY C 212 -8.85 -9.45 42.16
N GLY C 213 -7.70 -9.84 41.61
CA GLY C 213 -6.60 -10.31 42.41
C GLY C 213 -5.76 -9.19 43.00
N ILE C 214 -4.81 -9.58 43.84
CA ILE C 214 -3.94 -8.65 44.54
C ILE C 214 -2.50 -9.12 44.40
N GLY C 215 -1.59 -8.21 44.13
CA GLY C 215 -0.18 -8.53 44.03
C GLY C 215 0.65 -7.60 44.89
N SER C 216 1.71 -8.15 45.47
CA SER C 216 2.65 -7.40 46.28
C SER C 216 4.05 -7.92 46.03
N VAL C 217 4.99 -7.01 45.77
CA VAL C 217 6.34 -7.37 45.36
C VAL C 217 7.33 -6.36 45.95
N ILE C 218 8.58 -6.79 46.07
CA ILE C 218 9.68 -5.92 46.47
C ILE C 218 10.70 -5.90 45.34
N THR C 219 11.03 -4.70 44.86
CA THR C 219 11.90 -4.52 43.71
C THR C 219 12.85 -3.35 43.98
N PRO C 220 13.77 -3.03 43.07
CA PRO C 220 14.50 -1.76 43.21
C PRO C 220 13.57 -0.58 43.00
N ARG C 221 13.92 0.54 43.63
CA ARG C 221 13.12 1.76 43.55
C ARG C 221 13.50 2.66 42.39
N TYR C 222 14.48 2.25 41.58
CA TYR C 222 14.99 3.15 40.54
C TYR C 222 13.98 3.37 39.42
N PHE C 223 13.12 2.39 39.15
CA PHE C 223 12.14 2.53 38.07
C PHE C 223 11.11 3.60 38.35
N LEU C 224 10.98 4.06 39.60
CA LEU C 224 10.04 5.14 39.91
C LEU C 224 10.47 6.47 39.31
N GLU C 225 11.75 6.63 38.98
CA GLU C 225 12.25 7.88 38.43
C GLU C 225 13.13 7.71 37.21
N SER C 226 13.72 6.54 36.98
CA SER C 226 14.67 6.37 35.88
C SER C 226 13.98 6.54 34.53
N LEU C 227 14.74 7.02 33.55
CA LEU C 227 14.22 7.19 32.20
C LEU C 227 13.82 5.83 31.62
N SER C 228 14.67 4.82 31.79
CA SER C 228 14.39 3.50 31.24
C SER C 228 13.11 2.90 31.78
N GLY C 229 12.65 3.35 32.95
CA GLY C 229 11.43 2.84 33.52
C GLY C 229 10.16 3.47 33.01
N LYS C 230 10.26 4.53 32.20
CA LYS C 230 9.08 5.28 31.79
C LYS C 230 7.96 4.36 31.30
N ASP C 231 8.23 3.61 30.23
CA ASP C 231 7.22 2.69 29.69
C ASP C 231 6.66 1.80 30.78
N LEU C 232 7.55 1.19 31.58
CA LEU C 232 7.10 0.31 32.65
C LEU C 232 6.07 1.00 33.52
N ARG C 233 6.40 2.22 33.99
CA ARG C 233 5.47 2.95 34.83
C ARG C 233 4.11 3.06 34.15
N GLU C 234 4.11 3.50 32.89
CA GLU C 234 2.86 3.61 32.15
C GLU C 234 2.09 2.30 32.21
N TYR C 235 2.77 1.19 31.87
CA TYR C 235 2.10 -0.11 31.87
C TYR C 235 1.42 -0.35 33.21
N ILE C 236 2.16 -0.13 34.30
CA ILE C 236 1.59 -0.33 35.64
C ILE C 236 0.33 0.53 35.78
N LYS C 237 0.48 1.84 35.56
CA LYS C 237 -0.65 2.73 35.80
C LYS C 237 -1.78 2.48 34.81
N SER C 238 -1.54 1.72 33.74
CA SER C 238 -2.57 1.43 32.77
C SER C 238 -3.24 0.08 32.98
N ASN C 239 -2.69 -0.79 33.84
CA ASN C 239 -3.19 -2.15 33.92
C ASN C 239 -3.64 -2.58 35.32
N VAL C 240 -3.16 -1.93 36.38
CA VAL C 240 -3.56 -2.29 37.74
C VAL C 240 -3.84 -1.03 38.53
N ASN C 241 -4.63 -1.19 39.59
CA ASN C 241 -4.88 -0.11 40.55
C ASN C 241 -3.80 -0.18 41.62
N VAL C 242 -2.91 0.80 41.62
CA VAL C 242 -1.80 0.80 42.57
C VAL C 242 -2.33 1.19 43.94
N GLN C 243 -2.15 0.30 44.91
CA GLN C 243 -2.64 0.53 46.27
C GLN C 243 -1.60 1.21 47.15
N GLU C 244 -0.38 0.69 47.18
CA GLU C 244 0.59 1.15 48.17
C GLU C 244 2.00 1.11 47.59
N ILE C 245 2.78 2.15 47.90
CA ILE C 245 4.19 2.22 47.58
C ILE C 245 4.95 2.52 48.86
N VAL C 246 5.86 1.63 49.25
CA VAL C 246 6.74 1.83 50.39
C VAL C 246 8.14 2.05 49.85
N ASP C 247 8.65 3.27 50.01
CA ASP C 247 9.93 3.67 49.43
C ASP C 247 10.96 3.79 50.55
N PHE C 248 12.04 3.03 50.44
CA PHE C 248 13.12 3.08 51.43
C PHE C 248 14.20 4.11 51.09
N LEU C 249 14.14 4.71 49.89
CA LEU C 249 14.94 5.88 49.53
C LEU C 249 16.44 5.64 49.71
N GLY C 250 16.89 4.40 49.61
CA GLY C 250 18.31 4.09 49.71
C GLY C 250 18.77 3.46 51.01
N ALA C 251 17.86 3.07 51.89
CA ALA C 251 18.26 2.32 53.07
C ALA C 251 18.74 0.93 52.68
N ASN C 252 19.61 0.37 53.53
CA ASN C 252 20.22 -0.93 53.26
C ASN C 252 19.30 -2.01 53.81
N ILE C 253 18.41 -2.53 52.96
CA ILE C 253 17.51 -3.59 53.36
C ILE C 253 18.19 -4.94 53.28
N PHE C 254 18.97 -5.17 52.23
CA PHE C 254 19.71 -6.41 52.04
C PHE C 254 21.14 -6.21 52.51
N LYS C 255 21.59 -7.08 53.42
CA LYS C 255 22.92 -6.93 54.01
C LYS C 255 24.00 -7.15 52.98
N ASN C 256 24.99 -6.26 52.96
CA ASN C 256 26.15 -6.35 52.08
C ASN C 256 25.77 -6.35 50.61
N ILE C 257 24.61 -5.79 50.27
CA ILE C 257 24.14 -5.70 48.89
C ILE C 257 23.88 -4.25 48.56
N GLY C 258 24.47 -3.76 47.47
CA GLY C 258 24.31 -2.38 47.08
C GLY C 258 23.09 -2.12 46.22
N VAL C 259 21.91 -2.18 46.81
CA VAL C 259 20.66 -1.93 46.11
C VAL C 259 19.73 -1.16 47.02
N SER C 260 18.93 -0.26 46.42
CA SER C 260 17.91 0.48 47.13
C SER C 260 16.54 -0.10 46.76
N SER C 261 15.74 -0.39 47.78
CA SER C 261 14.56 -1.21 47.61
C SER C 261 13.28 -0.38 47.73
N CYS C 262 12.19 -0.97 47.22
CA CYS C 262 10.85 -0.44 47.38
C CYS C 262 9.87 -1.59 47.30
N ILE C 263 8.69 -1.37 47.87
CA ILE C 263 7.63 -2.37 47.94
C ILE C 263 6.40 -1.82 47.24
N LEU C 264 5.86 -2.59 46.30
CA LEU C 264 4.73 -2.17 45.49
C LEU C 264 3.57 -3.15 45.69
N THR C 265 2.39 -2.62 46.02
CA THR C 265 1.20 -3.42 46.20
C THR C 265 0.08 -2.85 45.33
N PHE C 266 -0.52 -3.71 44.51
CA PHE C 266 -1.52 -3.30 43.53
C PHE C 266 -2.59 -4.36 43.44
N ASP C 267 -3.66 -4.04 42.70
CA ASP C 267 -4.77 -4.97 42.53
C ASP C 267 -5.46 -4.69 41.20
N LYS C 268 -6.33 -5.62 40.80
CA LYS C 268 -7.15 -5.50 39.60
C LYS C 268 -8.62 -5.48 39.95
N LYS C 269 -8.98 -4.76 41.02
CA LYS C 269 -10.34 -4.72 41.50
C LYS C 269 -11.11 -3.57 40.85
N LYS C 270 -12.37 -3.41 41.25
CA LYS C 270 -13.21 -2.35 40.71
C LYS C 270 -12.62 -1.00 41.08
N THR C 271 -12.27 -0.22 40.07
CA THR C 271 -11.60 1.05 40.31
C THR C 271 -12.51 2.01 41.07
N LYS C 272 -11.94 2.67 42.07
CA LYS C 272 -12.66 3.69 42.81
C LYS C 272 -11.74 4.88 43.05
N GLU C 273 -12.27 5.90 43.71
CA GLU C 273 -11.51 7.10 44.04
C GLU C 273 -10.66 6.88 45.30
N THR C 274 -9.88 5.81 45.26
CA THR C 274 -8.99 5.42 46.36
C THR C 274 -7.56 5.76 45.95
N TYR C 275 -6.91 6.60 46.73
CA TYR C 275 -5.61 7.12 46.31
C TYR C 275 -4.49 6.16 46.69
N ILE C 276 -3.36 6.30 45.99
CA ILE C 276 -2.19 5.51 46.31
C ILE C 276 -1.59 6.03 47.60
N ASP C 277 -1.52 5.17 48.61
CA ASP C 277 -0.83 5.50 49.85
C ASP C 277 0.67 5.31 49.66
N VAL C 278 1.44 6.37 49.87
CA VAL C 278 2.88 6.37 49.64
C VAL C 278 3.59 6.64 50.95
N PHE C 279 4.52 5.75 51.30
CA PHE C 279 5.36 5.90 52.49
C PHE C 279 6.79 6.17 52.03
N LYS C 280 7.30 7.34 52.37
CA LYS C 280 8.68 7.72 52.13
C LYS C 280 9.44 7.71 53.45
N ILE C 281 10.60 7.04 53.47
CA ILE C 281 11.39 6.98 54.68
C ILE C 281 11.98 8.35 54.97
N LYS C 282 12.09 8.69 56.25
CA LYS C 282 12.69 9.96 56.65
C LYS C 282 14.19 9.83 56.93
N ASN C 283 14.59 8.76 57.61
CA ASN C 283 15.98 8.51 57.93
C ASN C 283 16.44 7.27 57.19
N GLU C 284 17.55 7.39 56.46
CA GLU C 284 18.08 6.29 55.67
C GLU C 284 19.09 5.44 56.44
N ASP C 285 19.32 5.75 57.72
CA ASP C 285 20.29 5.03 58.53
C ASP C 285 19.65 4.01 59.45
N ILE C 286 18.48 3.47 59.08
CA ILE C 286 17.79 2.52 59.92
C ILE C 286 18.24 1.10 59.57
N CYS C 287 18.04 0.18 60.51
CA CYS C 287 18.30 -1.23 60.31
C CYS C 287 17.01 -2.00 60.55
N ILE C 288 16.51 -2.67 59.49
CA ILE C 288 15.24 -3.36 59.59
C ILE C 288 15.31 -4.55 60.55
N ASN C 289 16.51 -5.11 60.78
CA ASN C 289 16.65 -6.23 61.69
C ASN C 289 16.42 -5.83 63.15
N LYS C 290 16.40 -4.54 63.45
CA LYS C 290 16.19 -4.06 64.82
C LYS C 290 14.72 -3.92 65.19
N PHE C 291 13.81 -4.12 64.24
CA PHE C 291 12.38 -3.96 64.48
C PHE C 291 11.67 -5.29 64.23
N GLU C 292 10.70 -5.60 65.08
CA GLU C 292 9.99 -6.87 65.01
C GLU C 292 8.89 -6.88 63.96
N THR C 293 8.55 -5.73 63.38
CA THR C 293 7.47 -5.66 62.39
C THR C 293 7.63 -4.39 61.58
N LEU C 294 7.22 -4.47 60.30
CA LEU C 294 7.29 -3.30 59.43
C LEU C 294 6.19 -2.29 59.72
N GLU C 295 5.02 -2.76 60.18
CA GLU C 295 3.93 -1.86 60.52
C GLU C 295 4.32 -0.89 61.63
N GLU C 296 5.28 -1.29 62.47
CA GLU C 296 5.82 -0.37 63.48
C GLU C 296 6.47 0.84 62.83
N LEU C 297 7.26 0.62 61.77
CA LEU C 297 7.97 1.72 61.13
C LEU C 297 7.02 2.62 60.34
N LEU C 298 6.12 2.02 59.57
CA LEU C 298 5.21 2.82 58.74
C LEU C 298 4.28 3.68 59.59
N LYS C 299 3.89 3.20 60.77
CA LYS C 299 3.02 3.94 61.67
C LYS C 299 3.79 4.72 62.73
N SER C 300 5.03 5.13 62.42
CA SER C 300 5.85 5.86 63.37
C SER C 300 6.36 7.16 62.77
N SER C 301 7.25 7.83 63.49
CA SER C 301 7.83 9.10 63.02
C SER C 301 8.89 8.89 61.96
N LYS C 302 9.33 7.65 61.72
CA LYS C 302 10.40 7.38 60.77
C LYS C 302 9.91 7.29 59.32
N PHE C 303 8.61 7.37 59.09
CA PHE C 303 8.04 7.33 57.75
C PHE C 303 7.01 8.43 57.58
N GLU C 304 7.07 9.10 56.43
CA GLU C 304 6.08 10.09 56.04
C GLU C 304 5.09 9.45 55.06
N HIS C 305 3.81 9.73 55.24
CA HIS C 305 2.76 9.15 54.42
C HIS C 305 1.99 10.23 53.70
N PHE C 306 1.65 9.98 52.43
CA PHE C 306 0.79 10.88 51.69
C PHE C 306 0.06 10.12 50.59
N ASN C 307 -1.03 10.72 50.11
CA ASN C 307 -1.88 10.13 49.10
C ASN C 307 -1.62 10.77 47.73
N ILE C 308 -1.56 9.93 46.71
CA ILE C 308 -1.34 10.38 45.33
C ILE C 308 -2.48 9.87 44.47
N ASN C 309 -3.09 10.76 43.70
CA ASN C 309 -4.18 10.38 42.81
C ASN C 309 -3.61 9.67 41.59
N GLN C 310 -3.99 8.41 41.42
CA GLN C 310 -3.42 7.60 40.34
C GLN C 310 -3.85 8.12 38.97
N ARG C 311 -5.10 8.57 38.84
CA ARG C 311 -5.59 9.04 37.55
C ARG C 311 -4.88 10.30 37.08
N LEU C 312 -4.18 11.00 37.98
CA LEU C 312 -3.51 12.25 37.64
C LEU C 312 -2.01 12.06 37.44
N LEU C 313 -1.55 10.83 37.28
CA LEU C 313 -0.13 10.56 37.08
C LEU C 313 0.29 10.91 35.66
N SER C 314 1.53 11.38 35.52
CA SER C 314 2.10 11.77 34.25
C SER C 314 3.04 10.68 33.75
N ASP C 315 3.83 11.00 32.71
CA ASP C 315 4.88 10.10 32.26
C ASP C 315 5.81 9.72 33.41
N GLU C 316 6.09 10.67 34.29
CA GLU C 316 6.90 10.46 35.47
C GLU C 316 6.05 10.63 36.71
N TRP C 317 6.27 9.78 37.71
CA TRP C 317 5.49 9.80 38.94
C TRP C 317 6.16 10.72 39.95
N ILE C 318 5.47 11.79 40.32
CA ILE C 318 5.99 12.76 41.28
C ILE C 318 5.33 12.44 42.62
N LEU C 319 6.00 11.62 43.42
CA LEU C 319 5.46 11.18 44.71
C LEU C 319 5.95 12.12 45.80
N VAL C 320 5.29 13.27 45.91
CA VAL C 320 5.63 14.29 46.88
C VAL C 320 4.36 14.76 47.59
N ASN C 321 4.55 15.42 48.73
CA ASN C 321 3.44 16.01 49.46
C ASN C 321 2.95 17.27 48.75
N LYS C 322 1.90 17.89 49.29
CA LYS C 322 1.30 19.04 48.64
C LYS C 322 2.24 20.23 48.60
N ASP C 323 2.99 20.47 49.67
CA ASP C 323 3.91 21.61 49.70
C ASP C 323 4.97 21.47 48.62
N ASP C 324 5.59 20.29 48.50
CA ASP C 324 6.60 20.08 47.48
C ASP C 324 6.02 20.17 46.08
N GLU C 325 4.79 19.65 45.89
CA GLU C 325 4.16 19.72 44.58
C GLU C 325 3.91 21.17 44.17
N THR C 326 3.39 21.98 45.10
CA THR C 326 3.16 23.39 44.80
C THR C 326 4.47 24.12 44.52
N PHE C 327 5.50 23.83 45.32
CA PHE C 327 6.81 24.42 45.11
C PHE C 327 7.34 24.11 43.71
N TYR C 328 7.27 22.82 43.33
CA TYR C 328 7.77 22.39 42.03
C TYR C 328 6.97 23.03 40.90
N ASN C 329 5.64 23.07 41.03
CA ASN C 329 4.82 23.65 39.96
C ASN C 329 5.07 25.14 39.80
N LYS C 330 5.20 25.86 40.92
CA LYS C 330 5.46 27.29 40.83
C LYS C 330 6.82 27.57 40.20
N ILE C 331 7.85 26.79 40.58
CA ILE C 331 9.15 26.96 39.94
C ILE C 331 9.07 26.64 38.46
N GLN C 332 8.34 25.57 38.10
CA GLN C 332 8.26 25.14 36.71
C GLN C 332 7.59 26.21 35.86
N GLU C 333 6.49 26.80 36.34
CA GLU C 333 5.80 27.81 35.55
C GLU C 333 6.49 29.17 35.60
N LYS C 334 7.26 29.46 36.65
CA LYS C 334 7.93 30.75 36.74
C LYS C 334 9.09 30.88 35.75
N CYS C 335 9.63 29.76 35.26
CA CYS C 335 10.78 29.78 34.37
C CYS C 335 10.33 29.47 32.95
N LYS C 336 10.71 30.33 32.01
CA LYS C 336 10.43 30.14 30.61
C LYS C 336 11.59 29.51 29.84
N TYR C 337 12.71 29.23 30.53
CA TYR C 337 13.90 28.70 29.91
C TYR C 337 14.24 27.34 30.50
N SER C 338 15.07 26.58 29.77
CA SER C 338 15.57 25.29 30.22
C SER C 338 17.07 25.22 29.95
N LEU C 339 17.77 24.46 30.80
CA LEU C 339 19.20 24.25 30.57
C LEU C 339 19.46 23.55 29.24
N GLU C 340 18.55 22.67 28.82
CA GLU C 340 18.69 22.01 27.53
C GLU C 340 18.58 23.01 26.38
N ASP C 341 17.87 24.12 26.59
CA ASP C 341 17.70 25.12 25.55
C ASP C 341 18.94 26.00 25.38
N ILE C 342 19.67 26.26 26.46
CA ILE C 342 20.76 27.24 26.44
C ILE C 342 22.14 26.62 26.49
N ALA C 343 22.25 25.31 26.68
CA ALA C 343 23.55 24.69 26.90
C ALA C 343 23.71 23.43 26.06
N ILE C 344 24.95 23.15 25.68
CA ILE C 344 25.36 21.90 25.07
C ILE C 344 26.00 21.06 26.16
N SER C 345 25.48 19.84 26.35
CA SER C 345 25.91 18.95 27.41
C SER C 345 26.62 17.73 26.84
N PHE C 346 27.55 17.17 27.60
CA PHE C 346 28.24 15.96 27.16
C PHE C 346 28.80 15.21 28.36
N GLN C 347 29.07 13.93 28.12
CA GLN C 347 29.68 13.01 29.06
C GLN C 347 31.20 13.01 28.88
N GLY C 348 31.90 12.61 29.92
CA GLY C 348 33.35 12.61 29.91
C GLY C 348 33.92 11.52 29.03
N ILE C 349 35.26 11.48 28.99
CA ILE C 349 35.97 10.48 28.20
C ILE C 349 35.73 9.10 28.78
N ILE C 350 35.51 8.12 27.90
CA ILE C 350 35.40 6.72 28.30
C ILE C 350 36.56 5.99 27.61
N THR C 351 37.63 5.72 28.38
CA THR C 351 38.81 5.12 27.80
C THR C 351 38.61 3.64 27.50
N GLY C 352 37.78 2.96 28.30
CA GLY C 352 37.63 1.53 28.22
C GLY C 352 38.54 0.75 29.15
N CYS C 353 39.68 1.34 29.50
CA CYS C 353 40.58 0.74 30.50
C CYS C 353 41.41 1.89 31.07
N ASP C 354 41.00 2.39 32.25
CA ASP C 354 41.64 3.58 32.80
C ASP C 354 43.09 3.33 33.20
N LYS C 355 43.43 2.09 33.60
CA LYS C 355 44.79 1.81 34.04
C LYS C 355 45.81 1.96 32.92
N ALA C 356 45.38 1.90 31.66
CA ALA C 356 46.28 2.03 30.53
C ALA C 356 46.45 3.46 30.04
N PHE C 357 45.63 4.40 30.51
CA PHE C 357 45.69 5.77 30.02
C PHE C 357 45.77 6.83 31.12
N ILE C 358 45.51 6.49 32.38
CA ILE C 358 45.49 7.44 33.48
C ILE C 358 46.68 7.17 34.38
N LEU C 359 47.46 8.22 34.67
CA LEU C 359 48.64 8.10 35.51
C LEU C 359 48.61 9.18 36.57
N SER C 360 49.41 8.98 37.62
CA SER C 360 49.54 9.97 38.68
C SER C 360 50.41 11.14 38.20
N LYS C 361 50.27 12.27 38.89
CA LYS C 361 51.05 13.46 38.53
C LYS C 361 52.54 13.21 38.73
N ASP C 362 52.92 12.51 39.79
CA ASP C 362 54.31 12.26 40.11
C ASP C 362 54.83 10.96 39.51
N ASP C 363 54.02 10.26 38.72
CA ASP C 363 54.47 9.02 38.10
C ASP C 363 55.63 9.29 37.14
N VAL C 364 56.67 8.47 37.24
CA VAL C 364 57.88 8.70 36.46
C VAL C 364 57.69 8.32 34.99
N LYS C 365 56.74 7.43 34.69
CA LYS C 365 56.51 7.03 33.30
C LYS C 365 56.02 8.20 32.44
N LEU C 366 55.55 9.29 33.06
CA LEU C 366 55.21 10.48 32.31
C LEU C 366 56.41 11.10 31.62
N ASN C 367 57.62 10.73 32.03
CA ASN C 367 58.82 11.17 31.31
C ASN C 367 58.84 10.62 29.88
N LEU C 368 58.13 9.52 29.62
CA LEU C 368 58.08 8.92 28.30
C LEU C 368 57.01 9.55 27.40
N VAL C 369 56.16 10.40 27.93
CA VAL C 369 55.03 10.97 27.21
C VAL C 369 55.27 12.44 26.96
N ASP C 370 55.17 12.86 25.71
CA ASP C 370 55.28 14.28 25.38
C ASP C 370 54.08 15.05 25.92
N ASP C 371 54.32 16.29 26.34
CA ASP C 371 53.30 17.06 27.04
C ASP C 371 52.11 17.40 26.16
N LYS C 372 52.24 17.32 24.84
CA LYS C 372 51.09 17.57 23.96
C LYS C 372 50.06 16.46 24.06
N PHE C 373 50.44 15.27 24.53
CA PHE C 373 49.52 14.16 24.68
C PHE C 373 48.84 14.12 26.04
N LEU C 374 49.33 14.89 27.02
CA LEU C 374 48.83 14.80 28.39
C LEU C 374 47.75 15.83 28.65
N LYS C 375 46.68 15.39 29.31
CA LYS C 375 45.58 16.25 29.69
C LYS C 375 45.33 16.13 31.18
N CYS C 376 44.82 17.21 31.79
CA CYS C 376 44.45 17.15 33.20
C CYS C 376 43.22 16.27 33.37
N TRP C 377 43.25 15.43 34.41
CA TRP C 377 42.21 14.43 34.65
C TRP C 377 41.68 14.61 36.06
N ILE C 378 40.37 14.81 36.19
CA ILE C 378 39.74 15.02 37.48
C ILE C 378 38.68 13.94 37.68
N LYS C 379 38.30 13.75 38.94
CA LYS C 379 37.29 12.78 39.34
C LYS C 379 36.16 13.50 40.08
N SER C 380 35.16 12.73 40.49
CA SER C 380 34.05 13.28 41.25
C SER C 380 34.48 13.80 42.61
N LYS C 381 35.65 13.38 43.10
CA LYS C 381 36.18 13.95 44.35
C LYS C 381 36.46 15.44 44.21
N ASN C 382 36.96 15.86 43.05
CA ASN C 382 37.53 17.18 42.89
C ASN C 382 36.50 18.25 42.54
N ILE C 383 35.23 17.89 42.39
CA ILE C 383 34.19 18.86 42.05
C ILE C 383 33.59 19.40 43.33
N ASN C 384 33.77 20.70 43.56
CA ASN C 384 33.18 21.39 44.70
C ASN C 384 31.97 22.18 44.23
N LYS C 385 31.40 22.98 45.14
CA LYS C 385 30.15 23.68 44.83
C LYS C 385 30.34 24.73 43.73
N TYR C 386 31.43 25.49 43.79
CA TYR C 386 31.69 26.53 42.81
C TYR C 386 32.95 26.34 41.99
N ILE C 387 33.97 25.67 42.54
CA ILE C 387 35.27 25.54 41.90
C ILE C 387 35.64 24.06 41.84
N VAL C 388 36.72 23.78 41.11
CA VAL C 388 37.24 22.43 40.96
C VAL C 388 38.63 22.38 41.58
N ASP C 389 38.90 21.31 42.32
CA ASP C 389 40.19 21.12 42.95
C ASP C 389 41.29 20.95 41.89
N LYS C 390 42.52 21.18 42.32
CA LYS C 390 43.66 21.01 41.42
C LYS C 390 43.77 19.56 40.95
N SER C 391 44.11 19.39 39.68
CA SER C 391 44.18 18.05 39.10
C SER C 391 45.31 17.24 39.72
N GLU C 392 45.03 15.96 39.98
CA GLU C 392 46.03 15.04 40.52
C GLU C 392 46.33 13.89 39.59
N TYR C 393 45.72 13.84 38.41
CA TYR C 393 45.93 12.76 37.46
C TYR C 393 46.13 13.32 36.06
N ARG C 394 46.82 12.55 35.22
CA ARG C 394 47.06 12.91 33.83
C ARG C 394 46.53 11.81 32.91
N LEU C 395 45.89 12.24 31.83
CA LEU C 395 45.31 11.36 30.83
C LEU C 395 46.17 11.39 29.57
N ILE C 396 46.47 10.22 29.03
CA ILE C 396 47.19 10.09 27.77
C ILE C 396 46.16 10.04 26.65
N TYR C 397 46.03 11.14 25.90
CA TYR C 397 45.09 11.20 24.79
C TYR C 397 45.73 10.51 23.59
N SER C 398 45.63 9.17 23.60
CA SER C 398 46.31 8.34 22.62
C SER C 398 45.77 8.50 21.20
N ASN C 399 44.61 9.14 21.02
CA ASN C 399 44.07 9.34 19.69
C ASN C 399 44.95 10.26 18.85
N ASP C 400 45.69 11.16 19.50
CA ASP C 400 46.56 12.08 18.78
C ASP C 400 47.82 11.40 18.23
N ILE C 401 48.08 10.17 18.62
CA ILE C 401 49.17 9.40 18.03
C ILE C 401 48.73 8.93 16.66
N ASP C 402 49.48 9.33 15.62
CA ASP C 402 49.06 9.06 14.25
C ASP C 402 48.95 7.57 13.99
N ASN C 403 49.98 6.80 14.34
CA ASN C 403 49.97 5.35 14.19
C ASN C 403 51.03 4.78 15.12
N GLU C 404 51.23 3.46 15.05
CA GLU C 404 52.12 2.81 16.02
C GLU C 404 53.59 3.18 15.79
N ASN C 405 53.95 3.55 14.57
CA ASN C 405 55.35 3.80 14.23
C ASN C 405 55.87 5.14 14.75
N THR C 406 54.98 6.12 14.99
CA THR C 406 55.43 7.46 15.35
C THR C 406 56.17 7.45 16.69
N ASN C 407 55.48 7.10 17.77
CA ASN C 407 56.05 7.06 19.12
C ASN C 407 55.66 5.73 19.74
N LYS C 408 56.50 4.70 19.50
CA LYS C 408 56.19 3.35 19.97
C LYS C 408 56.50 3.14 21.44
N ARG C 409 57.27 4.04 22.06
CA ARG C 409 57.65 3.85 23.47
C ARG C 409 56.42 3.91 24.38
N ILE C 410 55.52 4.87 24.12
CA ILE C 410 54.33 5.01 24.95
C ILE C 410 53.47 3.75 24.86
N LEU C 411 53.30 3.22 23.66
CA LEU C 411 52.52 2.00 23.48
C LEU C 411 53.20 0.81 24.15
N ASP C 412 54.53 0.71 24.03
CA ASP C 412 55.23 -0.47 24.51
C ASP C 412 55.37 -0.51 26.03
N GLU C 413 55.48 0.65 26.68
CA GLU C 413 55.78 0.68 28.10
C GLU C 413 54.61 1.06 28.99
N ILE C 414 53.56 1.68 28.45
CA ILE C 414 52.45 2.13 29.28
C ILE C 414 51.14 1.51 28.81
N ILE C 415 50.74 1.82 27.58
CA ILE C 415 49.43 1.39 27.08
C ILE C 415 49.41 -0.11 26.84
N GLY C 416 50.51 -0.67 26.30
CA GLY C 416 50.52 -2.07 25.92
C GLY C 416 50.44 -3.05 27.07
N LEU C 417 50.68 -2.58 28.30
CA LEU C 417 50.61 -3.48 29.45
C LEU C 417 49.21 -4.05 29.65
N TYR C 418 48.19 -3.43 29.05
CA TYR C 418 46.83 -3.97 29.05
C TYR C 418 46.33 -4.21 27.63
N LYS C 419 47.25 -4.41 26.68
CA LYS C 419 46.91 -4.49 25.27
C LYS C 419 45.82 -5.52 25.00
N THR C 420 45.99 -6.72 25.55
CA THR C 420 44.98 -7.77 25.37
C THR C 420 43.60 -7.28 25.80
N LYS C 421 43.52 -6.67 26.98
CA LYS C 421 42.24 -6.11 27.42
C LYS C 421 41.73 -5.07 26.43
N LEU C 422 42.62 -4.19 25.97
CA LEU C 422 42.24 -3.20 24.98
C LEU C 422 41.79 -3.85 23.68
N GLU C 423 42.28 -5.05 23.38
CA GLU C 423 41.87 -5.77 22.18
C GLU C 423 40.48 -6.38 22.30
N ASN C 424 39.94 -6.48 23.52
CA ASN C 424 38.63 -7.10 23.72
C ASN C 424 37.48 -6.10 23.70
N ARG C 425 37.77 -4.81 23.51
CA ARG C 425 36.71 -3.82 23.42
C ARG C 425 35.93 -4.01 22.13
N ARG C 426 34.65 -3.60 22.15
CA ARG C 426 33.76 -3.85 21.02
C ARG C 426 34.24 -3.17 19.75
N GLU C 427 34.68 -1.91 19.85
CA GLU C 427 35.11 -1.18 18.67
C GLU C 427 36.47 -1.64 18.17
N CYS C 428 37.24 -2.37 18.98
CA CYS C 428 38.52 -2.92 18.53
C CYS C 428 38.36 -4.27 17.86
N LYS C 429 37.38 -5.08 18.29
CA LYS C 429 37.11 -6.34 17.59
C LYS C 429 36.48 -6.11 16.23
N SER C 430 35.71 -5.04 16.07
CA SER C 430 35.09 -4.71 14.80
C SER C 430 36.04 -4.02 13.83
N GLY C 431 37.23 -3.61 14.30
CA GLY C 431 38.23 -3.04 13.42
C GLY C 431 38.09 -1.56 13.14
N ILE C 432 37.17 -0.86 13.80
CA ILE C 432 37.02 0.58 13.58
C ILE C 432 37.79 1.42 14.59
N ARG C 433 38.33 0.80 15.63
CA ARG C 433 39.11 1.52 16.64
C ARG C 433 40.42 0.76 16.86
N LYS C 434 41.53 1.49 16.82
CA LYS C 434 42.83 0.89 17.05
C LYS C 434 42.95 0.46 18.51
N TRP C 435 43.80 -0.55 18.75
CA TRP C 435 43.88 -1.15 20.07
C TRP C 435 44.40 -0.15 21.12
N TYR C 436 45.27 0.77 20.72
CA TYR C 436 45.86 1.71 21.66
C TYR C 436 45.03 2.98 21.83
N GLU C 437 43.99 3.17 21.02
CA GLU C 437 43.21 4.41 21.09
C GLU C 437 42.18 4.35 22.20
N LEU C 438 41.75 5.53 22.63
CA LEU C 438 40.66 5.63 23.59
C LEU C 438 39.37 5.09 22.97
N GLN C 439 38.58 4.36 23.77
CA GLN C 439 37.37 3.75 23.24
C GLN C 439 36.37 4.81 22.79
N TRP C 440 36.12 5.80 23.64
CA TRP C 440 35.24 6.92 23.30
C TRP C 440 35.97 8.22 23.64
N GLY C 441 36.78 8.69 22.70
CA GLY C 441 37.44 9.97 22.83
C GLY C 441 36.62 11.09 22.22
N ARG C 442 36.01 11.91 23.08
CA ARG C 442 35.13 12.97 22.60
C ARG C 442 35.94 14.06 21.90
N GLU C 443 35.24 15.10 21.45
CA GLU C 443 35.92 16.23 20.83
C GLU C 443 36.72 16.98 21.89
N LYS C 444 38.02 17.16 21.65
CA LYS C 444 38.86 17.88 22.59
C LYS C 444 38.43 19.32 22.75
N LEU C 445 37.90 19.93 21.69
CA LEU C 445 37.46 21.32 21.77
C LEU C 445 36.29 21.51 22.72
N PHE C 446 35.58 20.42 23.07
CA PHE C 446 34.53 20.53 24.07
C PHE C 446 35.10 20.64 25.47
N PHE C 447 36.19 19.92 25.76
CA PHE C 447 36.77 19.95 27.09
C PHE C 447 37.69 21.15 27.28
N GLU C 448 38.48 21.49 26.27
CA GLU C 448 39.48 22.56 26.38
C GLU C 448 38.82 23.91 26.12
N ARG C 449 37.98 24.32 27.07
CA ARG C 449 37.26 25.57 27.01
C ARG C 449 36.65 25.83 28.39
N LYS C 450 36.16 27.05 28.59
CA LYS C 450 35.43 27.36 29.81
C LYS C 450 34.09 26.65 29.79
N LYS C 451 33.77 25.95 30.88
CA LYS C 451 32.56 25.14 30.94
C LYS C 451 32.18 24.92 32.40
N ILE C 452 31.08 24.21 32.60
CA ILE C 452 30.58 23.87 33.93
C ILE C 452 30.58 22.36 34.05
N MET C 453 31.19 21.85 35.12
CA MET C 453 31.30 20.42 35.37
C MET C 453 30.61 20.08 36.69
N TYR C 454 30.05 18.87 36.73
CA TYR C 454 29.38 18.38 37.94
C TYR C 454 29.48 16.87 38.04
N PRO C 455 29.62 16.32 39.24
CA PRO C 455 29.74 14.87 39.38
C PRO C 455 28.44 14.16 39.04
N TYR C 456 28.57 12.92 38.58
CA TYR C 456 27.40 12.15 38.16
C TYR C 456 26.60 11.59 39.34
N LYS C 457 27.22 11.51 40.52
CA LYS C 457 26.56 11.01 41.71
C LYS C 457 27.09 11.80 42.92
N SER C 458 26.19 12.47 43.62
CA SER C 458 26.58 13.30 44.74
C SER C 458 25.39 13.45 45.68
N ASN C 459 25.67 13.93 46.90
CA ASN C 459 24.64 14.17 47.89
C ASN C 459 23.92 15.50 47.71
N GLU C 460 24.44 16.39 46.88
CA GLU C 460 23.86 17.71 46.69
C GLU C 460 24.30 18.26 45.34
N ASN C 461 23.82 19.46 45.02
CA ASN C 461 24.18 20.13 43.78
C ASN C 461 25.59 20.69 43.89
N ARG C 462 26.46 20.28 42.96
CA ARG C 462 27.83 20.77 42.88
C ARG C 462 28.13 21.09 41.42
N PHE C 463 27.81 22.31 41.00
CA PHE C 463 28.04 22.78 39.64
C PHE C 463 29.17 23.79 39.67
N ALA C 464 30.35 23.37 39.20
CA ALA C 464 31.55 24.19 39.29
C ALA C 464 31.97 24.68 37.91
N ILE C 465 32.67 25.81 37.89
CA ILE C 465 33.24 26.35 36.65
C ILE C 465 34.66 25.84 36.51
N ASP C 466 34.98 25.29 35.33
CA ASP C 466 36.31 24.78 35.04
C ASP C 466 37.07 25.81 34.21
N TYR C 467 38.23 26.23 34.72
CA TYR C 467 39.08 27.18 34.02
C TYR C 467 40.34 26.57 33.44
N ASP C 468 40.64 25.30 33.75
CA ASP C 468 41.93 24.70 33.45
C ASP C 468 41.86 23.61 32.39
N ASN C 469 40.79 23.58 31.60
CA ASN C 469 40.61 22.57 30.55
C ASN C 469 40.71 21.16 31.12
N ASN C 470 39.86 20.87 32.09
CA ASN C 470 39.89 19.59 32.79
C ASN C 470 39.14 18.53 32.00
N PHE C 471 39.81 17.40 31.78
CA PHE C 471 39.18 16.20 31.24
C PHE C 471 38.74 15.30 32.39
N SER C 472 37.75 14.45 32.11
CA SER C 472 37.20 13.60 33.15
C SER C 472 36.61 12.35 32.51
N SER C 473 36.37 11.35 33.36
CA SER C 473 35.69 10.13 32.94
C SER C 473 34.18 10.40 32.89
N ALA C 474 33.39 9.34 32.74
CA ALA C 474 31.95 9.51 32.73
C ALA C 474 31.39 9.83 34.12
N ASP C 475 32.21 9.77 35.17
CA ASP C 475 31.74 10.12 36.50
C ASP C 475 31.57 11.63 36.69
N VAL C 476 32.00 12.44 35.72
CA VAL C 476 31.78 13.88 35.75
C VAL C 476 31.22 14.31 34.40
N TYR C 477 30.07 15.00 34.43
CA TYR C 477 29.44 15.52 33.23
C TYR C 477 29.78 16.99 33.06
N SER C 478 29.73 17.47 31.82
CA SER C 478 30.08 18.85 31.53
C SER C 478 29.06 19.46 30.59
N PHE C 479 28.98 20.80 30.62
CA PHE C 479 28.17 21.51 29.65
C PHE C 479 28.70 22.93 29.48
N PHE C 480 28.36 23.55 28.36
CA PHE C 480 28.76 24.93 28.09
C PHE C 480 27.62 25.65 27.39
N ILE C 481 27.48 26.94 27.71
CA ILE C 481 26.41 27.74 27.14
C ILE C 481 26.60 27.87 25.63
N LYS C 482 25.50 27.76 24.89
CA LYS C 482 25.55 27.93 23.44
C LYS C 482 25.98 29.34 23.08
N GLU C 483 26.61 29.47 21.91
CA GLU C 483 27.13 30.77 21.49
C GLU C 483 26.02 31.81 21.34
N GLU C 484 24.80 31.37 21.00
CA GLU C 484 23.69 32.30 20.83
C GLU C 484 23.14 32.81 22.17
N TYR C 485 23.35 32.07 23.25
CA TYR C 485 22.85 32.44 24.57
C TYR C 485 23.93 32.99 25.49
N LEU C 486 25.12 33.29 24.96
CA LEU C 486 26.21 33.72 25.83
C LEU C 486 25.95 35.11 26.43
N ASP C 487 25.24 35.97 25.69
CA ASP C 487 24.94 37.30 26.22
C ASP C 487 23.81 37.26 27.24
N LYS C 488 22.86 36.32 27.10
CA LYS C 488 21.73 36.27 28.03
C LYS C 488 22.10 35.65 29.36
N PHE C 489 22.91 34.59 29.35
CA PHE C 489 23.26 33.86 30.55
C PHE C 489 24.78 33.79 30.72
N SER C 490 25.22 33.94 31.96
CA SER C 490 26.63 33.86 32.33
C SER C 490 26.91 32.57 33.08
N TYR C 491 28.16 32.11 33.00
CA TYR C 491 28.55 30.93 33.75
C TYR C 491 28.47 31.17 35.25
N GLU C 492 28.90 32.36 35.70
CA GLU C 492 28.84 32.68 37.12
C GLU C 492 27.42 32.71 37.63
N TYR C 493 26.50 33.31 36.86
CA TYR C 493 25.09 33.33 37.26
C TYR C 493 24.52 31.92 37.31
N LEU C 494 24.88 31.09 36.33
CA LEU C 494 24.38 29.71 36.30
C LEU C 494 24.84 28.94 37.53
N VAL C 495 26.13 29.00 37.85
CA VAL C 495 26.61 28.24 39.00
C VAL C 495 26.11 28.86 40.30
N GLY C 496 25.83 30.16 40.32
CA GLY C 496 25.25 30.77 41.49
C GLY C 496 23.84 30.28 41.76
N ILE C 497 23.02 30.17 40.72
CA ILE C 497 21.64 29.74 40.94
C ILE C 497 21.54 28.22 41.08
N LEU C 498 22.44 27.47 40.45
CA LEU C 498 22.34 26.01 40.51
C LEU C 498 22.79 25.46 41.86
N ASN C 499 23.66 26.19 42.57
CA ASN C 499 24.15 25.75 43.87
C ASN C 499 23.31 26.27 45.03
N SER C 500 22.23 26.99 44.73
CA SER C 500 21.40 27.53 45.80
C SER C 500 20.60 26.44 46.48
N SER C 501 20.14 26.74 47.70
CA SER C 501 19.26 25.80 48.41
C SER C 501 17.96 25.59 47.66
N VAL C 502 17.42 26.66 47.05
CA VAL C 502 16.18 26.57 46.30
C VAL C 502 16.32 25.55 45.17
N TYR C 503 17.39 25.66 44.39
CA TYR C 503 17.55 24.74 43.26
C TYR C 503 17.99 23.36 43.71
N ASP C 504 18.68 23.24 44.85
CA ASP C 504 18.95 21.92 45.41
C ASP C 504 17.66 21.18 45.73
N LYS C 505 16.76 21.86 46.45
CA LYS C 505 15.45 21.26 46.75
C LYS C 505 14.67 21.00 45.47
N TYR C 506 14.74 21.92 44.51
CA TYR C 506 14.00 21.78 43.26
C TYR C 506 14.45 20.57 42.47
N PHE C 507 15.77 20.34 42.39
CA PHE C 507 16.27 19.18 41.64
C PHE C 507 16.01 17.88 42.40
N LYS C 508 16.16 17.90 43.72
CA LYS C 508 16.01 16.66 44.47
C LYS C 508 14.58 16.15 44.52
N ILE C 509 13.60 16.92 44.07
CA ILE C 509 12.22 16.44 44.03
C ILE C 509 12.08 15.30 43.03
N THR C 510 12.65 15.47 41.83
CA THR C 510 12.53 14.49 40.76
C THR C 510 13.82 13.71 40.53
N ALA C 511 14.83 13.88 41.39
CA ALA C 511 16.10 13.22 41.18
C ALA C 511 15.98 11.71 41.43
N LYS C 512 16.92 10.97 40.85
CA LYS C 512 16.95 9.51 40.93
C LYS C 512 17.82 9.09 42.11
N LYS C 513 17.19 8.65 43.19
CA LYS C 513 17.93 8.22 44.38
C LYS C 513 18.59 6.88 44.11
N MET C 514 19.92 6.85 44.19
CA MET C 514 20.67 5.62 43.91
C MET C 514 20.96 4.83 45.18
N SER C 515 21.67 5.44 46.13
CA SER C 515 22.03 4.80 47.39
C SER C 515 21.89 5.82 48.51
N LYS C 516 22.42 5.50 49.67
CA LYS C 516 22.36 6.41 50.81
C LYS C 516 23.16 7.67 50.52
N ASN C 517 22.52 8.83 50.67
CA ASN C 517 23.15 10.13 50.47
C ASN C 517 23.73 10.29 49.07
N ILE C 518 23.13 9.63 48.08
CA ILE C 518 23.60 9.70 46.70
C ILE C 518 22.40 9.91 45.79
N TYR C 519 22.46 10.96 44.98
CA TYR C 519 21.49 11.21 43.93
C TYR C 519 22.18 11.13 42.57
N ASP C 520 21.45 10.66 41.57
CA ASP C 520 21.97 10.61 40.21
C ASP C 520 21.92 12.00 39.60
N TYR C 521 23.08 12.49 39.14
CA TYR C 521 23.18 13.76 38.45
C TYR C 521 23.61 13.46 37.01
N TYR C 522 22.63 13.17 36.17
CA TYR C 522 22.81 12.81 34.78
C TYR C 522 22.11 13.83 33.88
N PRO C 523 22.57 13.98 32.63
CA PRO C 523 21.96 14.99 31.75
C PRO C 523 20.46 14.83 31.57
N ASN C 524 19.96 13.58 31.56
CA ASN C 524 18.53 13.36 31.35
C ASN C 524 17.67 14.01 32.43
N LYS C 525 18.26 14.34 33.58
CA LYS C 525 17.58 15.10 34.62
C LYS C 525 18.13 16.51 34.78
N VAL C 526 19.45 16.67 34.67
CA VAL C 526 20.07 17.98 34.91
C VAL C 526 19.71 18.96 33.81
N MET C 527 19.69 18.51 32.55
CA MET C 527 19.40 19.39 31.44
C MET C 527 17.93 19.81 31.38
N LYS C 528 17.06 19.17 32.16
CA LYS C 528 15.66 19.56 32.24
C LYS C 528 15.40 20.58 33.34
N ILE C 529 16.43 20.99 34.07
CA ILE C 529 16.28 22.05 35.06
C ILE C 529 15.94 23.35 34.35
N ARG C 530 14.95 24.07 34.87
CA ARG C 530 14.46 25.28 34.23
C ARG C 530 15.11 26.51 34.85
N ILE C 531 15.53 27.44 33.99
CA ILE C 531 16.26 28.63 34.39
C ILE C 531 15.38 29.85 34.14
N PHE C 532 15.58 30.88 34.95
CA PHE C 532 14.83 32.13 34.85
C PHE C 532 15.78 33.29 34.63
N ARG C 533 15.28 34.34 33.98
CA ARG C 533 16.01 35.59 33.81
C ARG C 533 15.16 36.71 34.38
N ASP C 534 15.73 37.47 35.32
CA ASP C 534 14.96 38.40 36.13
C ASP C 534 15.79 39.65 36.40
N ASN C 535 15.15 40.64 37.02
CA ASN C 535 15.82 41.87 37.41
C ASN C 535 16.87 41.66 38.50
N ASN C 536 16.85 40.51 39.17
CA ASN C 536 17.84 40.18 40.19
C ASN C 536 19.07 39.50 39.60
N TYR C 537 19.18 39.43 38.27
CA TYR C 537 20.27 38.73 37.62
C TYR C 537 21.62 39.33 38.00
N GLU C 538 21.72 40.67 38.00
CA GLU C 538 23.01 41.32 38.20
C GLU C 538 23.56 41.05 39.59
N GLU C 539 22.72 41.21 40.62
CA GLU C 539 23.21 41.00 41.98
C GLU C 539 23.49 39.53 42.25
N ILE C 540 22.72 38.62 41.66
CA ILE C 540 23.01 37.19 41.80
C ILE C 540 24.37 36.87 41.19
N GLU C 541 24.65 37.42 40.01
CA GLU C 541 25.95 37.21 39.38
C GLU C 541 27.06 37.80 40.22
N ASN C 542 26.84 38.98 40.79
CA ASN C 542 27.85 39.61 41.64
C ASN C 542 28.14 38.75 42.88
N LEU C 543 27.09 38.24 43.51
CA LEU C 543 27.27 37.39 44.68
C LEU C 543 28.01 36.11 44.33
N SER C 544 27.66 35.50 43.19
CA SER C 544 28.37 34.30 42.75
C SER C 544 29.84 34.59 42.49
N LYS C 545 30.13 35.74 41.87
CA LYS C 545 31.51 36.11 41.61
C LYS C 545 32.28 36.34 42.90
N GLN C 546 31.64 36.97 43.89
CA GLN C 546 32.29 37.16 45.19
C GLN C 546 32.57 35.82 45.87
N ILE C 547 31.62 34.89 45.79
CA ILE C 547 31.83 33.56 46.37
C ILE C 547 33.00 32.86 45.69
N ILE C 548 33.06 32.95 44.36
CA ILE C 548 34.17 32.35 43.63
C ILE C 548 35.50 32.98 44.04
N SER C 549 35.51 34.32 44.17
CA SER C 549 36.73 35.01 44.56
C SER C 549 37.20 34.57 45.94
N ILE C 550 36.28 34.45 46.89
CA ILE C 550 36.65 34.02 48.24
C ILE C 550 37.16 32.58 48.22
N LEU C 551 36.46 31.69 47.50
CA LEU C 551 36.85 30.29 47.47
C LEU C 551 38.20 30.08 46.80
N LEU C 552 38.63 30.98 45.92
CA LEU C 552 39.91 30.87 45.25
C LEU C 552 41.04 31.55 46.01
N ASN C 553 40.74 32.23 47.11
CA ASN C 553 41.76 32.94 47.89
C ASN C 553 42.38 32.00 48.91
N LYS C 554 43.38 32.52 49.64
CA LYS C 554 44.06 31.71 50.65
C LYS C 554 43.25 31.66 51.95
N SER C 555 42.76 32.80 52.42
CA SER C 555 42.00 32.88 53.65
C SER C 555 40.53 32.61 53.35
N ILE C 556 40.05 31.45 53.74
CA ILE C 556 38.66 31.05 53.51
C ILE C 556 37.84 31.48 54.73
N ASP C 557 36.99 32.49 54.55
CA ASP C 557 36.08 32.96 55.60
C ASP C 557 34.71 32.38 55.27
N LYS C 558 34.41 31.22 55.88
CA LYS C 558 33.17 30.51 55.56
C LYS C 558 31.93 31.31 55.93
N GLY C 559 32.04 32.18 56.94
CA GLY C 559 30.89 32.98 57.32
C GLY C 559 30.46 33.97 56.24
N LYS C 560 31.43 34.64 55.62
CA LYS C 560 31.11 35.56 54.52
C LYS C 560 30.51 34.81 53.35
N VAL C 561 31.06 33.63 53.02
CA VAL C 561 30.51 32.83 51.93
C VAL C 561 29.07 32.43 52.24
N GLU C 562 28.82 32.01 53.49
CA GLU C 562 27.47 31.62 53.88
C GLU C 562 26.50 32.78 53.79
N LYS C 563 26.91 33.97 54.23
CA LYS C 563 26.02 35.13 54.16
C LYS C 563 25.74 35.53 52.72
N LEU C 564 26.76 35.50 51.85
CA LEU C 564 26.52 35.77 50.43
C LEU C 564 25.58 34.74 49.83
N GLN C 565 25.75 33.46 50.20
CA GLN C 565 24.86 32.42 49.71
C GLN C 565 23.43 32.65 50.16
N ILE C 566 23.25 33.06 51.43
CA ILE C 566 21.91 33.32 51.95
C ILE C 566 21.28 34.50 51.22
N LYS C 567 22.06 35.55 50.96
CA LYS C 567 21.53 36.69 50.21
C LYS C 567 21.09 36.28 48.81
N MET C 568 21.92 35.46 48.13
CA MET C 568 21.55 34.98 46.81
C MET C 568 20.30 34.10 46.85
N ASP C 569 20.19 33.25 47.87
CA ASP C 569 19.02 32.40 48.01
C ASP C 569 17.76 33.24 48.22
N ASN C 570 17.86 34.31 49.03
CA ASN C 570 16.73 35.20 49.21
C ASN C 570 16.35 35.89 47.91
N LEU C 571 17.34 36.31 47.13
CA LEU C 571 17.04 36.92 45.84
C LEU C 571 16.35 35.93 44.91
N ILE C 572 16.81 34.68 44.89
CA ILE C 572 16.19 33.67 44.03
C ILE C 572 14.76 33.39 44.48
N MET C 573 14.53 33.30 45.79
CA MET C 573 13.18 33.08 46.30
C MET C 573 12.26 34.24 45.93
N ASP C 574 12.77 35.47 46.02
CA ASP C 574 11.98 36.62 45.59
C ASP C 574 11.66 36.55 44.10
N SER C 575 12.63 36.15 43.29
CA SER C 575 12.42 36.07 41.85
C SER C 575 11.38 35.01 41.50
N LEU C 576 11.43 33.86 42.16
CA LEU C 576 10.51 32.76 41.87
C LEU C 576 9.24 32.83 42.70
N GLY C 577 9.09 33.83 43.56
CA GLY C 577 7.90 33.94 44.39
C GLY C 577 7.73 32.80 45.36
N ILE C 578 8.81 32.36 45.98
CA ILE C 578 8.76 31.25 46.93
C ILE C 578 8.89 31.78 48.35
#